data_3RS0
# 
_entry.id   3RS0 
# 
_audit_conform.dict_name       mmcif_pdbx.dic 
_audit_conform.dict_version    5.387 
_audit_conform.dict_location   http://mmcif.pdb.org/dictionaries/ascii/mmcif_pdbx.dic 
# 
loop_
_database_2.database_id 
_database_2.database_code 
_database_2.pdbx_database_accession 
_database_2.pdbx_DOI 
PDB   3RS0         pdb_00003rs0 10.2210/pdb3rs0/pdb 
RCSB  RCSB065307   ?            ?                   
WWPDB D_1000065307 ?            ?                   
# 
loop_
_pdbx_audit_revision_history.ordinal 
_pdbx_audit_revision_history.data_content_type 
_pdbx_audit_revision_history.major_revision 
_pdbx_audit_revision_history.minor_revision 
_pdbx_audit_revision_history.revision_date 
1 'Structure model' 1 0 2011-09-21 
2 'Structure model' 1 1 2011-10-12 
3 'Structure model' 1 2 2011-11-09 
4 'Structure model' 1 3 2024-02-28 
# 
_pdbx_audit_revision_details.ordinal             1 
_pdbx_audit_revision_details.revision_ordinal    1 
_pdbx_audit_revision_details.data_content_type   'Structure model' 
_pdbx_audit_revision_details.provider            repository 
_pdbx_audit_revision_details.type                'Initial release' 
_pdbx_audit_revision_details.description         ? 
_pdbx_audit_revision_details.details             ? 
# 
loop_
_pdbx_audit_revision_group.ordinal 
_pdbx_audit_revision_group.revision_ordinal 
_pdbx_audit_revision_group.data_content_type 
_pdbx_audit_revision_group.group 
1 2 'Structure model' 'Database references'  
2 3 'Structure model' 'Database references'  
3 4 'Structure model' 'Data collection'      
4 4 'Structure model' 'Database references'  
5 4 'Structure model' 'Derived calculations' 
# 
loop_
_pdbx_audit_revision_category.ordinal 
_pdbx_audit_revision_category.revision_ordinal 
_pdbx_audit_revision_category.data_content_type 
_pdbx_audit_revision_category.category 
1 4 'Structure model' chem_comp_atom         
2 4 'Structure model' chem_comp_bond         
3 4 'Structure model' database_2             
4 4 'Structure model' pdbx_struct_conn_angle 
5 4 'Structure model' struct_conn            
6 4 'Structure model' struct_site            
# 
loop_
_pdbx_audit_revision_item.ordinal 
_pdbx_audit_revision_item.revision_ordinal 
_pdbx_audit_revision_item.data_content_type 
_pdbx_audit_revision_item.item 
1  4 'Structure model' '_database_2.pdbx_DOI'                        
2  4 'Structure model' '_database_2.pdbx_database_accession'         
3  4 'Structure model' '_pdbx_struct_conn_angle.ptnr1_auth_comp_id'  
4  4 'Structure model' '_pdbx_struct_conn_angle.ptnr1_auth_seq_id'   
5  4 'Structure model' '_pdbx_struct_conn_angle.ptnr1_label_asym_id' 
6  4 'Structure model' '_pdbx_struct_conn_angle.ptnr1_label_atom_id' 
7  4 'Structure model' '_pdbx_struct_conn_angle.ptnr1_label_comp_id' 
8  4 'Structure model' '_pdbx_struct_conn_angle.ptnr1_label_seq_id'  
9  4 'Structure model' '_pdbx_struct_conn_angle.ptnr2_auth_seq_id'   
10 4 'Structure model' '_pdbx_struct_conn_angle.ptnr2_label_asym_id' 
11 4 'Structure model' '_pdbx_struct_conn_angle.ptnr3_auth_comp_id'  
12 4 'Structure model' '_pdbx_struct_conn_angle.ptnr3_auth_seq_id'   
13 4 'Structure model' '_pdbx_struct_conn_angle.ptnr3_label_asym_id' 
14 4 'Structure model' '_pdbx_struct_conn_angle.ptnr3_label_atom_id' 
15 4 'Structure model' '_pdbx_struct_conn_angle.ptnr3_label_comp_id' 
16 4 'Structure model' '_pdbx_struct_conn_angle.ptnr3_label_seq_id'  
17 4 'Structure model' '_pdbx_struct_conn_angle.value'               
18 4 'Structure model' '_struct_conn.pdbx_dist_value'                
19 4 'Structure model' '_struct_conn.ptnr1_auth_comp_id'             
20 4 'Structure model' '_struct_conn.ptnr1_auth_seq_id'              
21 4 'Structure model' '_struct_conn.ptnr1_label_asym_id'            
22 4 'Structure model' '_struct_conn.ptnr1_label_atom_id'            
23 4 'Structure model' '_struct_conn.ptnr1_label_comp_id'            
24 4 'Structure model' '_struct_conn.ptnr1_label_seq_id'             
25 4 'Structure model' '_struct_conn.ptnr2_auth_comp_id'             
26 4 'Structure model' '_struct_conn.ptnr2_auth_seq_id'              
27 4 'Structure model' '_struct_conn.ptnr2_label_asym_id'            
28 4 'Structure model' '_struct_conn.ptnr2_label_atom_id'            
29 4 'Structure model' '_struct_conn.ptnr2_label_comp_id'            
30 4 'Structure model' '_struct_site.pdbx_auth_asym_id'              
31 4 'Structure model' '_struct_site.pdbx_auth_comp_id'              
32 4 'Structure model' '_struct_site.pdbx_auth_seq_id'               
# 
_pdbx_database_status.entry_id                        3RS0 
_pdbx_database_status.status_code                     REL 
_pdbx_database_status.deposit_site                    RCSB 
_pdbx_database_status.process_site                    RCSB 
_pdbx_database_status.recvd_initial_deposition_date   2011-05-02 
_pdbx_database_status.status_code_sf                  REL 
_pdbx_database_status.status_code_mr                  ? 
_pdbx_database_status.SG_entry                        ? 
_pdbx_database_status.status_code_cs                  ? 
_pdbx_database_status.pdb_format_compatible           Y 
_pdbx_database_status.status_code_nmr_data            ? 
_pdbx_database_status.methods_development_category    ? 
# 
loop_
_pdbx_database_related.db_name 
_pdbx_database_related.db_id 
_pdbx_database_related.details 
_pdbx_database_related.content_type 
PDB 3RRY 'H-Ras crosslinked and soaked in aqueous solution: 1 of 10 in MSCS set' unspecified 
PDB 3RRZ 'H-Ras soaked in 70% glycerol: 1 of 10 in MSCS set'                     unspecified 
PDB 3RS2 'H-Ras soaked in 50% trifluoroethanol: 1 of 10 in MSCS set'             unspecified 
PDB 3RS3 'H-Ras soaked in neat hexane: 1 of 10 in MSCS set'                      unspecified 
PDB 3RS4 'H-Ras soaked in 60% 1,6-hexanediol: 1 of 10 in MSCS set'               unspecified 
PDB 3RS5 'H-Ras soaked in 55% dimethylformamide: 1 of 10 in MSCS set'            unspecified 
PDB 3RS7 'H-Ras soaked in 50% isopropanol: 1 of 10 in MSCS set'                  unspecified 
PDB 3RSL 'H-Ras soaked in 90% R,S,R-bisfuranol: 1 of 10 in MSCS set'             unspecified 
PDB 3RSO 'H-Ras soaked in 20% S,R,S-bisfuranol: 1 of 10 in MSCS set'             unspecified 
# 
loop_
_audit_author.name 
_audit_author.pdbx_ordinal 
'Mattos, C.'  1 
'Buhrman, G.' 2 
'Kearney, B.' 3 
# 
_citation.id                        primary 
_citation.title                     'Analysis of Binding Site Hot Spots on the Surface of Ras GTPase.' 
_citation.journal_abbrev            J.Mol.Biol. 
_citation.journal_volume            413 
_citation.page_first                773 
_citation.page_last                 789 
_citation.year                      2011 
_citation.journal_id_ASTM           JMOBAK 
_citation.country                   UK 
_citation.journal_id_ISSN           0022-2836 
_citation.journal_id_CSD            0070 
_citation.book_publisher            ? 
_citation.pdbx_database_id_PubMed   21945529 
_citation.pdbx_database_id_DOI      10.1016/j.jmb.2011.09.011 
# 
loop_
_citation_author.citation_id 
_citation_author.name 
_citation_author.ordinal 
_citation_author.identifier_ORCID 
primary 'Buhrman, G.'     1  ? 
primary 'O Connor, C.'    2  ? 
primary 'Zerbe, B.'       3  ? 
primary 'Kearney, B.M.'   4  ? 
primary 'Napoleon, R.'    5  ? 
primary 'Kovrigina, E.A.' 6  ? 
primary 'Vajda, S.'       7  ? 
primary 'Kozakov, D.'     8  ? 
primary 'Kovrigin, E.L.'  9  ? 
primary 'Mattos, C.'      10 ? 
# 
loop_
_entity.id 
_entity.type 
_entity.src_method 
_entity.pdbx_description 
_entity.formula_weight 
_entity.pdbx_number_of_molecules 
_entity.pdbx_ec 
_entity.pdbx_mutation 
_entity.pdbx_fragment 
_entity.details 
1 polymer     man 'GTPase HRas'                                 18875.191 1   ? ? ? ? 
2 non-polymer syn 'PHOSPHOAMINOPHOSPHONIC ACID-GUANYLATE ESTER' 522.196   1   ? ? ? ? 
3 non-polymer syn cyclopentanol                                 86.132    2   ? ? ? ? 
4 non-polymer syn 'CALCIUM ION'                                 40.078    2   ? ? ? ? 
5 non-polymer syn 'MAGNESIUM ION'                               24.305    2   ? ? ? ? 
6 water       nat water                                         18.015    147 ? ? ? ? 
# 
_entity_name_com.entity_id   1 
_entity_name_com.name        'H-Ras-1, Ha-Ras, Transforming protein p21, c-H-ras, p21ras, GTPase HRas, N-terminally processed' 
# 
_entity_poly.entity_id                      1 
_entity_poly.type                           'polypeptide(L)' 
_entity_poly.nstd_linkage                   no 
_entity_poly.nstd_monomer                   no 
_entity_poly.pdbx_seq_one_letter_code       
;MTEYKLVVVGAGGVGKSALTIQLIQNHFVDEYDPTIEDSYRKQVVIDGETCLLDILDTAGQEEYSAMRDQYMRTGEGFLC
VFAINNTKSFEDIHQYREQIKRVKDSDDVPMVLVGNKCDLAARTVESRQAQDLARSYGIPYIETSAKTRQGVEDAFYTLV
REIRQH
;
_entity_poly.pdbx_seq_one_letter_code_can   
;MTEYKLVVVGAGGVGKSALTIQLIQNHFVDEYDPTIEDSYRKQVVIDGETCLLDILDTAGQEEYSAMRDQYMRTGEGFLC
VFAINNTKSFEDIHQYREQIKRVKDSDDVPMVLVGNKCDLAARTVESRQAQDLARSYGIPYIETSAKTRQGVEDAFYTLV
REIRQH
;
_entity_poly.pdbx_strand_id                 A 
_entity_poly.pdbx_target_identifier         ? 
# 
loop_
_pdbx_entity_nonpoly.entity_id 
_pdbx_entity_nonpoly.name 
_pdbx_entity_nonpoly.comp_id 
2 'PHOSPHOAMINOPHOSPHONIC ACID-GUANYLATE ESTER' GNP 
3 cyclopentanol                                 YEG 
4 'CALCIUM ION'                                 CA  
5 'MAGNESIUM ION'                               MG  
6 water                                         HOH 
# 
loop_
_entity_poly_seq.entity_id 
_entity_poly_seq.num 
_entity_poly_seq.mon_id 
_entity_poly_seq.hetero 
1 1   MET n 
1 2   THR n 
1 3   GLU n 
1 4   TYR n 
1 5   LYS n 
1 6   LEU n 
1 7   VAL n 
1 8   VAL n 
1 9   VAL n 
1 10  GLY n 
1 11  ALA n 
1 12  GLY n 
1 13  GLY n 
1 14  VAL n 
1 15  GLY n 
1 16  LYS n 
1 17  SER n 
1 18  ALA n 
1 19  LEU n 
1 20  THR n 
1 21  ILE n 
1 22  GLN n 
1 23  LEU n 
1 24  ILE n 
1 25  GLN n 
1 26  ASN n 
1 27  HIS n 
1 28  PHE n 
1 29  VAL n 
1 30  ASP n 
1 31  GLU n 
1 32  TYR n 
1 33  ASP n 
1 34  PRO n 
1 35  THR n 
1 36  ILE n 
1 37  GLU n 
1 38  ASP n 
1 39  SER n 
1 40  TYR n 
1 41  ARG n 
1 42  LYS n 
1 43  GLN n 
1 44  VAL n 
1 45  VAL n 
1 46  ILE n 
1 47  ASP n 
1 48  GLY n 
1 49  GLU n 
1 50  THR n 
1 51  CYS n 
1 52  LEU n 
1 53  LEU n 
1 54  ASP n 
1 55  ILE n 
1 56  LEU n 
1 57  ASP n 
1 58  THR n 
1 59  ALA n 
1 60  GLY n 
1 61  GLN n 
1 62  GLU n 
1 63  GLU n 
1 64  TYR n 
1 65  SER n 
1 66  ALA n 
1 67  MET n 
1 68  ARG n 
1 69  ASP n 
1 70  GLN n 
1 71  TYR n 
1 72  MET n 
1 73  ARG n 
1 74  THR n 
1 75  GLY n 
1 76  GLU n 
1 77  GLY n 
1 78  PHE n 
1 79  LEU n 
1 80  CYS n 
1 81  VAL n 
1 82  PHE n 
1 83  ALA n 
1 84  ILE n 
1 85  ASN n 
1 86  ASN n 
1 87  THR n 
1 88  LYS n 
1 89  SER n 
1 90  PHE n 
1 91  GLU n 
1 92  ASP n 
1 93  ILE n 
1 94  HIS n 
1 95  GLN n 
1 96  TYR n 
1 97  ARG n 
1 98  GLU n 
1 99  GLN n 
1 100 ILE n 
1 101 LYS n 
1 102 ARG n 
1 103 VAL n 
1 104 LYS n 
1 105 ASP n 
1 106 SER n 
1 107 ASP n 
1 108 ASP n 
1 109 VAL n 
1 110 PRO n 
1 111 MET n 
1 112 VAL n 
1 113 LEU n 
1 114 VAL n 
1 115 GLY n 
1 116 ASN n 
1 117 LYS n 
1 118 CYS n 
1 119 ASP n 
1 120 LEU n 
1 121 ALA n 
1 122 ALA n 
1 123 ARG n 
1 124 THR n 
1 125 VAL n 
1 126 GLU n 
1 127 SER n 
1 128 ARG n 
1 129 GLN n 
1 130 ALA n 
1 131 GLN n 
1 132 ASP n 
1 133 LEU n 
1 134 ALA n 
1 135 ARG n 
1 136 SER n 
1 137 TYR n 
1 138 GLY n 
1 139 ILE n 
1 140 PRO n 
1 141 TYR n 
1 142 ILE n 
1 143 GLU n 
1 144 THR n 
1 145 SER n 
1 146 ALA n 
1 147 LYS n 
1 148 THR n 
1 149 ARG n 
1 150 GLN n 
1 151 GLY n 
1 152 VAL n 
1 153 GLU n 
1 154 ASP n 
1 155 ALA n 
1 156 PHE n 
1 157 TYR n 
1 158 THR n 
1 159 LEU n 
1 160 VAL n 
1 161 ARG n 
1 162 GLU n 
1 163 ILE n 
1 164 ARG n 
1 165 GLN n 
1 166 HIS n 
# 
_entity_src_gen.entity_id                          1 
_entity_src_gen.pdbx_src_id                        1 
_entity_src_gen.pdbx_alt_source_flag               sample 
_entity_src_gen.pdbx_seq_type                      ? 
_entity_src_gen.pdbx_beg_seq_num                   ? 
_entity_src_gen.pdbx_end_seq_num                   ? 
_entity_src_gen.gene_src_common_name               human 
_entity_src_gen.gene_src_genus                     ? 
_entity_src_gen.pdbx_gene_src_gene                 'HRAS, HRAS1' 
_entity_src_gen.gene_src_species                   ? 
_entity_src_gen.gene_src_strain                    ? 
_entity_src_gen.gene_src_tissue                    ? 
_entity_src_gen.gene_src_tissue_fraction           ? 
_entity_src_gen.gene_src_details                   ? 
_entity_src_gen.pdbx_gene_src_fragment             ? 
_entity_src_gen.pdbx_gene_src_scientific_name      'Homo sapiens' 
_entity_src_gen.pdbx_gene_src_ncbi_taxonomy_id     9606 
_entity_src_gen.pdbx_gene_src_variant              ? 
_entity_src_gen.pdbx_gene_src_cell_line            ? 
_entity_src_gen.pdbx_gene_src_atcc                 ? 
_entity_src_gen.pdbx_gene_src_organ                ? 
_entity_src_gen.pdbx_gene_src_organelle            ? 
_entity_src_gen.pdbx_gene_src_cell                 ? 
_entity_src_gen.pdbx_gene_src_cellular_location    ? 
_entity_src_gen.host_org_common_name               ? 
_entity_src_gen.pdbx_host_org_scientific_name      'ESCHERICHIA COLI' 
_entity_src_gen.pdbx_host_org_ncbi_taxonomy_id     562 
_entity_src_gen.host_org_genus                     ? 
_entity_src_gen.pdbx_host_org_gene                 ? 
_entity_src_gen.pdbx_host_org_organ                ? 
_entity_src_gen.host_org_species                   ? 
_entity_src_gen.pdbx_host_org_tissue               ? 
_entity_src_gen.pdbx_host_org_tissue_fraction      ? 
_entity_src_gen.pdbx_host_org_strain               'BL21 (DE3)' 
_entity_src_gen.pdbx_host_org_variant              ? 
_entity_src_gen.pdbx_host_org_cell_line            ? 
_entity_src_gen.pdbx_host_org_atcc                 ? 
_entity_src_gen.pdbx_host_org_culture_collection   ? 
_entity_src_gen.pdbx_host_org_cell                 ? 
_entity_src_gen.pdbx_host_org_organelle            ? 
_entity_src_gen.pdbx_host_org_cellular_location    ? 
_entity_src_gen.pdbx_host_org_vector_type          plasmid 
_entity_src_gen.pdbx_host_org_vector               ? 
_entity_src_gen.host_org_details                   ? 
_entity_src_gen.expression_system_id               ? 
_entity_src_gen.plasmid_name                       PET21 
_entity_src_gen.plasmid_details                    ? 
_entity_src_gen.pdbx_description                   ? 
# 
loop_
_chem_comp.id 
_chem_comp.type 
_chem_comp.mon_nstd_flag 
_chem_comp.name 
_chem_comp.pdbx_synonyms 
_chem_comp.formula 
_chem_comp.formula_weight 
ALA 'L-peptide linking' y ALANINE                                       ? 'C3 H7 N O2'        89.093  
ARG 'L-peptide linking' y ARGININE                                      ? 'C6 H15 N4 O2 1'    175.209 
ASN 'L-peptide linking' y ASPARAGINE                                    ? 'C4 H8 N2 O3'       132.118 
ASP 'L-peptide linking' y 'ASPARTIC ACID'                               ? 'C4 H7 N O4'        133.103 
CA  non-polymer         . 'CALCIUM ION'                                 ? 'Ca 2'              40.078  
CYS 'L-peptide linking' y CYSTEINE                                      ? 'C3 H7 N O2 S'      121.158 
GLN 'L-peptide linking' y GLUTAMINE                                     ? 'C5 H10 N2 O3'      146.144 
GLU 'L-peptide linking' y 'GLUTAMIC ACID'                               ? 'C5 H9 N O4'        147.129 
GLY 'peptide linking'   y GLYCINE                                       ? 'C2 H5 N O2'        75.067  
GNP non-polymer         . 'PHOSPHOAMINOPHOSPHONIC ACID-GUANYLATE ESTER' ? 'C10 H17 N6 O13 P3' 522.196 
HIS 'L-peptide linking' y HISTIDINE                                     ? 'C6 H10 N3 O2 1'    156.162 
HOH non-polymer         . WATER                                         ? 'H2 O'              18.015  
ILE 'L-peptide linking' y ISOLEUCINE                                    ? 'C6 H13 N O2'       131.173 
LEU 'L-peptide linking' y LEUCINE                                       ? 'C6 H13 N O2'       131.173 
LYS 'L-peptide linking' y LYSINE                                        ? 'C6 H15 N2 O2 1'    147.195 
MET 'L-peptide linking' y METHIONINE                                    ? 'C5 H11 N O2 S'     149.211 
MG  non-polymer         . 'MAGNESIUM ION'                               ? 'Mg 2'              24.305  
PHE 'L-peptide linking' y PHENYLALANINE                                 ? 'C9 H11 N O2'       165.189 
PRO 'L-peptide linking' y PROLINE                                       ? 'C5 H9 N O2'        115.130 
SER 'L-peptide linking' y SERINE                                        ? 'C3 H7 N O3'        105.093 
THR 'L-peptide linking' y THREONINE                                     ? 'C4 H9 N O3'        119.119 
TYR 'L-peptide linking' y TYROSINE                                      ? 'C9 H11 N O3'       181.189 
VAL 'L-peptide linking' y VALINE                                        ? 'C5 H11 N O2'       117.146 
YEG non-polymer         . cyclopentanol                                 ? 'C5 H10 O'          86.132  
# 
loop_
_pdbx_poly_seq_scheme.asym_id 
_pdbx_poly_seq_scheme.entity_id 
_pdbx_poly_seq_scheme.seq_id 
_pdbx_poly_seq_scheme.mon_id 
_pdbx_poly_seq_scheme.ndb_seq_num 
_pdbx_poly_seq_scheme.pdb_seq_num 
_pdbx_poly_seq_scheme.auth_seq_num 
_pdbx_poly_seq_scheme.pdb_mon_id 
_pdbx_poly_seq_scheme.auth_mon_id 
_pdbx_poly_seq_scheme.pdb_strand_id 
_pdbx_poly_seq_scheme.pdb_ins_code 
_pdbx_poly_seq_scheme.hetero 
A 1 1   MET 1   1   1   MET MET A . n 
A 1 2   THR 2   2   2   THR THR A . n 
A 1 3   GLU 3   3   3   GLU GLU A . n 
A 1 4   TYR 4   4   4   TYR TYR A . n 
A 1 5   LYS 5   5   5   LYS LYS A . n 
A 1 6   LEU 6   6   6   LEU LEU A . n 
A 1 7   VAL 7   7   7   VAL VAL A . n 
A 1 8   VAL 8   8   8   VAL VAL A . n 
A 1 9   VAL 9   9   9   VAL VAL A . n 
A 1 10  GLY 10  10  10  GLY GLY A . n 
A 1 11  ALA 11  11  11  ALA ALA A . n 
A 1 12  GLY 12  12  12  GLY GLY A . n 
A 1 13  GLY 13  13  13  GLY GLY A . n 
A 1 14  VAL 14  14  14  VAL VAL A . n 
A 1 15  GLY 15  15  15  GLY GLY A . n 
A 1 16  LYS 16  16  16  LYS LYS A . n 
A 1 17  SER 17  17  17  SER SER A . n 
A 1 18  ALA 18  18  18  ALA ALA A . n 
A 1 19  LEU 19  19  19  LEU LEU A . n 
A 1 20  THR 20  20  20  THR THR A . n 
A 1 21  ILE 21  21  21  ILE ILE A . n 
A 1 22  GLN 22  22  22  GLN GLN A . n 
A 1 23  LEU 23  23  23  LEU LEU A . n 
A 1 24  ILE 24  24  24  ILE ILE A . n 
A 1 25  GLN 25  25  25  GLN GLN A . n 
A 1 26  ASN 26  26  26  ASN ASN A . n 
A 1 27  HIS 27  27  27  HIS HIS A . n 
A 1 28  PHE 28  28  28  PHE PHE A . n 
A 1 29  VAL 29  29  29  VAL VAL A . n 
A 1 30  ASP 30  30  30  ASP ASP A . n 
A 1 31  GLU 31  31  31  GLU GLU A . n 
A 1 32  TYR 32  32  32  TYR TYR A . n 
A 1 33  ASP 33  33  33  ASP ASP A . n 
A 1 34  PRO 34  34  34  PRO PRO A . n 
A 1 35  THR 35  35  35  THR THR A . n 
A 1 36  ILE 36  36  36  ILE ILE A . n 
A 1 37  GLU 37  37  37  GLU GLU A . n 
A 1 38  ASP 38  38  38  ASP ASP A . n 
A 1 39  SER 39  39  39  SER SER A . n 
A 1 40  TYR 40  40  40  TYR TYR A . n 
A 1 41  ARG 41  41  41  ARG ARG A . n 
A 1 42  LYS 42  42  42  LYS LYS A . n 
A 1 43  GLN 43  43  43  GLN GLN A . n 
A 1 44  VAL 44  44  44  VAL VAL A . n 
A 1 45  VAL 45  45  45  VAL VAL A . n 
A 1 46  ILE 46  46  46  ILE ILE A . n 
A 1 47  ASP 47  47  47  ASP ASP A . n 
A 1 48  GLY 48  48  48  GLY GLY A . n 
A 1 49  GLU 49  49  49  GLU GLU A . n 
A 1 50  THR 50  50  50  THR THR A . n 
A 1 51  CYS 51  51  51  CYS CYS A . n 
A 1 52  LEU 52  52  52  LEU LEU A . n 
A 1 53  LEU 53  53  53  LEU LEU A . n 
A 1 54  ASP 54  54  54  ASP ASP A . n 
A 1 55  ILE 55  55  55  ILE ILE A . n 
A 1 56  LEU 56  56  56  LEU LEU A . n 
A 1 57  ASP 57  57  57  ASP ASP A . n 
A 1 58  THR 58  58  58  THR THR A . n 
A 1 59  ALA 59  59  59  ALA ALA A . n 
A 1 60  GLY 60  60  60  GLY GLY A . n 
A 1 61  GLN 61  61  61  GLN GLN A . n 
A 1 62  GLU 62  62  62  GLU GLU A . n 
A 1 63  GLU 63  63  63  GLU GLU A . n 
A 1 64  TYR 64  64  64  TYR TYR A . n 
A 1 65  SER 65  65  65  SER SER A . n 
A 1 66  ALA 66  66  66  ALA ALA A . n 
A 1 67  MET 67  67  67  MET MET A . n 
A 1 68  ARG 68  68  68  ARG ARG A . n 
A 1 69  ASP 69  69  69  ASP ASP A . n 
A 1 70  GLN 70  70  70  GLN GLN A . n 
A 1 71  TYR 71  71  71  TYR TYR A . n 
A 1 72  MET 72  72  72  MET MET A . n 
A 1 73  ARG 73  73  73  ARG ARG A . n 
A 1 74  THR 74  74  74  THR THR A . n 
A 1 75  GLY 75  75  75  GLY GLY A . n 
A 1 76  GLU 76  76  76  GLU GLU A . n 
A 1 77  GLY 77  77  77  GLY GLY A . n 
A 1 78  PHE 78  78  78  PHE PHE A . n 
A 1 79  LEU 79  79  79  LEU LEU A . n 
A 1 80  CYS 80  80  80  CYS CYS A . n 
A 1 81  VAL 81  81  81  VAL VAL A . n 
A 1 82  PHE 82  82  82  PHE PHE A . n 
A 1 83  ALA 83  83  83  ALA ALA A . n 
A 1 84  ILE 84  84  84  ILE ILE A . n 
A 1 85  ASN 85  85  85  ASN ASN A . n 
A 1 86  ASN 86  86  86  ASN ASN A . n 
A 1 87  THR 87  87  87  THR THR A . n 
A 1 88  LYS 88  88  88  LYS LYS A . n 
A 1 89  SER 89  89  89  SER SER A . n 
A 1 90  PHE 90  90  90  PHE PHE A . n 
A 1 91  GLU 91  91  91  GLU GLU A . n 
A 1 92  ASP 92  92  92  ASP ASP A . n 
A 1 93  ILE 93  93  93  ILE ILE A . n 
A 1 94  HIS 94  94  94  HIS HIS A . n 
A 1 95  GLN 95  95  95  GLN GLN A . n 
A 1 96  TYR 96  96  96  TYR TYR A . n 
A 1 97  ARG 97  97  97  ARG ARG A . n 
A 1 98  GLU 98  98  98  GLU GLU A . n 
A 1 99  GLN 99  99  99  GLN GLN A . n 
A 1 100 ILE 100 100 100 ILE ILE A . n 
A 1 101 LYS 101 101 101 LYS LYS A . n 
A 1 102 ARG 102 102 102 ARG ARG A . n 
A 1 103 VAL 103 103 103 VAL VAL A . n 
A 1 104 LYS 104 104 104 LYS LYS A . n 
A 1 105 ASP 105 105 105 ASP ASP A . n 
A 1 106 SER 106 106 106 SER SER A . n 
A 1 107 ASP 107 107 107 ASP ASP A . n 
A 1 108 ASP 108 108 108 ASP ASP A . n 
A 1 109 VAL 109 109 109 VAL VAL A . n 
A 1 110 PRO 110 110 110 PRO PRO A . n 
A 1 111 MET 111 111 111 MET MET A . n 
A 1 112 VAL 112 112 112 VAL VAL A . n 
A 1 113 LEU 113 113 113 LEU LEU A . n 
A 1 114 VAL 114 114 114 VAL VAL A . n 
A 1 115 GLY 115 115 115 GLY GLY A . n 
A 1 116 ASN 116 116 116 ASN ASN A . n 
A 1 117 LYS 117 117 117 LYS LYS A . n 
A 1 118 CYS 118 118 118 CYS CYS A . n 
A 1 119 ASP 119 119 119 ASP ASP A . n 
A 1 120 LEU 120 120 120 LEU LEU A . n 
A 1 121 ALA 121 121 121 ALA ALA A . n 
A 1 122 ALA 122 122 122 ALA ALA A . n 
A 1 123 ARG 123 123 123 ARG ARG A . n 
A 1 124 THR 124 124 124 THR THR A . n 
A 1 125 VAL 125 125 125 VAL VAL A . n 
A 1 126 GLU 126 126 126 GLU GLU A . n 
A 1 127 SER 127 127 127 SER SER A . n 
A 1 128 ARG 128 128 128 ARG ARG A . n 
A 1 129 GLN 129 129 129 GLN GLN A . n 
A 1 130 ALA 130 130 130 ALA ALA A . n 
A 1 131 GLN 131 131 131 GLN GLN A . n 
A 1 132 ASP 132 132 132 ASP ASP A . n 
A 1 133 LEU 133 133 133 LEU LEU A . n 
A 1 134 ALA 134 134 134 ALA ALA A . n 
A 1 135 ARG 135 135 135 ARG ARG A . n 
A 1 136 SER 136 136 136 SER SER A . n 
A 1 137 TYR 137 137 137 TYR TYR A . n 
A 1 138 GLY 138 138 138 GLY GLY A . n 
A 1 139 ILE 139 139 139 ILE ILE A . n 
A 1 140 PRO 140 140 140 PRO PRO A . n 
A 1 141 TYR 141 141 141 TYR TYR A . n 
A 1 142 ILE 142 142 142 ILE ILE A . n 
A 1 143 GLU 143 143 143 GLU GLU A . n 
A 1 144 THR 144 144 144 THR THR A . n 
A 1 145 SER 145 145 145 SER SER A . n 
A 1 146 ALA 146 146 146 ALA ALA A . n 
A 1 147 LYS 147 147 147 LYS LYS A . n 
A 1 148 THR 148 148 148 THR THR A . n 
A 1 149 ARG 149 149 149 ARG ARG A . n 
A 1 150 GLN 150 150 150 GLN GLN A . n 
A 1 151 GLY 151 151 151 GLY GLY A . n 
A 1 152 VAL 152 152 152 VAL VAL A . n 
A 1 153 GLU 153 153 153 GLU GLU A . n 
A 1 154 ASP 154 154 154 ASP ASP A . n 
A 1 155 ALA 155 155 155 ALA ALA A . n 
A 1 156 PHE 156 156 156 PHE PHE A . n 
A 1 157 TYR 157 157 157 TYR TYR A . n 
A 1 158 THR 158 158 158 THR THR A . n 
A 1 159 LEU 159 159 159 LEU LEU A . n 
A 1 160 VAL 160 160 160 VAL VAL A . n 
A 1 161 ARG 161 161 161 ARG ARG A . n 
A 1 162 GLU 162 162 162 GLU GLU A . n 
A 1 163 ILE 163 163 163 ILE ILE A . n 
A 1 164 ARG 164 164 164 ARG ARG A . n 
A 1 165 GLN 165 165 165 GLN GLN A . n 
A 1 166 HIS 166 166 166 HIS HIS A . n 
# 
loop_
_pdbx_nonpoly_scheme.asym_id 
_pdbx_nonpoly_scheme.entity_id 
_pdbx_nonpoly_scheme.mon_id 
_pdbx_nonpoly_scheme.ndb_seq_num 
_pdbx_nonpoly_scheme.pdb_seq_num 
_pdbx_nonpoly_scheme.auth_seq_num 
_pdbx_nonpoly_scheme.pdb_mon_id 
_pdbx_nonpoly_scheme.auth_mon_id 
_pdbx_nonpoly_scheme.pdb_strand_id 
_pdbx_nonpoly_scheme.pdb_ins_code 
B 2 GNP 1   190 190 GNP GNP A . 
C 3 YEG 1   206 206 YEG YEG A . 
D 3 YEG 1   216 216 YEG YEG A . 
E 4 CA  1   193 193 CA  CA  A . 
F 5 MG  1   192 192 MG  MG  A . 
G 4 CA  1   195 195 CA  CA  A . 
H 5 MG  1   194 194 MG  MG  A . 
I 6 HOH 1   301 301 HOH HOH A . 
I 6 HOH 2   302 302 HOH HOH A . 
I 6 HOH 3   303 303 HOH HOH A . 
I 6 HOH 4   304 304 HOH HOH A . 
I 6 HOH 5   305 305 HOH HOH A . 
I 6 HOH 6   306 306 HOH HOH A . 
I 6 HOH 7   307 307 HOH HOH A . 
I 6 HOH 8   308 308 HOH HOH A . 
I 6 HOH 9   309 309 HOH HOH A . 
I 6 HOH 10  310 310 HOH HOH A . 
I 6 HOH 11  311 311 HOH HOH A . 
I 6 HOH 12  312 312 HOH HOH A . 
I 6 HOH 13  313 313 HOH HOH A . 
I 6 HOH 14  314 314 HOH HOH A . 
I 6 HOH 15  315 315 HOH HOH A . 
I 6 HOH 16  316 316 HOH HOH A . 
I 6 HOH 17  317 317 HOH HOH A . 
I 6 HOH 18  318 318 HOH HOH A . 
I 6 HOH 19  319 319 HOH HOH A . 
I 6 HOH 20  320 320 HOH HOH A . 
I 6 HOH 21  321 321 HOH HOH A . 
I 6 HOH 22  322 322 HOH HOH A . 
I 6 HOH 23  323 323 HOH HOH A . 
I 6 HOH 24  324 324 HOH HOH A . 
I 6 HOH 25  325 325 HOH HOH A . 
I 6 HOH 26  326 326 HOH HOH A . 
I 6 HOH 27  327 327 HOH HOH A . 
I 6 HOH 28  328 328 HOH HOH A . 
I 6 HOH 29  329 329 HOH HOH A . 
I 6 HOH 30  330 330 HOH HOH A . 
I 6 HOH 31  331 331 HOH HOH A . 
I 6 HOH 32  332 332 HOH HOH A . 
I 6 HOH 33  333 333 HOH HOH A . 
I 6 HOH 34  334 334 HOH HOH A . 
I 6 HOH 35  335 335 HOH HOH A . 
I 6 HOH 36  336 336 HOH HOH A . 
I 6 HOH 37  337 337 HOH HOH A . 
I 6 HOH 38  338 338 HOH HOH A . 
I 6 HOH 39  339 339 HOH HOH A . 
I 6 HOH 40  340 340 HOH HOH A . 
I 6 HOH 41  341 341 HOH HOH A . 
I 6 HOH 42  342 342 HOH HOH A . 
I 6 HOH 43  343 343 HOH HOH A . 
I 6 HOH 44  344 344 HOH HOH A . 
I 6 HOH 45  345 345 HOH HOH A . 
I 6 HOH 46  346 346 HOH HOH A . 
I 6 HOH 47  347 347 HOH HOH A . 
I 6 HOH 48  348 348 HOH HOH A . 
I 6 HOH 49  349 349 HOH HOH A . 
I 6 HOH 50  350 350 HOH HOH A . 
I 6 HOH 51  351 351 HOH HOH A . 
I 6 HOH 52  352 352 HOH HOH A . 
I 6 HOH 53  353 353 HOH HOH A . 
I 6 HOH 54  354 354 HOH HOH A . 
I 6 HOH 55  355 355 HOH HOH A . 
I 6 HOH 56  356 356 HOH HOH A . 
I 6 HOH 57  357 357 HOH HOH A . 
I 6 HOH 58  358 358 HOH HOH A . 
I 6 HOH 59  359 359 HOH HOH A . 
I 6 HOH 60  360 360 HOH HOH A . 
I 6 HOH 61  361 361 HOH HOH A . 
I 6 HOH 62  362 362 HOH HOH A . 
I 6 HOH 63  363 363 HOH HOH A . 
I 6 HOH 64  364 364 HOH HOH A . 
I 6 HOH 65  365 365 HOH HOH A . 
I 6 HOH 66  366 366 HOH HOH A . 
I 6 HOH 67  367 367 HOH HOH A . 
I 6 HOH 68  368 368 HOH HOH A . 
I 6 HOH 69  369 369 HOH HOH A . 
I 6 HOH 70  370 370 HOH HOH A . 
I 6 HOH 71  371 371 HOH HOH A . 
I 6 HOH 72  372 372 HOH HOH A . 
I 6 HOH 73  373 373 HOH HOH A . 
I 6 HOH 74  374 374 HOH HOH A . 
I 6 HOH 75  375 375 HOH HOH A . 
I 6 HOH 76  376 376 HOH HOH A . 
I 6 HOH 77  377 377 HOH HOH A . 
I 6 HOH 78  378 378 HOH HOH A . 
I 6 HOH 79  379 379 HOH HOH A . 
I 6 HOH 80  380 380 HOH HOH A . 
I 6 HOH 81  381 381 HOH HOH A . 
I 6 HOH 82  382 382 HOH HOH A . 
I 6 HOH 83  383 383 HOH HOH A . 
I 6 HOH 84  384 384 HOH HOH A . 
I 6 HOH 85  385 385 HOH HOH A . 
I 6 HOH 86  387 387 HOH HOH A . 
I 6 HOH 87  388 388 HOH HOH A . 
I 6 HOH 88  389 389 HOH HOH A . 
I 6 HOH 89  390 390 HOH HOH A . 
I 6 HOH 90  391 391 HOH HOH A . 
I 6 HOH 91  393 393 HOH HOH A . 
I 6 HOH 92  394 394 HOH HOH A . 
I 6 HOH 93  395 395 HOH HOH A . 
I 6 HOH 94  396 396 HOH HOH A . 
I 6 HOH 95  397 397 HOH HOH A . 
I 6 HOH 96  398 398 HOH HOH A . 
I 6 HOH 97  399 399 HOH HOH A . 
I 6 HOH 98  402 402 HOH HOH A . 
I 6 HOH 99  403 403 HOH HOH A . 
I 6 HOH 100 404 404 HOH HOH A . 
I 6 HOH 101 405 405 HOH HOH A . 
I 6 HOH 102 407 407 HOH HOH A . 
I 6 HOH 103 408 408 HOH HOH A . 
I 6 HOH 104 409 409 HOH HOH A . 
I 6 HOH 105 410 410 HOH HOH A . 
I 6 HOH 106 412 412 HOH HOH A . 
I 6 HOH 107 413 413 HOH HOH A . 
I 6 HOH 108 416 416 HOH HOH A . 
I 6 HOH 109 417 417 HOH HOH A . 
I 6 HOH 110 418 418 HOH HOH A . 
I 6 HOH 111 419 419 HOH HOH A . 
I 6 HOH 112 421 421 HOH HOH A . 
I 6 HOH 113 422 422 HOH HOH A . 
I 6 HOH 114 426 426 HOH HOH A . 
I 6 HOH 115 429 429 HOH HOH A . 
I 6 HOH 116 430 430 HOH HOH A . 
I 6 HOH 117 433 433 HOH HOH A . 
I 6 HOH 118 434 434 HOH HOH A . 
I 6 HOH 119 435 435 HOH HOH A . 
I 6 HOH 120 436 436 HOH HOH A . 
I 6 HOH 121 439 439 HOH HOH A . 
I 6 HOH 122 440 440 HOH HOH A . 
I 6 HOH 123 442 442 HOH HOH A . 
I 6 HOH 124 445 445 HOH HOH A . 
I 6 HOH 125 446 446 HOH HOH A . 
I 6 HOH 126 447 447 HOH HOH A . 
I 6 HOH 127 454 454 HOH HOH A . 
I 6 HOH 128 458 458 HOH HOH A . 
I 6 HOH 129 460 460 HOH HOH A . 
I 6 HOH 130 463 463 HOH HOH A . 
I 6 HOH 131 466 466 HOH HOH A . 
I 6 HOH 132 467 467 HOH HOH A . 
I 6 HOH 133 470 470 HOH HOH A . 
I 6 HOH 134 471 471 HOH HOH A . 
I 6 HOH 135 512 512 HOH HOH A . 
I 6 HOH 136 513 513 HOH HOH A . 
I 6 HOH 137 514 514 HOH HOH A . 
I 6 HOH 138 515 515 HOH HOH A . 
I 6 HOH 139 516 516 HOH HOH A . 
I 6 HOH 140 517 517 HOH HOH A . 
I 6 HOH 141 518 518 HOH HOH A . 
I 6 HOH 142 519 519 HOH HOH A . 
I 6 HOH 143 520 520 HOH HOH A . 
I 6 HOH 144 521 521 HOH HOH A . 
I 6 HOH 145 522 522 HOH HOH A . 
I 6 HOH 146 523 523 HOH HOH A . 
I 6 HOH 147 524 524 HOH HOH A . 
# 
loop_
_software.pdbx_ordinal 
_software.name 
_software.version 
_software.date 
_software.type 
_software.contact_author 
_software.contact_author_email 
_software.classification 
_software.location 
_software.language 
_software.citation_id 
1 DENZO       .       ?               program 'Zbyszek Otwinowski' hkl@hkl-xray.com            'data reduction'  
http://www.hkl-xray.com/                    ?   ? 
2 SCALEPACK   .       ?               program 'Zbyszek Otwinowski' hkl@hkl-xray.com            'data scaling'    
http://www.hkl-xray.com/                    ?   ? 
3 PHASER      .       ?               program 'Randy J. Read'      cimr-phaser@lists.cam.ac.uk phasing           
http://www-structmed.cimr.cam.ac.uk/phaser/ ?   ? 
4 PHENIX      1.7_650 ?               package 'Paul D. Adams'      PDAdams@lbl.gov             refinement        
http://www.phenix-online.org/               C++ ? 
5 PDB_EXTRACT 3.10    'June 10, 2010' package PDB                  deposit@deposit.rcsb.org    'data extraction' 
http://sw-tools.pdb.org/apps/PDB_EXTRACT/   C++ ? 
6 HKL-2000    .       ?               ?       ?                    ?                           'data collection' ? ?   ? 
7 HKL-2000    .       ?               ?       ?                    ?                           'data reduction'  ? ?   ? 
8 HKL-2000    .       ?               ?       ?                    ?                           'data scaling'    ? ?   ? 
# 
_cell.entry_id           3RS0 
_cell.length_a           87.635 
_cell.length_b           87.635 
_cell.length_c           134.241 
_cell.angle_alpha        90.00 
_cell.angle_beta         90.00 
_cell.angle_gamma        120.00 
_cell.Z_PDB              18 
_cell.pdbx_unique_axis   ? 
_cell.length_a_esd       ? 
_cell.length_b_esd       ? 
_cell.length_c_esd       ? 
_cell.angle_alpha_esd    ? 
_cell.angle_beta_esd     ? 
_cell.angle_gamma_esd    ? 
# 
_symmetry.entry_id                         3RS0 
_symmetry.space_group_name_H-M             'H 3 2' 
_symmetry.pdbx_full_space_group_name_H-M   ? 
_symmetry.cell_setting                     ? 
_symmetry.Int_Tables_number                155 
_symmetry.space_group_name_Hall            ? 
# 
_exptl.entry_id          3RS0 
_exptl.method            'X-RAY DIFFRACTION' 
_exptl.crystals_number   1 
# 
_exptl_crystal.id                    1 
_exptl_crystal.density_meas          ? 
_exptl_crystal.density_Matthews      2.63 
_exptl_crystal.density_percent_sol   53.19 
_exptl_crystal.description           ? 
_exptl_crystal.F_000                 ? 
_exptl_crystal.preparation           ? 
# 
_exptl_crystal_grow.crystal_id      1 
_exptl_crystal_grow.method          'hanging drop' 
_exptl_crystal_grow.temp            298 
_exptl_crystal_grow.temp_details    ? 
_exptl_crystal_grow.pH              7.5 
_exptl_crystal_grow.pdbx_pH_range   ? 
_exptl_crystal_grow.pdbx_details    '20 % PEG 3350, 200mM Calcium Chloride, pH 7.5, hanging drop, temperature 298K' 
# 
_diffrn.id                     1 
_diffrn.ambient_temp           100 
_diffrn.ambient_temp_details   ? 
_diffrn.crystal_id             1 
# 
_diffrn_detector.diffrn_id              1 
_diffrn_detector.detector               CCD 
_diffrn_detector.type                   MARRESEARCH 
_diffrn_detector.pdbx_collection_date   2003-12-05 
_diffrn_detector.details                ? 
# 
_diffrn_radiation.diffrn_id                        1 
_diffrn_radiation.wavelength_id                    1 
_diffrn_radiation.pdbx_monochromatic_or_laue_m_l   ? 
_diffrn_radiation.monochromator                    ? 
_diffrn_radiation.pdbx_diffrn_protocol             'SINGLE WAVELENGTH' 
_diffrn_radiation.pdbx_scattering_type             x-ray 
# 
_diffrn_radiation_wavelength.id           1 
_diffrn_radiation_wavelength.wavelength   1.0 
_diffrn_radiation_wavelength.wt           1.0 
# 
_diffrn_source.diffrn_id                   1 
_diffrn_source.source                      SYNCHROTRON 
_diffrn_source.type                        'APS BEAMLINE 22-ID' 
_diffrn_source.pdbx_synchrotron_site       APS 
_diffrn_source.pdbx_synchrotron_beamline   22-ID 
_diffrn_source.pdbx_wavelength             ? 
_diffrn_source.pdbx_wavelength_list        1.0 
# 
_reflns.pdbx_diffrn_id               1 
_reflns.pdbx_ordinal                 1 
_reflns.entry_id                     3RS0 
_reflns.observed_criterion_sigma_I   0.0 
_reflns.observed_criterion_sigma_F   0.0 
_reflns.d_resolution_low             50.000 
_reflns.d_resolution_high            1.400 
_reflns.number_obs                   38553 
_reflns.number_all                   38553 
_reflns.percent_possible_obs         98.300 
_reflns.pdbx_Rmerge_I_obs            0.058 
_reflns.pdbx_Rsym_value              ? 
_reflns.pdbx_netI_over_sigmaI        12.600 
_reflns.B_iso_Wilson_estimate        ? 
_reflns.pdbx_redundancy              6.900 
_reflns.R_free_details               ? 
_reflns.limit_h_max                  ? 
_reflns.limit_h_min                  ? 
_reflns.limit_k_max                  ? 
_reflns.limit_k_min                  ? 
_reflns.limit_l_max                  ? 
_reflns.limit_l_min                  ? 
_reflns.observed_criterion_F_max     ? 
_reflns.observed_criterion_F_min     ? 
_reflns.pdbx_chi_squared             ? 
_reflns.pdbx_scaling_rejects         ? 
# 
loop_
_reflns_shell.pdbx_diffrn_id 
_reflns_shell.pdbx_ordinal 
_reflns_shell.d_res_high 
_reflns_shell.d_res_low 
_reflns_shell.percent_possible_all 
_reflns_shell.Rmerge_I_obs 
_reflns_shell.pdbx_Rsym_value 
_reflns_shell.meanI_over_sigI_obs 
_reflns_shell.pdbx_redundancy 
_reflns_shell.percent_possible_obs 
_reflns_shell.number_unique_all 
_reflns_shell.number_measured_all 
_reflns_shell.number_measured_obs 
_reflns_shell.number_unique_obs 
_reflns_shell.pdbx_chi_squared 
? 1  1.400 1.450  95.000  0.481 ? ? 4.800 ? ? ? ? ? ? 
? 2  1.450 1.510  99.500  0.393 ? ? 6.500 ? ? ? ? ? ? 
? 3  1.510 1.580  99.900  0.270 ? ? 6.900 ? ? ? ? ? ? 
? 4  1.580 1.660  100.000 0.197 ? ? 7.100 ? ? ? ? ? ? 
? 5  1.660 1.760  100.000 0.147 ? ? 7.300 ? ? ? ? ? ? 
? 6  1.760 1.900  100.000 0.098 ? ? 7.400 ? ? ? ? ? ? 
? 7  1.900 2.090  100.000 0.070 ? ? 7.400 ? ? ? ? ? ? 
? 8  2.090 2.390  100.000 0.065 ? ? 7.400 ? ? ? ? ? ? 
? 9  2.390 3.020  100.000 0.052 ? ? 7.400 ? ? ? ? ? ? 
? 10 3.020 50.000 89.200  0.032 ? ? 7.000 ? ? ? ? ? ? 
# 
_refine.pdbx_refine_id                           'X-RAY DIFFRACTION' 
_refine.entry_id                                 3RS0 
_refine.pdbx_diffrn_id                           1 
_refine.pdbx_TLS_residual_ADP_flag               ? 
_refine.ls_number_reflns_obs                     37395 
_refine.ls_number_reflns_all                     37395 
_refine.pdbx_ls_sigma_I                          ? 
_refine.pdbx_ls_sigma_F                          0.00 
_refine.pdbx_data_cutoff_high_absF               ? 
_refine.pdbx_data_cutoff_low_absF                ? 
_refine.pdbx_data_cutoff_high_rms_absF           ? 
_refine.ls_d_res_low                             33.033 
_refine.ls_d_res_high                            1.400 
_refine.ls_percent_reflns_obs                    95.33 
_refine.ls_R_factor_obs                          0.1686 
_refine.ls_R_factor_all                          ? 
_refine.ls_R_factor_R_work                       0.1668 
_refine.ls_R_factor_R_free                       0.1852 
_refine.ls_R_factor_R_free_error                 ? 
_refine.ls_R_factor_R_free_error_details         ? 
_refine.ls_percent_reflns_R_free                 10.01 
_refine.ls_number_reflns_R_free                  3743 
_refine.ls_number_parameters                     ? 
_refine.ls_number_restraints                     ? 
_refine.occupancy_min                            0.260 
_refine.occupancy_max                            1.000 
_refine.correlation_coeff_Fo_to_Fc               ? 
_refine.correlation_coeff_Fo_to_Fc_free          ? 
_refine.B_iso_mean                               ? 
_refine.aniso_B[1][1]                            0.2833 
_refine.aniso_B[2][2]                            0.2833 
_refine.aniso_B[3][3]                            -0.5666 
_refine.aniso_B[1][2]                            0.0000 
_refine.aniso_B[1][3]                            -0.0000 
_refine.aniso_B[2][3]                            0.0000 
_refine.solvent_model_details                    'FLAT BULK SOLVENT MODEL' 
_refine.solvent_model_param_ksol                 0.427 
_refine.solvent_model_param_bsol                 62.137 
_refine.pdbx_solvent_vdw_probe_radii             1.20 
_refine.pdbx_solvent_ion_probe_radii             ? 
_refine.pdbx_solvent_shrinkage_radii             0.95 
_refine.pdbx_ls_cross_valid_method               ? 
_refine.details                                  ? 
_refine.pdbx_starting_model                      ? 
_refine.pdbx_method_to_determine_struct          'MOLECULAR REPLACEMENT' 
_refine.pdbx_isotropic_thermal_model             ? 
_refine.pdbx_stereochemistry_target_values       ML 
_refine.pdbx_stereochem_target_val_spec_case     ? 
_refine.pdbx_R_Free_selection_details            ? 
_refine.pdbx_overall_ESU_R_Free                  ? 
_refine.overall_SU_ML                            0.16 
_refine.pdbx_overall_phase_error                 16.54 
_refine.overall_SU_B                             ? 
_refine.overall_SU_R_Cruickshank_DPI             ? 
_refine.pdbx_overall_SU_R_free_Cruickshank_DPI   ? 
_refine.pdbx_overall_SU_R_Blow_DPI               ? 
_refine.pdbx_overall_SU_R_free_Blow_DPI          ? 
_refine.ls_redundancy_reflns_obs                 ? 
_refine.pdbx_overall_ESU_R                       ? 
_refine.B_iso_min                                ? 
_refine.B_iso_max                                ? 
_refine.overall_SU_R_free                        ? 
_refine.ls_wR_factor_R_free                      ? 
_refine.ls_wR_factor_R_work                      ? 
_refine.overall_FOM_free_R_set                   ? 
_refine.overall_FOM_work_R_set                   ? 
# 
_refine_hist.pdbx_refine_id                   'X-RAY DIFFRACTION' 
_refine_hist.cycle_id                         LAST 
_refine_hist.pdbx_number_atoms_protein        1323 
_refine_hist.pdbx_number_atoms_nucleic_acid   0 
_refine_hist.pdbx_number_atoms_ligand         48 
_refine_hist.number_atoms_solvent             147 
_refine_hist.number_atoms_total               1518 
_refine_hist.d_res_high                       1.400 
_refine_hist.d_res_low                        33.033 
# 
loop_
_refine_ls_restr.type 
_refine_ls_restr.dev_ideal 
_refine_ls_restr.dev_ideal_target 
_refine_ls_restr.weight 
_refine_ls_restr.number 
_refine_ls_restr.pdbx_refine_id 
_refine_ls_restr.pdbx_restraint_function 
f_bond_d           0.007  ? ? 1408 'X-RAY DIFFRACTION' ? 
f_angle_d          1.169  ? ? 1912 'X-RAY DIFFRACTION' ? 
f_dihedral_angle_d 15.333 ? ? 538  'X-RAY DIFFRACTION' ? 
f_chiral_restr     0.070  ? ? 214  'X-RAY DIFFRACTION' ? 
f_plane_restr      0.004  ? ? 244  'X-RAY DIFFRACTION' ? 
# 
loop_
_refine_ls_shell.pdbx_refine_id 
_refine_ls_shell.pdbx_total_number_of_bins_used 
_refine_ls_shell.d_res_high 
_refine_ls_shell.d_res_low 
_refine_ls_shell.number_reflns_R_work 
_refine_ls_shell.R_factor_R_work 
_refine_ls_shell.percent_reflns_obs 
_refine_ls_shell.R_factor_R_free 
_refine_ls_shell.R_factor_R_free_error 
_refine_ls_shell.percent_reflns_R_free 
_refine_ls_shell.number_reflns_R_free 
_refine_ls_shell.number_reflns_all 
_refine_ls_shell.R_factor_all 
_refine_ls_shell.redundancy_reflns_obs 
_refine_ls_shell.number_reflns_obs 
'X-RAY DIFFRACTION' . 1.400  1.4180  1017 0.2617 78.00  0.2961 . . 100 . . . . 
'X-RAY DIFFRACTION' . 1.4180 1.4366  1127 0.2496 85.00  0.2610 . . 120 . . . . 
'X-RAY DIFFRACTION' . 1.4366 1.4563  1144 0.2462 91.00  0.2448 . . 143 . . . . 
'X-RAY DIFFRACTION' . 1.4563 1.4771  1185 0.2220 92.00  0.2330 . . 123 . . . . 
'X-RAY DIFFRACTION' . 1.4771 1.4992  1189 0.1997 92.00  0.2112 . . 146 . . . . 
'X-RAY DIFFRACTION' . 1.4992 1.5226  1198 0.1919 95.00  0.2237 . . 139 . . . . 
'X-RAY DIFFRACTION' . 1.5226 1.5476  1241 0.1783 95.00  0.2129 . . 140 . . . . 
'X-RAY DIFFRACTION' . 1.5476 1.5743  1256 0.1691 96.00  0.1922 . . 150 . . . . 
'X-RAY DIFFRACTION' . 1.5743 1.6029  1270 0.1644 97.00  0.2034 . . 117 . . . . 
'X-RAY DIFFRACTION' . 1.6029 1.6337  1248 0.1594 97.00  0.1911 . . 151 . . . . 
'X-RAY DIFFRACTION' . 1.6337 1.6671  1247 0.1533 97.00  0.1794 . . 142 . . . . 
'X-RAY DIFFRACTION' . 1.6671 1.7033  1272 0.1588 97.00  0.1849 . . 134 . . . . 
'X-RAY DIFFRACTION' . 1.7033 1.7429  1282 0.1631 98.00  0.1999 . . 144 . . . . 
'X-RAY DIFFRACTION' . 1.7429 1.7865  1283 0.1585 98.00  0.1998 . . 147 . . . . 
'X-RAY DIFFRACTION' . 1.7865 1.8348  1277 0.1530 99.00  0.1709 . . 144 . . . . 
'X-RAY DIFFRACTION' . 1.8348 1.8888  1287 0.1511 99.00  0.1625 . . 133 . . . . 
'X-RAY DIFFRACTION' . 1.8888 1.9498  1269 0.1528 99.00  0.1698 . . 162 . . . . 
'X-RAY DIFFRACTION' . 1.9498 2.0194  1298 0.1626 100.00 0.1989 . . 149 . . . . 
'X-RAY DIFFRACTION' . 2.0194 2.1003  1286 0.1589 100.00 0.1762 . . 157 . . . . 
'X-RAY DIFFRACTION' . 2.1003 2.1958  1320 0.1600 100.00 0.1832 . . 134 . . . . 
'X-RAY DIFFRACTION' . 2.1958 2.3116  1305 0.1594 100.00 0.1688 . . 151 . . . . 
'X-RAY DIFFRACTION' . 2.3116 2.4564  1299 0.1601 100.00 0.1895 . . 146 . . . . 
'X-RAY DIFFRACTION' . 2.4564 2.6459  1334 0.1579 100.00 0.1651 . . 129 . . . . 
'X-RAY DIFFRACTION' . 2.6459 2.9121  1331 0.1635 100.00 0.2085 . . 147 . . . . 
'X-RAY DIFFRACTION' . 2.9121 3.3331  1323 0.1554 100.00 0.1508 . . 146 . . . . 
'X-RAY DIFFRACTION' . 3.3331 4.1980  1313 0.1514 98.00  0.1663 . . 140 . . . . 
'X-RAY DIFFRACTION' . 4.1980 33.0425 1051 0.2020 76.00  0.2059 . . 109 . . . . 
# 
_struct.entry_id                  3RS0 
_struct.title                     'H-Ras soaked in neat cyclopentanol: one of 10 in MSCS set' 
_struct.pdbx_model_details        ? 
_struct.pdbx_CASP_flag            ? 
_struct.pdbx_model_type_details   ? 
# 
_struct_keywords.entry_id        3RS0 
_struct_keywords.text            'GTP-BINDING, NUCLEOTIDE BINDING, SIGNALING PROTEIN' 
_struct_keywords.pdbx_keywords   'SIGNALING PROTEIN' 
# 
loop_
_struct_asym.id 
_struct_asym.pdbx_blank_PDB_chainid_flag 
_struct_asym.pdbx_modified 
_struct_asym.entity_id 
_struct_asym.details 
A N N 1 ? 
B N N 2 ? 
C N N 3 ? 
D N N 3 ? 
E N N 4 ? 
F N N 5 ? 
G N N 4 ? 
H N N 5 ? 
I N N 6 ? 
# 
_struct_ref.id                         1 
_struct_ref.db_name                    UNP 
_struct_ref.db_code                    RASH_HUMAN 
_struct_ref.pdbx_db_accession          P01112 
_struct_ref.entity_id                  1 
_struct_ref.pdbx_seq_one_letter_code   
;MTEYKLVVVGAGGVGKSALTIQLIQNHFVDEYDPTIEDSYRKQVVIDGETCLLDILDTAGQEEYSAMRDQYMRTGEGFLC
VFAINNTKSFEDIHQYREQIKRVKDSDDVPMVLVGNKCDLAARTVESRQAQDLARSYGIPYIETSAKTRQGVEDAFYTLV
REIRQH
;
_struct_ref.pdbx_align_begin           1 
_struct_ref.pdbx_db_isoform            ? 
# 
_struct_ref_seq.align_id                      1 
_struct_ref_seq.ref_id                        1 
_struct_ref_seq.pdbx_PDB_id_code              3RS0 
_struct_ref_seq.pdbx_strand_id                A 
_struct_ref_seq.seq_align_beg                 1 
_struct_ref_seq.pdbx_seq_align_beg_ins_code   ? 
_struct_ref_seq.seq_align_end                 166 
_struct_ref_seq.pdbx_seq_align_end_ins_code   ? 
_struct_ref_seq.pdbx_db_accession             P01112 
_struct_ref_seq.db_align_beg                  1 
_struct_ref_seq.pdbx_db_align_beg_ins_code    ? 
_struct_ref_seq.db_align_end                  166 
_struct_ref_seq.pdbx_db_align_end_ins_code    ? 
_struct_ref_seq.pdbx_auth_seq_align_beg       1 
_struct_ref_seq.pdbx_auth_seq_align_end       166 
# 
_pdbx_struct_assembly.id                   1 
_pdbx_struct_assembly.details              author_defined_assembly 
_pdbx_struct_assembly.method_details       ? 
_pdbx_struct_assembly.oligomeric_details   monomeric 
_pdbx_struct_assembly.oligomeric_count     1 
# 
_pdbx_struct_assembly_gen.assembly_id       1 
_pdbx_struct_assembly_gen.oper_expression   1 
_pdbx_struct_assembly_gen.asym_id_list      A,B,C,D,E,F,G,H,I 
# 
_pdbx_struct_oper_list.id                   1 
_pdbx_struct_oper_list.type                 'identity operation' 
_pdbx_struct_oper_list.name                 1_555 
_pdbx_struct_oper_list.symmetry_operation   x,y,z 
_pdbx_struct_oper_list.matrix[1][1]         1.0000000000 
_pdbx_struct_oper_list.matrix[1][2]         0.0000000000 
_pdbx_struct_oper_list.matrix[1][3]         0.0000000000 
_pdbx_struct_oper_list.vector[1]            0.0000000000 
_pdbx_struct_oper_list.matrix[2][1]         0.0000000000 
_pdbx_struct_oper_list.matrix[2][2]         1.0000000000 
_pdbx_struct_oper_list.matrix[2][3]         0.0000000000 
_pdbx_struct_oper_list.vector[2]            0.0000000000 
_pdbx_struct_oper_list.matrix[3][1]         0.0000000000 
_pdbx_struct_oper_list.matrix[3][2]         0.0000000000 
_pdbx_struct_oper_list.matrix[3][3]         1.0000000000 
_pdbx_struct_oper_list.vector[3]            0.0000000000 
# 
_struct_biol.id        1 
_struct_biol.details   ? 
# 
loop_
_struct_conf.conf_type_id 
_struct_conf.id 
_struct_conf.pdbx_PDB_helix_id 
_struct_conf.beg_label_comp_id 
_struct_conf.beg_label_asym_id 
_struct_conf.beg_label_seq_id 
_struct_conf.pdbx_beg_PDB_ins_code 
_struct_conf.end_label_comp_id 
_struct_conf.end_label_asym_id 
_struct_conf.end_label_seq_id 
_struct_conf.pdbx_end_PDB_ins_code 
_struct_conf.beg_auth_comp_id 
_struct_conf.beg_auth_asym_id 
_struct_conf.beg_auth_seq_id 
_struct_conf.end_auth_comp_id 
_struct_conf.end_auth_asym_id 
_struct_conf.end_auth_seq_id 
_struct_conf.pdbx_PDB_helix_class 
_struct_conf.details 
_struct_conf.pdbx_PDB_helix_length 
HELX_P HELX_P1 1 GLY A 15  ? ASN A 26  ? GLY A 15  ASN A 26  1 ? 12 
HELX_P HELX_P2 2 GLN A 61  ? SER A 65  ? GLN A 61  SER A 65  5 ? 5  
HELX_P HELX_P3 3 MET A 67  ? ARG A 73  ? MET A 67  ARG A 73  1 ? 7  
HELX_P HELX_P4 4 ASN A 86  ? ASP A 92  ? ASN A 86  ASP A 92  1 ? 7  
HELX_P HELX_P5 5 ASP A 92  ? ASP A 105 ? ASP A 92  ASP A 105 1 ? 14 
HELX_P HELX_P6 6 GLU A 126 ? GLY A 138 ? GLU A 126 GLY A 138 1 ? 13 
HELX_P HELX_P7 7 GLY A 151 ? ARG A 164 ? GLY A 151 ARG A 164 1 ? 14 
# 
_struct_conf_type.id          HELX_P 
_struct_conf_type.criteria    ? 
_struct_conf_type.reference   ? 
# 
loop_
_struct_conn.id 
_struct_conn.conn_type_id 
_struct_conn.pdbx_leaving_atom_flag 
_struct_conn.pdbx_PDB_id 
_struct_conn.ptnr1_label_asym_id 
_struct_conn.ptnr1_label_comp_id 
_struct_conn.ptnr1_label_seq_id 
_struct_conn.ptnr1_label_atom_id 
_struct_conn.pdbx_ptnr1_label_alt_id 
_struct_conn.pdbx_ptnr1_PDB_ins_code 
_struct_conn.pdbx_ptnr1_standard_comp_id 
_struct_conn.ptnr1_symmetry 
_struct_conn.ptnr2_label_asym_id 
_struct_conn.ptnr2_label_comp_id 
_struct_conn.ptnr2_label_seq_id 
_struct_conn.ptnr2_label_atom_id 
_struct_conn.pdbx_ptnr2_label_alt_id 
_struct_conn.pdbx_ptnr2_PDB_ins_code 
_struct_conn.ptnr1_auth_asym_id 
_struct_conn.ptnr1_auth_comp_id 
_struct_conn.ptnr1_auth_seq_id 
_struct_conn.ptnr2_auth_asym_id 
_struct_conn.ptnr2_auth_comp_id 
_struct_conn.ptnr2_auth_seq_id 
_struct_conn.ptnr2_symmetry 
_struct_conn.pdbx_ptnr3_label_atom_id 
_struct_conn.pdbx_ptnr3_label_seq_id 
_struct_conn.pdbx_ptnr3_label_comp_id 
_struct_conn.pdbx_ptnr3_label_asym_id 
_struct_conn.pdbx_ptnr3_label_alt_id 
_struct_conn.pdbx_ptnr3_PDB_ins_code 
_struct_conn.details 
_struct_conn.pdbx_dist_value 
_struct_conn.pdbx_value_order 
_struct_conn.pdbx_role 
metalc1  metalc ? ? A SER 17  OG  ? ? ? 1_555 F MG  . MG ? ? A SER 17  A MG  192 1_555 ? ? ? ? ? ? ? 2.099 ? ? 
metalc2  metalc ? ? A PHE 28  O   ? ? ? 1_555 E CA  . CA ? ? A PHE 28  A CA  193 1_555 ? ? ? ? ? ? ? 2.359 ? ? 
metalc3  metalc ? ? A ASP 30  OD2 ? ? ? 1_555 E CA  . CA ? ? A ASP 30  A CA  193 1_555 ? ? ? ? ? ? ? 2.401 ? ? 
metalc4  metalc ? ? A THR 35  OG1 ? ? ? 1_555 F MG  . MG ? ? A THR 35  A MG  192 1_555 ? ? ? ? ? ? ? 2.131 ? ? 
metalc5  metalc ? ? A ARG 102 O   ? ? ? 1_555 G CA  . CA ? ? A ARG 102 A CA  195 1_555 ? ? ? ? ? ? ? 2.309 ? ? 
metalc6  metalc ? ? A ASP 105 OD1 ? ? ? 1_555 G CA  . CA ? ? A ASP 105 A CA  195 1_555 ? ? ? ? ? ? ? 2.579 ? ? 
metalc7  metalc ? ? A ASP 105 OD2 ? ? ? 1_555 G CA  . CA ? ? A ASP 105 A CA  195 1_555 ? ? ? ? ? ? ? 2.810 ? ? 
metalc8  metalc ? ? B GNP .   O2G ? ? ? 1_555 F MG  . MG ? ? A GNP 190 A MG  192 1_555 ? ? ? ? ? ? ? 2.074 ? ? 
metalc9  metalc ? ? B GNP .   O2B ? ? ? 1_555 F MG  . MG ? ? A GNP 190 A MG  192 1_555 ? ? ? ? ? ? ? 2.092 ? ? 
metalc10 metalc ? ? F MG  .   MG  ? ? ? 1_555 I HOH . O  ? ? A MG  192 A HOH 301 1_555 ? ? ? ? ? ? ? 2.180 ? ? 
metalc11 metalc ? ? F MG  .   MG  ? ? ? 1_555 I HOH . O  ? ? A MG  192 A HOH 303 1_555 ? ? ? ? ? ? ? 2.114 ? ? 
metalc12 metalc ? ? E CA  .   CA  ? ? ? 1_555 I HOH . O  ? ? A CA  193 A HOH 309 1_555 ? ? ? ? ? ? ? 2.454 ? ? 
metalc13 metalc ? ? H MG  .   MG  ? ? ? 1_555 I HOH . O  ? ? A MG  194 A HOH 342 1_555 ? ? ? ? ? ? ? 2.619 ? ? 
metalc14 metalc ? ? H MG  .   MG  ? ? ? 1_555 I HOH . O  ? ? A MG  194 A HOH 364 1_555 ? ? ? ? ? ? ? 2.540 ? ? 
metalc15 metalc ? ? G CA  .   CA  ? ? ? 1_555 I HOH . O  ? ? A CA  195 A HOH 393 1_555 ? ? ? ? ? ? ? 2.804 ? ? 
# 
_struct_conn_type.id          metalc 
_struct_conn_type.criteria    ? 
_struct_conn_type.reference   ? 
# 
loop_
_pdbx_struct_conn_angle.id 
_pdbx_struct_conn_angle.ptnr1_label_atom_id 
_pdbx_struct_conn_angle.ptnr1_label_alt_id 
_pdbx_struct_conn_angle.ptnr1_label_asym_id 
_pdbx_struct_conn_angle.ptnr1_label_comp_id 
_pdbx_struct_conn_angle.ptnr1_label_seq_id 
_pdbx_struct_conn_angle.ptnr1_auth_atom_id 
_pdbx_struct_conn_angle.ptnr1_auth_asym_id 
_pdbx_struct_conn_angle.ptnr1_auth_comp_id 
_pdbx_struct_conn_angle.ptnr1_auth_seq_id 
_pdbx_struct_conn_angle.ptnr1_PDB_ins_code 
_pdbx_struct_conn_angle.ptnr1_symmetry 
_pdbx_struct_conn_angle.ptnr2_label_atom_id 
_pdbx_struct_conn_angle.ptnr2_label_alt_id 
_pdbx_struct_conn_angle.ptnr2_label_asym_id 
_pdbx_struct_conn_angle.ptnr2_label_comp_id 
_pdbx_struct_conn_angle.ptnr2_label_seq_id 
_pdbx_struct_conn_angle.ptnr2_auth_atom_id 
_pdbx_struct_conn_angle.ptnr2_auth_asym_id 
_pdbx_struct_conn_angle.ptnr2_auth_comp_id 
_pdbx_struct_conn_angle.ptnr2_auth_seq_id 
_pdbx_struct_conn_angle.ptnr2_PDB_ins_code 
_pdbx_struct_conn_angle.ptnr2_symmetry 
_pdbx_struct_conn_angle.ptnr3_label_atom_id 
_pdbx_struct_conn_angle.ptnr3_label_alt_id 
_pdbx_struct_conn_angle.ptnr3_label_asym_id 
_pdbx_struct_conn_angle.ptnr3_label_comp_id 
_pdbx_struct_conn_angle.ptnr3_label_seq_id 
_pdbx_struct_conn_angle.ptnr3_auth_atom_id 
_pdbx_struct_conn_angle.ptnr3_auth_asym_id 
_pdbx_struct_conn_angle.ptnr3_auth_comp_id 
_pdbx_struct_conn_angle.ptnr3_auth_seq_id 
_pdbx_struct_conn_angle.ptnr3_PDB_ins_code 
_pdbx_struct_conn_angle.ptnr3_symmetry 
_pdbx_struct_conn_angle.value 
_pdbx_struct_conn_angle.value_esd 
1  OG  ? A SER 17  ? A SER 17  ? 1_555 MG ? F MG . ? A MG 192 ? 1_555 OG1 ? A THR 35  ? A THR 35  ? 1_555 82.6  ? 
2  OG  ? A SER 17  ? A SER 17  ? 1_555 MG ? F MG . ? A MG 192 ? 1_555 O2G ? B GNP .   ? A GNP 190 ? 1_555 172.0 ? 
3  OG1 ? A THR 35  ? A THR 35  ? 1_555 MG ? F MG . ? A MG 192 ? 1_555 O2G ? B GNP .   ? A GNP 190 ? 1_555 89.6  ? 
4  OG  ? A SER 17  ? A SER 17  ? 1_555 MG ? F MG . ? A MG 192 ? 1_555 O2B ? B GNP .   ? A GNP 190 ? 1_555 92.8  ? 
5  OG1 ? A THR 35  ? A THR 35  ? 1_555 MG ? F MG . ? A MG 192 ? 1_555 O2B ? B GNP .   ? A GNP 190 ? 1_555 174.5 ? 
6  O2G ? B GNP .   ? A GNP 190 ? 1_555 MG ? F MG . ? A MG 192 ? 1_555 O2B ? B GNP .   ? A GNP 190 ? 1_555 95.1  ? 
7  OG  ? A SER 17  ? A SER 17  ? 1_555 MG ? F MG . ? A MG 192 ? 1_555 O   ? I HOH .   ? A HOH 301 ? 1_555 90.0  ? 
8  OG1 ? A THR 35  ? A THR 35  ? 1_555 MG ? F MG . ? A MG 192 ? 1_555 O   ? I HOH .   ? A HOH 301 ? 1_555 88.8  ? 
9  O2G ? B GNP .   ? A GNP 190 ? 1_555 MG ? F MG . ? A MG 192 ? 1_555 O   ? I HOH .   ? A HOH 301 ? 1_555 91.6  ? 
10 O2B ? B GNP .   ? A GNP 190 ? 1_555 MG ? F MG . ? A MG 192 ? 1_555 O   ? I HOH .   ? A HOH 301 ? 1_555 88.1  ? 
11 OG  ? A SER 17  ? A SER 17  ? 1_555 MG ? F MG . ? A MG 192 ? 1_555 O   ? I HOH .   ? A HOH 303 ? 1_555 87.4  ? 
12 OG1 ? A THR 35  ? A THR 35  ? 1_555 MG ? F MG . ? A MG 192 ? 1_555 O   ? I HOH .   ? A HOH 303 ? 1_555 92.0  ? 
13 O2G ? B GNP .   ? A GNP 190 ? 1_555 MG ? F MG . ? A MG 192 ? 1_555 O   ? I HOH .   ? A HOH 303 ? 1_555 91.2  ? 
14 O2B ? B GNP .   ? A GNP 190 ? 1_555 MG ? F MG . ? A MG 192 ? 1_555 O   ? I HOH .   ? A HOH 303 ? 1_555 90.8  ? 
15 O   ? I HOH .   ? A HOH 301 ? 1_555 MG ? F MG . ? A MG 192 ? 1_555 O   ? I HOH .   ? A HOH 303 ? 1_555 177.2 ? 
16 O   ? A PHE 28  ? A PHE 28  ? 1_555 CA ? E CA . ? A CA 193 ? 1_555 OD2 ? A ASP 30  ? A ASP 30  ? 1_555 86.8  ? 
17 O   ? A PHE 28  ? A PHE 28  ? 1_555 CA ? E CA . ? A CA 193 ? 1_555 O   ? I HOH .   ? A HOH 309 ? 1_555 89.6  ? 
18 OD2 ? A ASP 30  ? A ASP 30  ? 1_555 CA ? E CA . ? A CA 193 ? 1_555 O   ? I HOH .   ? A HOH 309 ? 1_555 83.6  ? 
19 O   ? A ARG 102 ? A ARG 102 ? 1_555 CA ? G CA . ? A CA 195 ? 1_555 OD1 ? A ASP 105 ? A ASP 105 ? 1_555 88.5  ? 
20 O   ? A ARG 102 ? A ARG 102 ? 1_555 CA ? G CA . ? A CA 195 ? 1_555 OD2 ? A ASP 105 ? A ASP 105 ? 1_555 88.3  ? 
21 OD1 ? A ASP 105 ? A ASP 105 ? 1_555 CA ? G CA . ? A CA 195 ? 1_555 OD2 ? A ASP 105 ? A ASP 105 ? 1_555 48.0  ? 
22 O   ? A ARG 102 ? A ARG 102 ? 1_555 CA ? G CA . ? A CA 195 ? 1_555 O   ? I HOH .   ? A HOH 393 ? 1_555 90.9  ? 
23 OD1 ? A ASP 105 ? A ASP 105 ? 1_555 CA ? G CA . ? A CA 195 ? 1_555 O   ? I HOH .   ? A HOH 393 ? 1_555 88.1  ? 
24 OD2 ? A ASP 105 ? A ASP 105 ? 1_555 CA ? G CA . ? A CA 195 ? 1_555 O   ? I HOH .   ? A HOH 393 ? 1_555 136.1 ? 
25 O   ? I HOH .   ? A HOH 342 ? 1_555 MG ? H MG . ? A MG 194 ? 1_555 O   ? I HOH .   ? A HOH 364 ? 1_555 81.2  ? 
# 
_struct_sheet.id               A 
_struct_sheet.type             ? 
_struct_sheet.number_strands   6 
_struct_sheet.details          ? 
# 
loop_
_struct_sheet_order.sheet_id 
_struct_sheet_order.range_id_1 
_struct_sheet_order.range_id_2 
_struct_sheet_order.offset 
_struct_sheet_order.sense 
A 1 2 ? anti-parallel 
A 2 3 ? parallel      
A 3 4 ? parallel      
A 4 5 ? parallel      
A 5 6 ? parallel      
# 
loop_
_struct_sheet_range.sheet_id 
_struct_sheet_range.id 
_struct_sheet_range.beg_label_comp_id 
_struct_sheet_range.beg_label_asym_id 
_struct_sheet_range.beg_label_seq_id 
_struct_sheet_range.pdbx_beg_PDB_ins_code 
_struct_sheet_range.end_label_comp_id 
_struct_sheet_range.end_label_asym_id 
_struct_sheet_range.end_label_seq_id 
_struct_sheet_range.pdbx_end_PDB_ins_code 
_struct_sheet_range.beg_auth_comp_id 
_struct_sheet_range.beg_auth_asym_id 
_struct_sheet_range.beg_auth_seq_id 
_struct_sheet_range.end_auth_comp_id 
_struct_sheet_range.end_auth_asym_id 
_struct_sheet_range.end_auth_seq_id 
A 1 GLU A 37  ? ILE A 46  ? GLU A 37  ILE A 46  
A 2 GLU A 49  ? THR A 58  ? GLU A 49  THR A 58  
A 3 GLU A 3   ? VAL A 9   ? GLU A 3   VAL A 9   
A 4 GLY A 77  ? ALA A 83  ? GLY A 77  ALA A 83  
A 5 MET A 111 ? ASN A 116 ? MET A 111 ASN A 116 
A 6 TYR A 141 ? GLU A 143 ? TYR A 141 GLU A 143 
# 
loop_
_pdbx_struct_sheet_hbond.sheet_id 
_pdbx_struct_sheet_hbond.range_id_1 
_pdbx_struct_sheet_hbond.range_id_2 
_pdbx_struct_sheet_hbond.range_1_label_atom_id 
_pdbx_struct_sheet_hbond.range_1_label_comp_id 
_pdbx_struct_sheet_hbond.range_1_label_asym_id 
_pdbx_struct_sheet_hbond.range_1_label_seq_id 
_pdbx_struct_sheet_hbond.range_1_PDB_ins_code 
_pdbx_struct_sheet_hbond.range_1_auth_atom_id 
_pdbx_struct_sheet_hbond.range_1_auth_comp_id 
_pdbx_struct_sheet_hbond.range_1_auth_asym_id 
_pdbx_struct_sheet_hbond.range_1_auth_seq_id 
_pdbx_struct_sheet_hbond.range_2_label_atom_id 
_pdbx_struct_sheet_hbond.range_2_label_comp_id 
_pdbx_struct_sheet_hbond.range_2_label_asym_id 
_pdbx_struct_sheet_hbond.range_2_label_seq_id 
_pdbx_struct_sheet_hbond.range_2_PDB_ins_code 
_pdbx_struct_sheet_hbond.range_2_auth_atom_id 
_pdbx_struct_sheet_hbond.range_2_auth_comp_id 
_pdbx_struct_sheet_hbond.range_2_auth_asym_id 
_pdbx_struct_sheet_hbond.range_2_auth_seq_id 
A 1 2 N TYR A 40  ? N TYR A 40  O ILE A 55  ? O ILE A 55  
A 2 3 O LEU A 56  ? O LEU A 56  N VAL A 8   ? N VAL A 8   
A 3 4 N VAL A 9   ? N VAL A 9   O VAL A 81  ? O VAL A 81  
A 4 5 N PHE A 82  ? N PHE A 82  O ASN A 116 ? O ASN A 116 
A 5 6 N LEU A 113 ? N LEU A 113 O ILE A 142 ? O ILE A 142 
# 
loop_
_struct_site.id 
_struct_site.pdbx_evidence_code 
_struct_site.pdbx_auth_asym_id 
_struct_site.pdbx_auth_comp_id 
_struct_site.pdbx_auth_seq_id 
_struct_site.pdbx_auth_ins_code 
_struct_site.pdbx_num_residues 
_struct_site.details 
AC1 Software A GNP 190 ? 33 'BINDING SITE FOR RESIDUE GNP A 190' 
AC2 Software A YEG 206 ? 4  'BINDING SITE FOR RESIDUE YEG A 206' 
AC3 Software A YEG 216 ? 5  'BINDING SITE FOR RESIDUE YEG A 216' 
AC4 Software A CA  193 ? 6  'BINDING SITE FOR RESIDUE CA A 193'  
AC5 Software A MG  192 ? 5  'BINDING SITE FOR RESIDUE MG A 192'  
AC6 Software A CA  195 ? 6  'BINDING SITE FOR RESIDUE CA A 195'  
AC7 Software A MG  194 ? 9  'BINDING SITE FOR RESIDUE MG A 194'  
# 
loop_
_struct_site_gen.id 
_struct_site_gen.site_id 
_struct_site_gen.pdbx_num_res 
_struct_site_gen.label_comp_id 
_struct_site_gen.label_asym_id 
_struct_site_gen.label_seq_id 
_struct_site_gen.pdbx_auth_ins_code 
_struct_site_gen.auth_comp_id 
_struct_site_gen.auth_asym_id 
_struct_site_gen.auth_seq_id 
_struct_site_gen.label_atom_id 
_struct_site_gen.label_alt_id 
_struct_site_gen.symmetry 
_struct_site_gen.details 
1  AC1 33 GLY A 12  ? GLY A 12  . ? 1_555 ? 
2  AC1 33 GLY A 13  ? GLY A 13  . ? 1_555 ? 
3  AC1 33 VAL A 14  ? VAL A 14  . ? 1_555 ? 
4  AC1 33 GLY A 15  ? GLY A 15  . ? 1_555 ? 
5  AC1 33 LYS A 16  ? LYS A 16  . ? 1_555 ? 
6  AC1 33 SER A 17  ? SER A 17  . ? 1_555 ? 
7  AC1 33 ALA A 18  ? ALA A 18  . ? 1_555 ? 
8  AC1 33 PHE A 28  ? PHE A 28  . ? 1_555 ? 
9  AC1 33 VAL A 29  ? VAL A 29  . ? 1_555 ? 
10 AC1 33 ASP A 30  ? ASP A 30  . ? 1_555 ? 
11 AC1 33 GLU A 31  ? GLU A 31  . ? 1_555 ? 
12 AC1 33 TYR A 32  ? TYR A 32  . ? 1_555 ? 
13 AC1 33 PRO A 34  ? PRO A 34  . ? 1_555 ? 
14 AC1 33 THR A 35  ? THR A 35  . ? 1_555 ? 
15 AC1 33 GLY A 60  ? GLY A 60  . ? 1_555 ? 
16 AC1 33 GLN A 61  ? GLN A 61  . ? 1_555 ? 
17 AC1 33 ASN A 116 ? ASN A 116 . ? 1_555 ? 
18 AC1 33 LYS A 117 ? LYS A 117 . ? 1_555 ? 
19 AC1 33 ASP A 119 ? ASP A 119 . ? 1_555 ? 
20 AC1 33 LEU A 120 ? LEU A 120 . ? 1_555 ? 
21 AC1 33 SER A 145 ? SER A 145 . ? 1_555 ? 
22 AC1 33 ALA A 146 ? ALA A 146 . ? 1_555 ? 
23 AC1 33 LYS A 147 ? LYS A 147 . ? 1_555 ? 
24 AC1 33 MG  F .   ? MG  A 192 . ? 1_555 ? 
25 AC1 33 YEG C .   ? YEG A 206 . ? 1_555 ? 
26 AC1 33 HOH I .   ? HOH A 301 . ? 1_555 ? 
27 AC1 33 HOH I .   ? HOH A 303 . ? 1_555 ? 
28 AC1 33 HOH I .   ? HOH A 304 . ? 1_555 ? 
29 AC1 33 HOH I .   ? HOH A 305 . ? 1_555 ? 
30 AC1 33 HOH I .   ? HOH A 327 . ? 1_555 ? 
31 AC1 33 HOH I .   ? HOH A 333 . ? 1_555 ? 
32 AC1 33 HOH I .   ? HOH A 334 . ? 1_555 ? 
33 AC1 33 HOH I .   ? HOH A 390 . ? 1_555 ? 
34 AC2 4  ASP A 30  ? ASP A 30  . ? 1_555 ? 
35 AC2 4  TYR A 32  ? TYR A 32  . ? 1_555 ? 
36 AC2 4  GNP B .   ? GNP A 190 . ? 1_555 ? 
37 AC2 4  HOH I .   ? HOH A 349 . ? 1_555 ? 
38 AC3 5  GLU A 37  ? GLU A 37  . ? 1_555 ? 
39 AC3 5  ASP A 38  ? ASP A 38  . ? 1_555 ? 
40 AC3 5  LYS A 42  ? LYS A 42  . ? 5_674 ? 
41 AC3 5  TYR A 71  ? TYR A 71  . ? 1_555 ? 
42 AC3 5  HOH I .   ? HOH A 322 . ? 5_674 ? 
43 AC4 6  PHE A 28  ? PHE A 28  . ? 1_555 ? 
44 AC4 6  ASP A 30  ? ASP A 30  . ? 1_555 ? 
45 AC4 6  GLU A 31  ? GLU A 31  . ? 5_674 ? 
46 AC4 6  ASP A 33  ? ASP A 33  . ? 5_674 ? 
47 AC4 6  HOH I .   ? HOH A 309 . ? 1_555 ? 
48 AC4 6  HOH I .   ? HOH A 319 . ? 5_674 ? 
49 AC5 5  SER A 17  ? SER A 17  . ? 1_555 ? 
50 AC5 5  THR A 35  ? THR A 35  . ? 1_555 ? 
51 AC5 5  GNP B .   ? GNP A 190 . ? 1_555 ? 
52 AC5 5  HOH I .   ? HOH A 301 . ? 1_555 ? 
53 AC5 5  HOH I .   ? HOH A 303 . ? 1_555 ? 
54 AC6 6  ARG A 102 ? ARG A 102 . ? 6_554 ? 
55 AC6 6  ARG A 102 ? ARG A 102 . ? 1_555 ? 
56 AC6 6  ASP A 105 ? ASP A 105 . ? 6_554 ? 
57 AC6 6  ASP A 105 ? ASP A 105 . ? 1_555 ? 
58 AC6 6  HOH I .   ? HOH A 393 . ? 6_554 ? 
59 AC6 6  HOH I .   ? HOH A 393 . ? 1_555 ? 
60 AC7 9  HOH I .   ? HOH A 342 . ? 2_665 ? 
61 AC7 9  HOH I .   ? HOH A 342 . ? 3_565 ? 
62 AC7 9  HOH I .   ? HOH A 342 . ? 1_555 ? 
63 AC7 9  HOH I .   ? HOH A 364 . ? 3_565 ? 
64 AC7 9  HOH I .   ? HOH A 364 . ? 1_555 ? 
65 AC7 9  HOH I .   ? HOH A 364 . ? 2_665 ? 
66 AC7 9  HOH I .   ? HOH A 440 . ? 3_565 ? 
67 AC7 9  HOH I .   ? HOH A 440 . ? 2_665 ? 
68 AC7 9  HOH I .   ? HOH A 440 . ? 1_555 ? 
# 
_pdbx_validate_close_contact.id               1 
_pdbx_validate_close_contact.PDB_model_num    1 
_pdbx_validate_close_contact.auth_atom_id_1   O 
_pdbx_validate_close_contact.auth_asym_id_1   A 
_pdbx_validate_close_contact.auth_comp_id_1   HOH 
_pdbx_validate_close_contact.auth_seq_id_1    347 
_pdbx_validate_close_contact.PDB_ins_code_1   ? 
_pdbx_validate_close_contact.label_alt_id_1   ? 
_pdbx_validate_close_contact.auth_atom_id_2   O 
_pdbx_validate_close_contact.auth_asym_id_2   A 
_pdbx_validate_close_contact.auth_comp_id_2   HOH 
_pdbx_validate_close_contact.auth_seq_id_2    422 
_pdbx_validate_close_contact.PDB_ins_code_2   ? 
_pdbx_validate_close_contact.label_alt_id_2   ? 
_pdbx_validate_close_contact.dist             2.15 
# 
loop_
_pdbx_validate_torsion.id 
_pdbx_validate_torsion.PDB_model_num 
_pdbx_validate_torsion.auth_comp_id 
_pdbx_validate_torsion.auth_asym_id 
_pdbx_validate_torsion.auth_seq_id 
_pdbx_validate_torsion.PDB_ins_code 
_pdbx_validate_torsion.label_alt_id 
_pdbx_validate_torsion.phi 
_pdbx_validate_torsion.psi 
1 1 ILE A 36  ? ? -90.84 -83.28 
2 1 ARG A 149 ? ? 82.57  -5.28  
# 
loop_
_pdbx_struct_special_symmetry.id 
_pdbx_struct_special_symmetry.PDB_model_num 
_pdbx_struct_special_symmetry.auth_asym_id 
_pdbx_struct_special_symmetry.auth_comp_id 
_pdbx_struct_special_symmetry.auth_seq_id 
_pdbx_struct_special_symmetry.PDB_ins_code 
_pdbx_struct_special_symmetry.label_asym_id 
_pdbx_struct_special_symmetry.label_comp_id 
_pdbx_struct_special_symmetry.label_seq_id 
1 1 A CA  195 ? G CA  . 
2 1 A MG  194 ? H MG  . 
3 1 A HOH 370 ? I HOH . 
4 1 A HOH 378 ? I HOH . 
5 1 A HOH 393 ? I HOH . 
6 1 A HOH 396 ? I HOH . 
7 1 A HOH 399 ? I HOH . 
8 1 A HOH 407 ? I HOH . 
9 1 A HOH 440 ? I HOH . 
# 
_phasing.method   MR 
# 
loop_
_chem_comp_atom.comp_id 
_chem_comp_atom.atom_id 
_chem_comp_atom.type_symbol 
_chem_comp_atom.pdbx_aromatic_flag 
_chem_comp_atom.pdbx_stereo_config 
_chem_comp_atom.pdbx_ordinal 
ALA N      N  N N 1   
ALA CA     C  N S 2   
ALA C      C  N N 3   
ALA O      O  N N 4   
ALA CB     C  N N 5   
ALA OXT    O  N N 6   
ALA H      H  N N 7   
ALA H2     H  N N 8   
ALA HA     H  N N 9   
ALA HB1    H  N N 10  
ALA HB2    H  N N 11  
ALA HB3    H  N N 12  
ALA HXT    H  N N 13  
ARG N      N  N N 14  
ARG CA     C  N S 15  
ARG C      C  N N 16  
ARG O      O  N N 17  
ARG CB     C  N N 18  
ARG CG     C  N N 19  
ARG CD     C  N N 20  
ARG NE     N  N N 21  
ARG CZ     C  N N 22  
ARG NH1    N  N N 23  
ARG NH2    N  N N 24  
ARG OXT    O  N N 25  
ARG H      H  N N 26  
ARG H2     H  N N 27  
ARG HA     H  N N 28  
ARG HB2    H  N N 29  
ARG HB3    H  N N 30  
ARG HG2    H  N N 31  
ARG HG3    H  N N 32  
ARG HD2    H  N N 33  
ARG HD3    H  N N 34  
ARG HE     H  N N 35  
ARG HH11   H  N N 36  
ARG HH12   H  N N 37  
ARG HH21   H  N N 38  
ARG HH22   H  N N 39  
ARG HXT    H  N N 40  
ASN N      N  N N 41  
ASN CA     C  N S 42  
ASN C      C  N N 43  
ASN O      O  N N 44  
ASN CB     C  N N 45  
ASN CG     C  N N 46  
ASN OD1    O  N N 47  
ASN ND2    N  N N 48  
ASN OXT    O  N N 49  
ASN H      H  N N 50  
ASN H2     H  N N 51  
ASN HA     H  N N 52  
ASN HB2    H  N N 53  
ASN HB3    H  N N 54  
ASN HD21   H  N N 55  
ASN HD22   H  N N 56  
ASN HXT    H  N N 57  
ASP N      N  N N 58  
ASP CA     C  N S 59  
ASP C      C  N N 60  
ASP O      O  N N 61  
ASP CB     C  N N 62  
ASP CG     C  N N 63  
ASP OD1    O  N N 64  
ASP OD2    O  N N 65  
ASP OXT    O  N N 66  
ASP H      H  N N 67  
ASP H2     H  N N 68  
ASP HA     H  N N 69  
ASP HB2    H  N N 70  
ASP HB3    H  N N 71  
ASP HD2    H  N N 72  
ASP HXT    H  N N 73  
CA  CA     CA N N 74  
CYS N      N  N N 75  
CYS CA     C  N R 76  
CYS C      C  N N 77  
CYS O      O  N N 78  
CYS CB     C  N N 79  
CYS SG     S  N N 80  
CYS OXT    O  N N 81  
CYS H      H  N N 82  
CYS H2     H  N N 83  
CYS HA     H  N N 84  
CYS HB2    H  N N 85  
CYS HB3    H  N N 86  
CYS HG     H  N N 87  
CYS HXT    H  N N 88  
GLN N      N  N N 89  
GLN CA     C  N S 90  
GLN C      C  N N 91  
GLN O      O  N N 92  
GLN CB     C  N N 93  
GLN CG     C  N N 94  
GLN CD     C  N N 95  
GLN OE1    O  N N 96  
GLN NE2    N  N N 97  
GLN OXT    O  N N 98  
GLN H      H  N N 99  
GLN H2     H  N N 100 
GLN HA     H  N N 101 
GLN HB2    H  N N 102 
GLN HB3    H  N N 103 
GLN HG2    H  N N 104 
GLN HG3    H  N N 105 
GLN HE21   H  N N 106 
GLN HE22   H  N N 107 
GLN HXT    H  N N 108 
GLU N      N  N N 109 
GLU CA     C  N S 110 
GLU C      C  N N 111 
GLU O      O  N N 112 
GLU CB     C  N N 113 
GLU CG     C  N N 114 
GLU CD     C  N N 115 
GLU OE1    O  N N 116 
GLU OE2    O  N N 117 
GLU OXT    O  N N 118 
GLU H      H  N N 119 
GLU H2     H  N N 120 
GLU HA     H  N N 121 
GLU HB2    H  N N 122 
GLU HB3    H  N N 123 
GLU HG2    H  N N 124 
GLU HG3    H  N N 125 
GLU HE2    H  N N 126 
GLU HXT    H  N N 127 
GLY N      N  N N 128 
GLY CA     C  N N 129 
GLY C      C  N N 130 
GLY O      O  N N 131 
GLY OXT    O  N N 132 
GLY H      H  N N 133 
GLY H2     H  N N 134 
GLY HA2    H  N N 135 
GLY HA3    H  N N 136 
GLY HXT    H  N N 137 
GNP PG     P  N N 138 
GNP O1G    O  N N 139 
GNP O2G    O  N N 140 
GNP O3G    O  N N 141 
GNP N3B    N  N N 142 
GNP PB     P  N R 143 
GNP O1B    O  N N 144 
GNP O2B    O  N N 145 
GNP O3A    O  N N 146 
GNP PA     P  N S 147 
GNP O1A    O  N N 148 
GNP O2A    O  N N 149 
GNP "O5'"  O  N N 150 
GNP "C5'"  C  N N 151 
GNP "C4'"  C  N R 152 
GNP "O4'"  O  N N 153 
GNP "C3'"  C  N S 154 
GNP "O3'"  O  N N 155 
GNP "C2'"  C  N R 156 
GNP "O2'"  O  N N 157 
GNP "C1'"  C  N R 158 
GNP N9     N  Y N 159 
GNP C8     C  Y N 160 
GNP N7     N  Y N 161 
GNP C5     C  Y N 162 
GNP C6     C  Y N 163 
GNP O6     O  N N 164 
GNP N1     N  Y N 165 
GNP C2     C  Y N 166 
GNP N2     N  N N 167 
GNP N3     N  Y N 168 
GNP C4     C  Y N 169 
GNP HOG2   H  N N 170 
GNP HOG3   H  N N 171 
GNP HNB3   H  N N 172 
GNP HOB2   H  N N 173 
GNP HOA2   H  N N 174 
GNP "H5'2" H  N N 175 
GNP "H5'1" H  N N 176 
GNP "H4'"  H  N N 177 
GNP "H3'"  H  N N 178 
GNP "HO3'" H  N N 179 
GNP "H2'"  H  N N 180 
GNP "HO2'" H  N N 181 
GNP "H1'"  H  N N 182 
GNP H8     H  N N 183 
GNP HN1    H  N N 184 
GNP HN21   H  N N 185 
GNP HN22   H  N N 186 
HIS N      N  N N 187 
HIS CA     C  N S 188 
HIS C      C  N N 189 
HIS O      O  N N 190 
HIS CB     C  N N 191 
HIS CG     C  Y N 192 
HIS ND1    N  Y N 193 
HIS CD2    C  Y N 194 
HIS CE1    C  Y N 195 
HIS NE2    N  Y N 196 
HIS OXT    O  N N 197 
HIS H      H  N N 198 
HIS H2     H  N N 199 
HIS HA     H  N N 200 
HIS HB2    H  N N 201 
HIS HB3    H  N N 202 
HIS HD1    H  N N 203 
HIS HD2    H  N N 204 
HIS HE1    H  N N 205 
HIS HE2    H  N N 206 
HIS HXT    H  N N 207 
HOH O      O  N N 208 
HOH H1     H  N N 209 
HOH H2     H  N N 210 
ILE N      N  N N 211 
ILE CA     C  N S 212 
ILE C      C  N N 213 
ILE O      O  N N 214 
ILE CB     C  N S 215 
ILE CG1    C  N N 216 
ILE CG2    C  N N 217 
ILE CD1    C  N N 218 
ILE OXT    O  N N 219 
ILE H      H  N N 220 
ILE H2     H  N N 221 
ILE HA     H  N N 222 
ILE HB     H  N N 223 
ILE HG12   H  N N 224 
ILE HG13   H  N N 225 
ILE HG21   H  N N 226 
ILE HG22   H  N N 227 
ILE HG23   H  N N 228 
ILE HD11   H  N N 229 
ILE HD12   H  N N 230 
ILE HD13   H  N N 231 
ILE HXT    H  N N 232 
LEU N      N  N N 233 
LEU CA     C  N S 234 
LEU C      C  N N 235 
LEU O      O  N N 236 
LEU CB     C  N N 237 
LEU CG     C  N N 238 
LEU CD1    C  N N 239 
LEU CD2    C  N N 240 
LEU OXT    O  N N 241 
LEU H      H  N N 242 
LEU H2     H  N N 243 
LEU HA     H  N N 244 
LEU HB2    H  N N 245 
LEU HB3    H  N N 246 
LEU HG     H  N N 247 
LEU HD11   H  N N 248 
LEU HD12   H  N N 249 
LEU HD13   H  N N 250 
LEU HD21   H  N N 251 
LEU HD22   H  N N 252 
LEU HD23   H  N N 253 
LEU HXT    H  N N 254 
LYS N      N  N N 255 
LYS CA     C  N S 256 
LYS C      C  N N 257 
LYS O      O  N N 258 
LYS CB     C  N N 259 
LYS CG     C  N N 260 
LYS CD     C  N N 261 
LYS CE     C  N N 262 
LYS NZ     N  N N 263 
LYS OXT    O  N N 264 
LYS H      H  N N 265 
LYS H2     H  N N 266 
LYS HA     H  N N 267 
LYS HB2    H  N N 268 
LYS HB3    H  N N 269 
LYS HG2    H  N N 270 
LYS HG3    H  N N 271 
LYS HD2    H  N N 272 
LYS HD3    H  N N 273 
LYS HE2    H  N N 274 
LYS HE3    H  N N 275 
LYS HZ1    H  N N 276 
LYS HZ2    H  N N 277 
LYS HZ3    H  N N 278 
LYS HXT    H  N N 279 
MET N      N  N N 280 
MET CA     C  N S 281 
MET C      C  N N 282 
MET O      O  N N 283 
MET CB     C  N N 284 
MET CG     C  N N 285 
MET SD     S  N N 286 
MET CE     C  N N 287 
MET OXT    O  N N 288 
MET H      H  N N 289 
MET H2     H  N N 290 
MET HA     H  N N 291 
MET HB2    H  N N 292 
MET HB3    H  N N 293 
MET HG2    H  N N 294 
MET HG3    H  N N 295 
MET HE1    H  N N 296 
MET HE2    H  N N 297 
MET HE3    H  N N 298 
MET HXT    H  N N 299 
MG  MG     MG N N 300 
PHE N      N  N N 301 
PHE CA     C  N S 302 
PHE C      C  N N 303 
PHE O      O  N N 304 
PHE CB     C  N N 305 
PHE CG     C  Y N 306 
PHE CD1    C  Y N 307 
PHE CD2    C  Y N 308 
PHE CE1    C  Y N 309 
PHE CE2    C  Y N 310 
PHE CZ     C  Y N 311 
PHE OXT    O  N N 312 
PHE H      H  N N 313 
PHE H2     H  N N 314 
PHE HA     H  N N 315 
PHE HB2    H  N N 316 
PHE HB3    H  N N 317 
PHE HD1    H  N N 318 
PHE HD2    H  N N 319 
PHE HE1    H  N N 320 
PHE HE2    H  N N 321 
PHE HZ     H  N N 322 
PHE HXT    H  N N 323 
PRO N      N  N N 324 
PRO CA     C  N S 325 
PRO C      C  N N 326 
PRO O      O  N N 327 
PRO CB     C  N N 328 
PRO CG     C  N N 329 
PRO CD     C  N N 330 
PRO OXT    O  N N 331 
PRO H      H  N N 332 
PRO HA     H  N N 333 
PRO HB2    H  N N 334 
PRO HB3    H  N N 335 
PRO HG2    H  N N 336 
PRO HG3    H  N N 337 
PRO HD2    H  N N 338 
PRO HD3    H  N N 339 
PRO HXT    H  N N 340 
SER N      N  N N 341 
SER CA     C  N S 342 
SER C      C  N N 343 
SER O      O  N N 344 
SER CB     C  N N 345 
SER OG     O  N N 346 
SER OXT    O  N N 347 
SER H      H  N N 348 
SER H2     H  N N 349 
SER HA     H  N N 350 
SER HB2    H  N N 351 
SER HB3    H  N N 352 
SER HG     H  N N 353 
SER HXT    H  N N 354 
THR N      N  N N 355 
THR CA     C  N S 356 
THR C      C  N N 357 
THR O      O  N N 358 
THR CB     C  N R 359 
THR OG1    O  N N 360 
THR CG2    C  N N 361 
THR OXT    O  N N 362 
THR H      H  N N 363 
THR H2     H  N N 364 
THR HA     H  N N 365 
THR HB     H  N N 366 
THR HG1    H  N N 367 
THR HG21   H  N N 368 
THR HG22   H  N N 369 
THR HG23   H  N N 370 
THR HXT    H  N N 371 
TYR N      N  N N 372 
TYR CA     C  N S 373 
TYR C      C  N N 374 
TYR O      O  N N 375 
TYR CB     C  N N 376 
TYR CG     C  Y N 377 
TYR CD1    C  Y N 378 
TYR CD2    C  Y N 379 
TYR CE1    C  Y N 380 
TYR CE2    C  Y N 381 
TYR CZ     C  Y N 382 
TYR OH     O  N N 383 
TYR OXT    O  N N 384 
TYR H      H  N N 385 
TYR H2     H  N N 386 
TYR HA     H  N N 387 
TYR HB2    H  N N 388 
TYR HB3    H  N N 389 
TYR HD1    H  N N 390 
TYR HD2    H  N N 391 
TYR HE1    H  N N 392 
TYR HE2    H  N N 393 
TYR HH     H  N N 394 
TYR HXT    H  N N 395 
VAL N      N  N N 396 
VAL CA     C  N S 397 
VAL C      C  N N 398 
VAL O      O  N N 399 
VAL CB     C  N N 400 
VAL CG1    C  N N 401 
VAL CG2    C  N N 402 
VAL OXT    O  N N 403 
VAL H      H  N N 404 
VAL H2     H  N N 405 
VAL HA     H  N N 406 
VAL HB     H  N N 407 
VAL HG11   H  N N 408 
VAL HG12   H  N N 409 
VAL HG13   H  N N 410 
VAL HG21   H  N N 411 
VAL HG22   H  N N 412 
VAL HG23   H  N N 413 
VAL HXT    H  N N 414 
YEG C01    C  N N 415 
YEG C02    C  N N 416 
YEG C03    C  N N 417 
YEG C04    C  N N 418 
YEG C05    C  N N 419 
YEG O06    O  N N 420 
YEG H01    H  N N 421 
YEG H01A   H  N N 422 
YEG H02    H  N N 423 
YEG H02A   H  N N 424 
YEG H03    H  N N 425 
YEG H03A   H  N N 426 
YEG H04    H  N N 427 
YEG H05    H  N N 428 
YEG H05A   H  N N 429 
YEG HO06   H  N N 430 
# 
loop_
_chem_comp_bond.comp_id 
_chem_comp_bond.atom_id_1 
_chem_comp_bond.atom_id_2 
_chem_comp_bond.value_order 
_chem_comp_bond.pdbx_aromatic_flag 
_chem_comp_bond.pdbx_stereo_config 
_chem_comp_bond.pdbx_ordinal 
ALA N     CA     sing N N 1   
ALA N     H      sing N N 2   
ALA N     H2     sing N N 3   
ALA CA    C      sing N N 4   
ALA CA    CB     sing N N 5   
ALA CA    HA     sing N N 6   
ALA C     O      doub N N 7   
ALA C     OXT    sing N N 8   
ALA CB    HB1    sing N N 9   
ALA CB    HB2    sing N N 10  
ALA CB    HB3    sing N N 11  
ALA OXT   HXT    sing N N 12  
ARG N     CA     sing N N 13  
ARG N     H      sing N N 14  
ARG N     H2     sing N N 15  
ARG CA    C      sing N N 16  
ARG CA    CB     sing N N 17  
ARG CA    HA     sing N N 18  
ARG C     O      doub N N 19  
ARG C     OXT    sing N N 20  
ARG CB    CG     sing N N 21  
ARG CB    HB2    sing N N 22  
ARG CB    HB3    sing N N 23  
ARG CG    CD     sing N N 24  
ARG CG    HG2    sing N N 25  
ARG CG    HG3    sing N N 26  
ARG CD    NE     sing N N 27  
ARG CD    HD2    sing N N 28  
ARG CD    HD3    sing N N 29  
ARG NE    CZ     sing N N 30  
ARG NE    HE     sing N N 31  
ARG CZ    NH1    sing N N 32  
ARG CZ    NH2    doub N N 33  
ARG NH1   HH11   sing N N 34  
ARG NH1   HH12   sing N N 35  
ARG NH2   HH21   sing N N 36  
ARG NH2   HH22   sing N N 37  
ARG OXT   HXT    sing N N 38  
ASN N     CA     sing N N 39  
ASN N     H      sing N N 40  
ASN N     H2     sing N N 41  
ASN CA    C      sing N N 42  
ASN CA    CB     sing N N 43  
ASN CA    HA     sing N N 44  
ASN C     O      doub N N 45  
ASN C     OXT    sing N N 46  
ASN CB    CG     sing N N 47  
ASN CB    HB2    sing N N 48  
ASN CB    HB3    sing N N 49  
ASN CG    OD1    doub N N 50  
ASN CG    ND2    sing N N 51  
ASN ND2   HD21   sing N N 52  
ASN ND2   HD22   sing N N 53  
ASN OXT   HXT    sing N N 54  
ASP N     CA     sing N N 55  
ASP N     H      sing N N 56  
ASP N     H2     sing N N 57  
ASP CA    C      sing N N 58  
ASP CA    CB     sing N N 59  
ASP CA    HA     sing N N 60  
ASP C     O      doub N N 61  
ASP C     OXT    sing N N 62  
ASP CB    CG     sing N N 63  
ASP CB    HB2    sing N N 64  
ASP CB    HB3    sing N N 65  
ASP CG    OD1    doub N N 66  
ASP CG    OD2    sing N N 67  
ASP OD2   HD2    sing N N 68  
ASP OXT   HXT    sing N N 69  
CYS N     CA     sing N N 70  
CYS N     H      sing N N 71  
CYS N     H2     sing N N 72  
CYS CA    C      sing N N 73  
CYS CA    CB     sing N N 74  
CYS CA    HA     sing N N 75  
CYS C     O      doub N N 76  
CYS C     OXT    sing N N 77  
CYS CB    SG     sing N N 78  
CYS CB    HB2    sing N N 79  
CYS CB    HB3    sing N N 80  
CYS SG    HG     sing N N 81  
CYS OXT   HXT    sing N N 82  
GLN N     CA     sing N N 83  
GLN N     H      sing N N 84  
GLN N     H2     sing N N 85  
GLN CA    C      sing N N 86  
GLN CA    CB     sing N N 87  
GLN CA    HA     sing N N 88  
GLN C     O      doub N N 89  
GLN C     OXT    sing N N 90  
GLN CB    CG     sing N N 91  
GLN CB    HB2    sing N N 92  
GLN CB    HB3    sing N N 93  
GLN CG    CD     sing N N 94  
GLN CG    HG2    sing N N 95  
GLN CG    HG3    sing N N 96  
GLN CD    OE1    doub N N 97  
GLN CD    NE2    sing N N 98  
GLN NE2   HE21   sing N N 99  
GLN NE2   HE22   sing N N 100 
GLN OXT   HXT    sing N N 101 
GLU N     CA     sing N N 102 
GLU N     H      sing N N 103 
GLU N     H2     sing N N 104 
GLU CA    C      sing N N 105 
GLU CA    CB     sing N N 106 
GLU CA    HA     sing N N 107 
GLU C     O      doub N N 108 
GLU C     OXT    sing N N 109 
GLU CB    CG     sing N N 110 
GLU CB    HB2    sing N N 111 
GLU CB    HB3    sing N N 112 
GLU CG    CD     sing N N 113 
GLU CG    HG2    sing N N 114 
GLU CG    HG3    sing N N 115 
GLU CD    OE1    doub N N 116 
GLU CD    OE2    sing N N 117 
GLU OE2   HE2    sing N N 118 
GLU OXT   HXT    sing N N 119 
GLY N     CA     sing N N 120 
GLY N     H      sing N N 121 
GLY N     H2     sing N N 122 
GLY CA    C      sing N N 123 
GLY CA    HA2    sing N N 124 
GLY CA    HA3    sing N N 125 
GLY C     O      doub N N 126 
GLY C     OXT    sing N N 127 
GLY OXT   HXT    sing N N 128 
GNP PG    O1G    doub N N 129 
GNP PG    O2G    sing N N 130 
GNP PG    O3G    sing N N 131 
GNP PG    N3B    sing N N 132 
GNP O2G   HOG2   sing N N 133 
GNP O3G   HOG3   sing N N 134 
GNP N3B   PB     sing N N 135 
GNP N3B   HNB3   sing N N 136 
GNP PB    O1B    doub N N 137 
GNP PB    O2B    sing N N 138 
GNP PB    O3A    sing N N 139 
GNP O2B   HOB2   sing N N 140 
GNP O3A   PA     sing N N 141 
GNP PA    O1A    doub N N 142 
GNP PA    O2A    sing N N 143 
GNP PA    "O5'"  sing N N 144 
GNP O2A   HOA2   sing N N 145 
GNP "O5'" "C5'"  sing N N 146 
GNP "C5'" "C4'"  sing N N 147 
GNP "C5'" "H5'2" sing N N 148 
GNP "C5'" "H5'1" sing N N 149 
GNP "C4'" "O4'"  sing N N 150 
GNP "C4'" "C3'"  sing N N 151 
GNP "C4'" "H4'"  sing N N 152 
GNP "O4'" "C1'"  sing N N 153 
GNP "C3'" "O3'"  sing N N 154 
GNP "C3'" "C2'"  sing N N 155 
GNP "C3'" "H3'"  sing N N 156 
GNP "O3'" "HO3'" sing N N 157 
GNP "C2'" "O2'"  sing N N 158 
GNP "C2'" "C1'"  sing N N 159 
GNP "C2'" "H2'"  sing N N 160 
GNP "O2'" "HO2'" sing N N 161 
GNP "C1'" N9     sing N N 162 
GNP "C1'" "H1'"  sing N N 163 
GNP N9    C8     sing Y N 164 
GNP N9    C4     sing Y N 165 
GNP C8    N7     doub Y N 166 
GNP C8    H8     sing N N 167 
GNP N7    C5     sing Y N 168 
GNP C5    C6     sing Y N 169 
GNP C5    C4     doub Y N 170 
GNP C6    O6     doub N N 171 
GNP C6    N1     sing Y N 172 
GNP N1    C2     sing Y N 173 
GNP N1    HN1    sing N N 174 
GNP C2    N2     sing N N 175 
GNP C2    N3     doub Y N 176 
GNP N2    HN21   sing N N 177 
GNP N2    HN22   sing N N 178 
GNP N3    C4     sing Y N 179 
HIS N     CA     sing N N 180 
HIS N     H      sing N N 181 
HIS N     H2     sing N N 182 
HIS CA    C      sing N N 183 
HIS CA    CB     sing N N 184 
HIS CA    HA     sing N N 185 
HIS C     O      doub N N 186 
HIS C     OXT    sing N N 187 
HIS CB    CG     sing N N 188 
HIS CB    HB2    sing N N 189 
HIS CB    HB3    sing N N 190 
HIS CG    ND1    sing Y N 191 
HIS CG    CD2    doub Y N 192 
HIS ND1   CE1    doub Y N 193 
HIS ND1   HD1    sing N N 194 
HIS CD2   NE2    sing Y N 195 
HIS CD2   HD2    sing N N 196 
HIS CE1   NE2    sing Y N 197 
HIS CE1   HE1    sing N N 198 
HIS NE2   HE2    sing N N 199 
HIS OXT   HXT    sing N N 200 
HOH O     H1     sing N N 201 
HOH O     H2     sing N N 202 
ILE N     CA     sing N N 203 
ILE N     H      sing N N 204 
ILE N     H2     sing N N 205 
ILE CA    C      sing N N 206 
ILE CA    CB     sing N N 207 
ILE CA    HA     sing N N 208 
ILE C     O      doub N N 209 
ILE C     OXT    sing N N 210 
ILE CB    CG1    sing N N 211 
ILE CB    CG2    sing N N 212 
ILE CB    HB     sing N N 213 
ILE CG1   CD1    sing N N 214 
ILE CG1   HG12   sing N N 215 
ILE CG1   HG13   sing N N 216 
ILE CG2   HG21   sing N N 217 
ILE CG2   HG22   sing N N 218 
ILE CG2   HG23   sing N N 219 
ILE CD1   HD11   sing N N 220 
ILE CD1   HD12   sing N N 221 
ILE CD1   HD13   sing N N 222 
ILE OXT   HXT    sing N N 223 
LEU N     CA     sing N N 224 
LEU N     H      sing N N 225 
LEU N     H2     sing N N 226 
LEU CA    C      sing N N 227 
LEU CA    CB     sing N N 228 
LEU CA    HA     sing N N 229 
LEU C     O      doub N N 230 
LEU C     OXT    sing N N 231 
LEU CB    CG     sing N N 232 
LEU CB    HB2    sing N N 233 
LEU CB    HB3    sing N N 234 
LEU CG    CD1    sing N N 235 
LEU CG    CD2    sing N N 236 
LEU CG    HG     sing N N 237 
LEU CD1   HD11   sing N N 238 
LEU CD1   HD12   sing N N 239 
LEU CD1   HD13   sing N N 240 
LEU CD2   HD21   sing N N 241 
LEU CD2   HD22   sing N N 242 
LEU CD2   HD23   sing N N 243 
LEU OXT   HXT    sing N N 244 
LYS N     CA     sing N N 245 
LYS N     H      sing N N 246 
LYS N     H2     sing N N 247 
LYS CA    C      sing N N 248 
LYS CA    CB     sing N N 249 
LYS CA    HA     sing N N 250 
LYS C     O      doub N N 251 
LYS C     OXT    sing N N 252 
LYS CB    CG     sing N N 253 
LYS CB    HB2    sing N N 254 
LYS CB    HB3    sing N N 255 
LYS CG    CD     sing N N 256 
LYS CG    HG2    sing N N 257 
LYS CG    HG3    sing N N 258 
LYS CD    CE     sing N N 259 
LYS CD    HD2    sing N N 260 
LYS CD    HD3    sing N N 261 
LYS CE    NZ     sing N N 262 
LYS CE    HE2    sing N N 263 
LYS CE    HE3    sing N N 264 
LYS NZ    HZ1    sing N N 265 
LYS NZ    HZ2    sing N N 266 
LYS NZ    HZ3    sing N N 267 
LYS OXT   HXT    sing N N 268 
MET N     CA     sing N N 269 
MET N     H      sing N N 270 
MET N     H2     sing N N 271 
MET CA    C      sing N N 272 
MET CA    CB     sing N N 273 
MET CA    HA     sing N N 274 
MET C     O      doub N N 275 
MET C     OXT    sing N N 276 
MET CB    CG     sing N N 277 
MET CB    HB2    sing N N 278 
MET CB    HB3    sing N N 279 
MET CG    SD     sing N N 280 
MET CG    HG2    sing N N 281 
MET CG    HG3    sing N N 282 
MET SD    CE     sing N N 283 
MET CE    HE1    sing N N 284 
MET CE    HE2    sing N N 285 
MET CE    HE3    sing N N 286 
MET OXT   HXT    sing N N 287 
PHE N     CA     sing N N 288 
PHE N     H      sing N N 289 
PHE N     H2     sing N N 290 
PHE CA    C      sing N N 291 
PHE CA    CB     sing N N 292 
PHE CA    HA     sing N N 293 
PHE C     O      doub N N 294 
PHE C     OXT    sing N N 295 
PHE CB    CG     sing N N 296 
PHE CB    HB2    sing N N 297 
PHE CB    HB3    sing N N 298 
PHE CG    CD1    doub Y N 299 
PHE CG    CD2    sing Y N 300 
PHE CD1   CE1    sing Y N 301 
PHE CD1   HD1    sing N N 302 
PHE CD2   CE2    doub Y N 303 
PHE CD2   HD2    sing N N 304 
PHE CE1   CZ     doub Y N 305 
PHE CE1   HE1    sing N N 306 
PHE CE2   CZ     sing Y N 307 
PHE CE2   HE2    sing N N 308 
PHE CZ    HZ     sing N N 309 
PHE OXT   HXT    sing N N 310 
PRO N     CA     sing N N 311 
PRO N     CD     sing N N 312 
PRO N     H      sing N N 313 
PRO CA    C      sing N N 314 
PRO CA    CB     sing N N 315 
PRO CA    HA     sing N N 316 
PRO C     O      doub N N 317 
PRO C     OXT    sing N N 318 
PRO CB    CG     sing N N 319 
PRO CB    HB2    sing N N 320 
PRO CB    HB3    sing N N 321 
PRO CG    CD     sing N N 322 
PRO CG    HG2    sing N N 323 
PRO CG    HG3    sing N N 324 
PRO CD    HD2    sing N N 325 
PRO CD    HD3    sing N N 326 
PRO OXT   HXT    sing N N 327 
SER N     CA     sing N N 328 
SER N     H      sing N N 329 
SER N     H2     sing N N 330 
SER CA    C      sing N N 331 
SER CA    CB     sing N N 332 
SER CA    HA     sing N N 333 
SER C     O      doub N N 334 
SER C     OXT    sing N N 335 
SER CB    OG     sing N N 336 
SER CB    HB2    sing N N 337 
SER CB    HB3    sing N N 338 
SER OG    HG     sing N N 339 
SER OXT   HXT    sing N N 340 
THR N     CA     sing N N 341 
THR N     H      sing N N 342 
THR N     H2     sing N N 343 
THR CA    C      sing N N 344 
THR CA    CB     sing N N 345 
THR CA    HA     sing N N 346 
THR C     O      doub N N 347 
THR C     OXT    sing N N 348 
THR CB    OG1    sing N N 349 
THR CB    CG2    sing N N 350 
THR CB    HB     sing N N 351 
THR OG1   HG1    sing N N 352 
THR CG2   HG21   sing N N 353 
THR CG2   HG22   sing N N 354 
THR CG2   HG23   sing N N 355 
THR OXT   HXT    sing N N 356 
TYR N     CA     sing N N 357 
TYR N     H      sing N N 358 
TYR N     H2     sing N N 359 
TYR CA    C      sing N N 360 
TYR CA    CB     sing N N 361 
TYR CA    HA     sing N N 362 
TYR C     O      doub N N 363 
TYR C     OXT    sing N N 364 
TYR CB    CG     sing N N 365 
TYR CB    HB2    sing N N 366 
TYR CB    HB3    sing N N 367 
TYR CG    CD1    doub Y N 368 
TYR CG    CD2    sing Y N 369 
TYR CD1   CE1    sing Y N 370 
TYR CD1   HD1    sing N N 371 
TYR CD2   CE2    doub Y N 372 
TYR CD2   HD2    sing N N 373 
TYR CE1   CZ     doub Y N 374 
TYR CE1   HE1    sing N N 375 
TYR CE2   CZ     sing Y N 376 
TYR CE2   HE2    sing N N 377 
TYR CZ    OH     sing N N 378 
TYR OH    HH     sing N N 379 
TYR OXT   HXT    sing N N 380 
VAL N     CA     sing N N 381 
VAL N     H      sing N N 382 
VAL N     H2     sing N N 383 
VAL CA    C      sing N N 384 
VAL CA    CB     sing N N 385 
VAL CA    HA     sing N N 386 
VAL C     O      doub N N 387 
VAL C     OXT    sing N N 388 
VAL CB    CG1    sing N N 389 
VAL CB    CG2    sing N N 390 
VAL CB    HB     sing N N 391 
VAL CG1   HG11   sing N N 392 
VAL CG1   HG12   sing N N 393 
VAL CG1   HG13   sing N N 394 
VAL CG2   HG21   sing N N 395 
VAL CG2   HG22   sing N N 396 
VAL CG2   HG23   sing N N 397 
VAL OXT   HXT    sing N N 398 
YEG C02   C01    sing N N 399 
YEG C05   C01    sing N N 400 
YEG C01   H01    sing N N 401 
YEG C01   H01A   sing N N 402 
YEG C03   C02    sing N N 403 
YEG C02   H02    sing N N 404 
YEG C02   H02A   sing N N 405 
YEG C04   C03    sing N N 406 
YEG C03   H03    sing N N 407 
YEG C03   H03A   sing N N 408 
YEG C04   O06    sing N N 409 
YEG C04   C05    sing N N 410 
YEG C04   H04    sing N N 411 
YEG C05   H05    sing N N 412 
YEG C05   H05A   sing N N 413 
YEG O06   HO06   sing N N 414 
# 
_atom_sites.entry_id                    3RS0 
_atom_sites.fract_transf_matrix[1][1]   0.00489050 
_atom_sites.fract_transf_matrix[1][2]   0.01124934 
_atom_sites.fract_transf_matrix[1][3]   0.00481125 
_atom_sites.fract_transf_matrix[2][1]   0.01074805 
_atom_sites.fract_transf_matrix[2][2]   0.00536075 
_atom_sites.fract_transf_matrix[2][3]   -0.00541745 
_atom_sites.fract_transf_matrix[3][1]   -0.00429717 
_atom_sites.fract_transf_matrix[3][2]   0.00387461 
_atom_sites.fract_transf_matrix[3][3]   -0.00469140 
_atom_sites.fract_transf_vector[1]      0.224849 
_atom_sites.fract_transf_vector[2]      0.832212 
_atom_sites.fract_transf_vector[3]      -0.570586 
# 
loop_
_atom_type.symbol 
C  
CA 
MG 
N  
O  
P  
S  
# 
loop_
_atom_site.group_PDB 
_atom_site.id 
_atom_site.type_symbol 
_atom_site.label_atom_id 
_atom_site.label_alt_id 
_atom_site.label_comp_id 
_atom_site.label_asym_id 
_atom_site.label_entity_id 
_atom_site.label_seq_id 
_atom_site.pdbx_PDB_ins_code 
_atom_site.Cartn_x 
_atom_site.Cartn_y 
_atom_site.Cartn_z 
_atom_site.occupancy 
_atom_site.B_iso_or_equiv 
_atom_site.pdbx_formal_charge 
_atom_site.auth_seq_id 
_atom_site.auth_comp_id 
_atom_site.auth_asym_id 
_atom_site.auth_atom_id 
_atom_site.pdbx_PDB_model_num 
ATOM   1    N  N     . MET A 1 1   ? 10.879  -8.677  -18.885 1.00 49.18 ? 1   MET A N     1 
ATOM   2    C  CA    . MET A 1 1   ? 11.160  -9.680  -17.864 1.00 48.99 ? 1   MET A CA    1 
ATOM   3    C  C     . MET A 1 1   ? 10.067  -9.691  -16.797 1.00 44.99 ? 1   MET A C     1 
ATOM   4    O  O     . MET A 1 1   ? 8.989   -9.127  -16.996 1.00 49.11 ? 1   MET A O     1 
ATOM   5    C  CB    . MET A 1 1   ? 12.527  -9.432  -17.219 1.00 42.86 ? 1   MET A CB    1 
ATOM   6    C  CG    . MET A 1 1   ? 12.555  -8.294  -16.210 1.00 37.40 ? 1   MET A CG    1 
ATOM   7    S  SD    . MET A 1 1   ? 12.386  -6.651  -16.934 1.00 53.62 ? 1   MET A SD    1 
ATOM   8    C  CE    . MET A 1 1   ? 13.915  -6.524  -17.862 1.00 46.66 ? 1   MET A CE    1 
ATOM   9    N  N     . THR A 1 2   ? 10.354  -10.327 -15.666 1.00 43.36 ? 2   THR A N     1 
ATOM   10   C  CA    . THR A 1 2   ? 9.373   -10.476 -14.596 1.00 30.43 ? 2   THR A CA    1 
ATOM   11   C  C     . THR A 1 2   ? 8.721   -9.152  -14.194 1.00 23.45 ? 2   THR A C     1 
ATOM   12   O  O     . THR A 1 2   ? 9.383   -8.234  -13.723 1.00 25.87 ? 2   THR A O     1 
ATOM   13   C  CB    . THR A 1 2   ? 10.001  -11.114 -13.348 1.00 29.55 ? 2   THR A CB    1 
ATOM   14   O  OG1   . THR A 1 2   ? 10.825  -12.219 -13.742 1.00 40.16 ? 2   THR A OG1   1 
ATOM   15   C  CG2   . THR A 1 2   ? 8.920   -11.603 -12.412 1.00 29.02 ? 2   THR A CG2   1 
ATOM   16   N  N     . GLU A 1 3   ? 7.414   -9.070  -14.373 1.00 21.14 ? 3   GLU A N     1 
ATOM   17   C  CA    . GLU A 1 3   ? 6.677   -7.869  -14.028 1.00 18.80 ? 3   GLU A CA    1 
ATOM   18   C  C     . GLU A 1 3   ? 5.746   -8.153  -12.843 1.00 18.72 ? 3   GLU A C     1 
ATOM   19   O  O     . GLU A 1 3   ? 5.113   -9.204  -12.785 1.00 21.03 ? 3   GLU A O     1 
ATOM   20   C  CB    . GLU A 1 3   ? 5.906   -7.384  -15.257 1.00 22.07 ? 3   GLU A CB    1 
ATOM   21   C  CG    . GLU A 1 3   ? 5.116   -6.116  -15.055 1.00 23.13 ? 3   GLU A CG    1 
ATOM   22   C  CD    . GLU A 1 3   ? 3.645   -6.394  -14.862 1.00 33.84 ? 3   GLU A CD    1 
ATOM   23   O  OE1   . GLU A 1 3   ? 3.307   -7.498  -14.379 1.00 37.38 ? 3   GLU A OE1   1 
ATOM   24   O  OE2   . GLU A 1 3   ? 2.827   -5.515  -15.206 1.00 41.55 ? 3   GLU A OE2   1 
ATOM   25   N  N     . TYR A 1 4   ? 5.704   -7.226  -11.887 1.00 14.33 ? 4   TYR A N     1 
ATOM   26   C  CA    . TYR A 1 4   ? 4.833   -7.326  -10.711 1.00 13.55 ? 4   TYR A CA    1 
ATOM   27   C  C     . TYR A 1 4   ? 3.888   -6.140  -10.692 1.00 14.68 ? 4   TYR A C     1 
ATOM   28   O  O     . TYR A 1 4   ? 4.337   -4.998  -10.709 1.00 16.25 ? 4   TYR A O     1 
ATOM   29   C  CB    . TYR A 1 4   ? 5.656   -7.352  -9.409  1.00 14.20 ? 4   TYR A CB    1 
ATOM   30   C  CG    . TYR A 1 4   ? 6.519   -8.586  -9.271  1.00 13.80 ? 4   TYR A CG    1 
ATOM   31   C  CD1   . TYR A 1 4   ? 5.983   -9.779  -8.801  1.00 15.19 ? 4   TYR A CD1   1 
ATOM   32   C  CD2   . TYR A 1 4   ? 7.861   -8.564  -9.623  1.00 16.05 ? 4   TYR A CD2   1 
ATOM   33   C  CE1   . TYR A 1 4   ? 6.770   -10.922 -8.683  1.00 12.68 ? 4   TYR A CE1   1 
ATOM   34   C  CE2   . TYR A 1 4   ? 8.652   -9.700  -9.509  1.00 13.91 ? 4   TYR A CE2   1 
ATOM   35   C  CZ    . TYR A 1 4   ? 8.100   -10.869 -9.046  1.00 13.38 ? 4   TYR A CZ    1 
ATOM   36   O  OH    . TYR A 1 4   ? 8.884   -11.993 -8.937  1.00 14.62 ? 4   TYR A OH    1 
ATOM   37   N  N     . LYS A 1 5   ? 2.587   -6.421  -10.681 1.00 13.62 ? 5   LYS A N     1 
ATOM   38   C  CA    . LYS A 1 5   ? 1.567   -5.373  -10.701 1.00 13.19 ? 5   LYS A CA    1 
ATOM   39   C  C     . LYS A 1 5   ? 1.092   -5.118  -9.277  1.00 11.46 ? 5   LYS A C     1 
ATOM   40   O  O     . LYS A 1 5   ? 0.402   -5.952  -8.685  1.00 12.31 ? 5   LYS A O     1 
ATOM   41   C  CB    . LYS A 1 5   ? 0.393   -5.770  -11.608 1.00 15.32 ? 5   LYS A CB    1 
ATOM   42   C  CG    . LYS A 1 5   ? 0.783   -5.864  -13.089 1.00 21.88 ? 5   LYS A CG    1 
ATOM   43   C  CD    . LYS A 1 5   ? -0.396  -6.284  -13.960 1.00 33.10 ? 5   LYS A CD    1 
ATOM   44   C  CE    . LYS A 1 5   ? 0.017   -6.450  -15.419 1.00 40.08 ? 5   LYS A CE    1 
ATOM   45   N  NZ    . LYS A 1 5   ? -1.148  -6.722  -16.308 1.00 44.56 ? 5   LYS A NZ    1 
ATOM   46   N  N     . LEU A 1 6   ? 1.505   -3.982  -8.721  1.00 10.70 ? 6   LEU A N     1 
ATOM   47   C  CA    . LEU A 1 6   ? 1.193   -3.639  -7.340  1.00 10.52 ? 6   LEU A CA    1 
ATOM   48   C  C     . LEU A 1 6   ? 0.128   -2.551  -7.307  1.00 9.59  ? 6   LEU A C     1 
ATOM   49   O  O     . LEU A 1 6   ? 0.137   -1.648  -8.156  1.00 13.02 ? 6   LEU A O     1 
ATOM   50   C  CB    . LEU A 1 6   ? 2.449   -3.131  -6.621  1.00 11.55 ? 6   LEU A CB    1 
ATOM   51   C  CG    . LEU A 1 6   ? 3.733   -3.927  -6.835  1.00 13.71 ? 6   LEU A CG    1 
ATOM   52   C  CD1   . LEU A 1 6   ? 4.893   -3.345  -6.015  1.00 13.29 ? 6   LEU A CD1   1 
ATOM   53   C  CD2   . LEU A 1 6   ? 3.503   -5.379  -6.447  1.00 15.18 ? 6   LEU A CD2   1 
ATOM   54   N  N     . VAL A 1 7   ? -0.775  -2.618  -6.333  1.00 9.14  ? 7   VAL A N     1 
ATOM   55   C  CA    . VAL A 1 7   ? -1.811  -1.603  -6.193  1.00 9.11  ? 7   VAL A CA    1 
ATOM   56   C  C     . VAL A 1 7   ? -1.798  -1.076  -4.758  1.00 9.89  ? 7   VAL A C     1 
ATOM   57   O  O     . VAL A 1 7   ? -1.789  -1.872  -3.817  1.00 10.05 ? 7   VAL A O     1 
ATOM   58   C  CB    . VAL A 1 7   ? -3.204  -2.183  -6.502  1.00 9.74  ? 7   VAL A CB    1 
ATOM   59   C  CG1   . VAL A 1 7   ? -4.256  -1.104  -6.367  1.00 11.04 ? 7   VAL A CG1   1 
ATOM   60   C  CG2   . VAL A 1 7   ? -3.250  -2.806  -7.896  1.00 13.28 ? 7   VAL A CG2   1 
ATOM   61   N  N     . VAL A 1 8   ? -1.819  0.246   -4.589  1.00 8.85  ? 8   VAL A N     1 
ATOM   62   C  CA    . VAL A 1 8   ? -1.737  0.854   -3.263  1.00 9.19  ? 8   VAL A CA    1 
ATOM   63   C  C     . VAL A 1 8   ? -3.106  1.418   -2.926  1.00 9.58  ? 8   VAL A C     1 
ATOM   64   O  O     . VAL A 1 8   ? -3.619  2.241   -3.674  1.00 10.38 ? 8   VAL A O     1 
ATOM   65   C  CB    . VAL A 1 8   ? -0.669  1.971   -3.234  1.00 9.32  ? 8   VAL A CB    1 
ATOM   66   C  CG1   . VAL A 1 8   ? -0.487  2.505   -1.809  1.00 10.13 ? 8   VAL A CG1   1 
ATOM   67   C  CG2   . VAL A 1 8   ? 0.665   1.463   -3.802  1.00 10.15 ? 8   VAL A CG2   1 
ATOM   68   N  N     . VAL A 1 9   ? -3.709  0.951   -1.829  1.00 8.97  ? 9   VAL A N     1 
ATOM   69   C  CA    . VAL A 1 9   ? -5.066  1.364   -1.452  1.00 9.62  ? 9   VAL A CA    1 
ATOM   70   C  C     . VAL A 1 9   ? -5.109  1.810   0.000   1.00 9.54  ? 9   VAL A C     1 
ATOM   71   O  O     . VAL A 1 9   ? -4.203  1.507   0.783   1.00 9.55  ? 9   VAL A O     1 
ATOM   72   C  CB    . VAL A 1 9   ? -6.105  0.237   -1.621  1.00 10.31 ? 9   VAL A CB    1 
ATOM   73   C  CG1   . VAL A 1 9   ? -6.158  -0.274  -3.084  1.00 12.38 ? 9   VAL A CG1   1 
ATOM   74   C  CG2   . VAL A 1 9   ? -5.840  -0.888  -0.629  1.00 11.66 ? 9   VAL A CG2   1 
ATOM   75   N  N     . GLY A 1 10  ? -6.177  2.508   0.377   1.00 9.32  ? 10  GLY A N     1 
ATOM   76   C  CA    . GLY A 1 10  ? -6.313  3.033   1.725   1.00 10.97 ? 10  GLY A CA    1 
ATOM   77   C  C     . GLY A 1 10  ? -6.981  4.404   1.733   1.00 11.40 ? 10  GLY A C     1 
ATOM   78   O  O     . GLY A 1 10  ? -7.160  5.029   0.685   1.00 10.84 ? 10  GLY A O     1 
ATOM   79   N  N     . ALA A 1 11  ? -7.341  4.869   2.926   1.00 10.34 ? 11  ALA A N     1 
ATOM   80   C  CA    . ALA A 1 11  ? -8.111  6.108   3.091   1.00 10.80 ? 11  ALA A CA    1 
ATOM   81   C  C     . ALA A 1 11  ? -7.387  7.352   2.576   1.00 11.03 ? 11  ALA A C     1 
ATOM   82   O  O     . ALA A 1 11  ? -6.158  7.396   2.461   1.00 11.31 ? 11  ALA A O     1 
ATOM   83   C  CB    . ALA A 1 11  ? -8.496  6.295   4.561   1.00 11.75 ? 11  ALA A CB    1 
ATOM   84   N  N     . GLY A 1 12  ? -8.169  8.380   2.263   1.00 12.19 ? 12  GLY A N     1 
ATOM   85   C  CA    . GLY A 1 12  ? -7.595  9.644   1.824   1.00 13.05 ? 12  GLY A CA    1 
ATOM   86   C  C     . GLY A 1 12  ? -6.604  10.190  2.833   1.00 12.01 ? 12  GLY A C     1 
ATOM   87   O  O     . GLY A 1 12  ? -6.873  10.213  4.038   1.00 13.90 ? 12  GLY A O     1 
ATOM   88   N  N     . GLY A 1 13  ? -5.444  10.624  2.352   1.00 11.20 ? 13  GLY A N     1 
ATOM   89   C  CA    . GLY A 1 13  ? -4.477  11.324  3.175   1.00 12.14 ? 13  GLY A CA    1 
ATOM   90   C  C     . GLY A 1 13  ? -3.493  10.487  3.981   1.00 10.41 ? 13  GLY A C     1 
ATOM   91   O  O     . GLY A 1 13  ? -2.661  11.044  4.711   1.00 12.04 ? 13  GLY A O     1 
ATOM   92   N  N     . VAL A 1 14  ? -3.576  9.159   3.861   1.00 10.55 ? 14  VAL A N     1 
ATOM   93   C  CA    . VAL A 1 14  ? -2.692  8.296   4.663   1.00 10.66 ? 14  VAL A CA    1 
ATOM   94   C  C     . VAL A 1 14  ? -1.252  8.250   4.169   1.00 10.56 ? 14  VAL A C     1 
ATOM   95   O  O     . VAL A 1 14  ? -0.372  7.800   4.902   1.00 10.68 ? 14  VAL A O     1 
ATOM   96   C  CB    . VAL A 1 14  ? -3.233  6.848   4.794   1.00 9.83  ? 14  VAL A CB    1 
ATOM   97   C  CG1   . VAL A 1 14  ? -4.595  6.862   5.451   1.00 11.02 ? 14  VAL A CG1   1 
ATOM   98   C  CG2   . VAL A 1 14  ? -3.283  6.146   3.437   1.00 10.80 ? 14  VAL A CG2   1 
ATOM   99   N  N     . GLY A 1 15  ? -1.026  8.716   2.935   1.00 9.83  ? 15  GLY A N     1 
ATOM   100  C  CA    . GLY A 1 15  ? 0.304   8.744   2.342   1.00 10.75 ? 15  GLY A CA    1 
ATOM   101  C  C     . GLY A 1 15  ? 0.593   7.719   1.251   1.00 9.64  ? 15  GLY A C     1 
ATOM   102  O  O     . GLY A 1 15  ? 1.763   7.380   1.033   1.00 10.34 ? 15  GLY A O     1 
ATOM   103  N  N     . LYS A 1 16  ? -0.444  7.248   0.556   1.00 8.58  ? 16  LYS A N     1 
ATOM   104  C  CA    . LYS A 1 16  ? -0.244  6.320   -0.554  1.00 9.68  ? 16  LYS A CA    1 
ATOM   105  C  C     . LYS A 1 16  ? 0.681   6.907   -1.626  1.00 9.63  ? 16  LYS A C     1 
ATOM   106  O  O     . LYS A 1 16  ? 1.615   6.256   -2.090  1.00 9.95  ? 16  LYS A O     1 
ATOM   107  C  CB    . LYS A 1 16  ? -1.597  5.937   -1.175  1.00 10.02 ? 16  LYS A CB    1 
ATOM   108  C  CG    . LYS A 1 16  ? -2.530  5.203   -0.193  1.00 9.42  ? 16  LYS A CG    1 
ATOM   109  C  CD    . LYS A 1 16  ? -3.867  4.812   -0.805  1.00 11.39 ? 16  LYS A CD    1 
ATOM   110  C  CE    . LYS A 1 16  ? -4.668  6.000   -1.327  1.00 11.42 ? 16  LYS A CE    1 
ATOM   111  N  NZ    . LYS A 1 16  ? -5.043  6.936   -0.232  1.00 11.48 ? 16  LYS A NZ    1 
ATOM   112  N  N     . SER A 1 17  ? 0.391   8.133   -2.035  1.00 10.08 ? 17  SER A N     1 
ATOM   113  C  CA    . SER A 1 17  ? 1.178   8.773   -3.085  1.00 9.47  ? 17  SER A CA    1 
ATOM   114  C  C     . SER A 1 17  ? 2.588   9.084   -2.596  1.00 10.00 ? 17  SER A C     1 
ATOM   115  O  O     . SER A 1 17  ? 3.562   8.805   -3.296  1.00 9.91  ? 17  SER A O     1 
ATOM   116  C  CB    . SER A 1 17  ? 0.485   10.037  -3.564  1.00 9.89  ? 17  SER A CB    1 
ATOM   117  O  OG    . SER A 1 17  ? -0.748  9.708   -4.164  1.00 10.82 ? 17  SER A OG    1 
ATOM   118  N  N     . ALA A 1 18  ? 2.707   9.635   -1.390  1.00 10.78 ? 18  ALA A N     1 
ATOM   119  C  CA    . ALA A 1 18  ? 4.026   9.943   -0.841  1.00 9.46  ? 18  ALA A CA    1 
ATOM   120  C  C     . ALA A 1 18  ? 4.901   8.689   -0.739  1.00 9.39  ? 18  ALA A C     1 
ATOM   121  O  O     . ALA A 1 18  ? 6.098   8.742   -1.030  1.00 10.44 ? 18  ALA A O     1 
ATOM   122  C  CB    . ALA A 1 18  ? 3.900   10.647  0.517   1.00 11.77 ? 18  ALA A CB    1 
ATOM   123  N  N     . LEU A 1 19  ? 4.315   7.561   -0.331  1.00 10.14 ? 19  LEU A N     1 
ATOM   124  C  CA    . LEU A 1 19  ? 5.083   6.317   -0.259  1.00 9.51  ? 19  LEU A CA    1 
ATOM   125  C  C     . LEU A 1 19  ? 5.591   5.899   -1.635  1.00 9.71  ? 19  LEU A C     1 
ATOM   126  O  O     . LEU A 1 19  ? 6.765   5.554   -1.816  1.00 10.63 ? 19  LEU A O     1 
ATOM   127  C  CB    . LEU A 1 19  ? 4.241   5.183   0.345   1.00 10.86 ? 19  LEU A CB    1 
ATOM   128  C  CG    . LEU A 1 19  ? 4.136   5.142   1.866   1.00 12.41 ? 19  LEU A CG    1 
ATOM   129  C  CD1   . LEU A 1 19  ? 3.045   4.156   2.294   1.00 11.89 ? 19  LEU A CD1   1 
ATOM   130  C  CD2   . LEU A 1 19  ? 5.476   4.753   2.442   1.00 12.57 ? 19  LEU A CD2   1 
ATOM   131  N  N     . THR A 1 20  ? 4.693   5.928   -2.613  1.00 9.79  ? 20  THR A N     1 
ATOM   132  C  CA    . THR A 1 20  ? 5.024   5.486   -3.968  1.00 10.30 ? 20  THR A CA    1 
ATOM   133  C  C     . THR A 1 20  ? 6.080   6.395   -4.595  1.00 10.24 ? 20  THR A C     1 
ATOM   134  O  O     . THR A 1 20  ? 7.049   5.929   -5.203  1.00 10.46 ? 20  THR A O     1 
ATOM   135  C  CB    . THR A 1 20  ? 3.757   5.446   -4.842  1.00 10.38 ? 20  THR A CB    1 
ATOM   136  O  OG1   . THR A 1 20  ? 2.791   4.572   -4.228  1.00 11.57 ? 20  THR A OG1   1 
ATOM   137  C  CG2   . THR A 1 20  ? 4.081   4.947   -6.254  1.00 12.70 ? 20  THR A CG2   1 
ATOM   138  N  N     . ILE A 1 21  ? 5.900   7.698   -4.409  1.00 9.11  ? 21  ILE A N     1 
ATOM   139  C  CA    . ILE A 1 21  ? 6.849   8.677   -4.943  1.00 10.87 ? 21  ILE A CA    1 
ATOM   140  C  C     . ILE A 1 21  ? 8.223   8.585   -4.253  1.00 11.53 ? 21  ILE A C     1 
ATOM   141  O  O     . ILE A 1 21  ? 9.261   8.709   -4.904  1.00 11.19 ? 21  ILE A O     1 
ATOM   142  C  CB    . ILE A 1 21  ? 6.245   10.083  -4.889  1.00 9.85  ? 21  ILE A CB    1 
ATOM   143  C  CG1   . ILE A 1 21  ? 5.066   10.171  -5.862  1.00 11.59 ? 21  ILE A CG1   1 
ATOM   144  C  CG2   . ILE A 1 21  ? 7.294   11.162  -5.198  1.00 12.23 ? 21  ILE A CG2   1 
ATOM   145  C  CD1   . ILE A 1 21  ? 4.136   11.330  -5.594  1.00 15.94 ? 21  ILE A CD1   1 
ATOM   146  N  N     . GLN A 1 22  ? 8.254   8.313   -2.953  1.00 11.05 ? 22  GLN A N     1 
ATOM   147  C  CA    . GLN A 1 22  ? 9.535   8.116   -2.276  1.00 12.11 ? 22  GLN A CA    1 
ATOM   148  C  C     . GLN A 1 22  ? 10.256  6.887   -2.870  1.00 12.18 ? 22  GLN A C     1 
ATOM   149  O  O     . GLN A 1 22  ? 11.453  6.932   -3.189  1.00 13.32 ? 22  GLN A O     1 
ATOM   150  C  CB    . GLN A 1 22  ? 9.292   7.961   -0.761  1.00 13.00 ? 22  GLN A CB    1 
ATOM   151  C  CG    . GLN A 1 22  ? 10.543  7.898   0.113   1.00 17.02 ? 22  GLN A CG    1 
ATOM   152  C  CD    . GLN A 1 22  ? 11.462  9.115   -0.033  1.00 14.13 ? 22  GLN A CD    1 
ATOM   153  O  OE1   . GLN A 1 22  ? 12.394  9.088   -0.828  1.00 18.27 ? 22  GLN A OE1   1 
ATOM   154  N  NE2   . GLN A 1 22  ? 11.235  10.153  0.770   1.00 15.03 ? 22  GLN A NE2   1 
ATOM   155  N  N     . LEU A 1 23  ? 9.521   5.790   -3.044  1.00 11.10 ? 23  LEU A N     1 
ATOM   156  C  CA    . LEU A 1 23  ? 10.091  4.578   -3.628  1.00 11.93 ? 23  LEU A CA    1 
ATOM   157  C  C     . LEU A 1 23  ? 10.662  4.822   -5.019  1.00 12.07 ? 23  LEU A C     1 
ATOM   158  O  O     . LEU A 1 23  ? 11.797  4.438   -5.321  1.00 13.99 ? 23  LEU A O     1 
ATOM   159  C  CB    . LEU A 1 23  ? 9.044   3.461   -3.714  1.00 12.10 ? 23  LEU A CB    1 
ATOM   160  C  CG    . LEU A 1 23  ? 9.596   2.180   -4.356  1.00 12.88 ? 23  LEU A CG    1 
ATOM   161  C  CD1   . LEU A 1 23  ? 10.417  1.397   -3.329  1.00 16.22 ? 23  LEU A CD1   1 
ATOM   162  C  CD2   . LEU A 1 23  ? 8.476   1.333   -4.939  1.00 13.73 ? 23  LEU A CD2   1 
ATOM   163  N  N     . ILE A 1 24  ? 9.844   5.427   -5.872  1.00 12.87 ? 24  ILE A N     1 
ATOM   164  C  CA    . ILE A 1 24  ? 10.179  5.561   -7.289  1.00 12.24 ? 24  ILE A CA    1 
ATOM   165  C  C     . ILE A 1 24  ? 11.098  6.754   -7.596  1.00 12.76 ? 24  ILE A C     1 
ATOM   166  O  O     . ILE A 1 24  ? 12.011  6.629   -8.426  1.00 14.54 ? 24  ILE A O     1 
ATOM   167  C  CB    . ILE A 1 24  ? 8.894   5.661   -8.143  1.00 11.75 ? 24  ILE A CB    1 
ATOM   168  C  CG1   . ILE A 1 24  ? 8.035   4.394   -8.002  1.00 14.60 ? 24  ILE A CG1   1 
ATOM   169  C  CG2   . ILE A 1 24  ? 9.241   5.894   -9.613  1.00 14.40 ? 24  ILE A CG2   1 
ATOM   170  C  CD1   . ILE A 1 24  ? 8.679   3.117   -8.522  1.00 18.14 ? 24  ILE A CD1   1 
ATOM   171  N  N     . GLN A 1 25  ? 10.878  7.875   -6.910  1.00 11.91 ? 25  GLN A N     1 
ATOM   172  C  CA    . GLN A 1 25  ? 11.537  9.135   -7.246  1.00 13.25 ? 25  GLN A CA    1 
ATOM   173  C  C     . GLN A 1 25  ? 12.448  9.693   -6.161  1.00 15.04 ? 25  GLN A C     1 
ATOM   174  O  O     . GLN A 1 25  ? 13.069  10.734  -6.350  1.00 15.85 ? 25  GLN A O     1 
ATOM   175  C  CB    . GLN A 1 25  ? 10.499  10.185  -7.638  1.00 14.75 ? 25  GLN A CB    1 
ATOM   176  C  CG    . GLN A 1 25  ? 9.599   9.725   -8.771  1.00 13.05 ? 25  GLN A CG    1 
ATOM   177  C  CD    . GLN A 1 25  ? 8.617   10.796  -9.189  1.00 14.44 ? 25  GLN A CD    1 
ATOM   178  O  OE1   . GLN A 1 25  ? 8.525   11.845  -8.553  1.00 14.66 ? 25  GLN A OE1   1 
ATOM   179  N  NE2   . GLN A 1 25  ? 7.883   10.538  -10.266 1.00 15.91 ? 25  GLN A NE2   1 
ATOM   180  N  N     . ASN A 1 26  ? 12.528  9.007   -5.026  1.00 12.46 ? 26  ASN A N     1 
ATOM   181  C  CA    . ASN A 1 26  ? 13.492  9.353   -3.983  1.00 12.83 ? 26  ASN A CA    1 
ATOM   182  C  C     . ASN A 1 26  ? 13.370  10.768  -3.415  1.00 15.16 ? 26  ASN A C     1 
ATOM   183  O  O     . ASN A 1 26  ? 14.378  11.400  -3.084  1.00 17.13 ? 26  ASN A O     1 
ATOM   184  C  CB    . ASN A 1 26  ? 14.919  9.114   -4.485  1.00 15.53 ? 26  ASN A CB    1 
ATOM   185  C  CG    . ASN A 1 26  ? 15.153  7.681   -4.869  1.00 19.21 ? 26  ASN A CG    1 
ATOM   186  O  OD1   . ASN A 1 26  ? 15.344  6.824   -4.008  1.00 23.47 ? 26  ASN A OD1   1 
ATOM   187  N  ND2   . ASN A 1 26  ? 15.128  7.399   -6.169  1.00 22.13 ? 26  ASN A ND2   1 
ATOM   188  N  N     . HIS A 1 27  ? 12.147  11.275  -3.307  1.00 13.20 ? 27  HIS A N     1 
ATOM   189  C  CA    . HIS A 1 27  ? 11.914  12.494  -2.538  1.00 12.44 ? 27  HIS A CA    1 
ATOM   190  C  C     . HIS A 1 27  ? 10.564  12.416  -1.838  1.00 11.36 ? 27  HIS A C     1 
ATOM   191  O  O     . HIS A 1 27  ? 9.709   11.601  -2.208  1.00 12.01 ? 27  HIS A O     1 
ATOM   192  C  CB    . HIS A 1 27  ? 11.971  13.742  -3.430  1.00 13.34 ? 27  HIS A CB    1 
ATOM   193  C  CG    . HIS A 1 27  ? 10.950  13.747  -4.521  1.00 13.98 ? 27  HIS A CG    1 
ATOM   194  N  ND1   . HIS A 1 27  ? 9.740   14.395  -4.419  1.00 16.08 ? 27  HIS A ND1   1 
ATOM   195  C  CD2   . HIS A 1 27  ? 10.956  13.156  -5.738  1.00 13.49 ? 27  HIS A CD2   1 
ATOM   196  C  CE1   . HIS A 1 27  ? 9.049   14.217  -5.531  1.00 13.03 ? 27  HIS A CE1   1 
ATOM   197  N  NE2   . HIS A 1 27  ? 9.765   13.464  -6.345  1.00 15.65 ? 27  HIS A NE2   1 
ATOM   198  N  N     . PHE A 1 28  ? 10.382  13.275  -0.841  1.00 11.72 ? 28  PHE A N     1 
ATOM   199  C  CA    . PHE A 1 28  ? 9.150   13.350  -0.069  1.00 12.46 ? 28  PHE A CA    1 
ATOM   200  C  C     . PHE A 1 28  ? 8.209   14.444  -0.577  1.00 11.93 ? 28  PHE A C     1 
ATOM   201  O  O     . PHE A 1 28  ? 8.595   15.605  -0.696  1.00 13.05 ? 28  PHE A O     1 
ATOM   202  C  CB    . PHE A 1 28  ? 9.483   13.632  1.402   1.00 12.63 ? 28  PHE A CB    1 
ATOM   203  C  CG    . PHE A 1 28  ? 8.269   13.786  2.283   1.00 11.83 ? 28  PHE A CG    1 
ATOM   204  C  CD1   . PHE A 1 28  ? 7.322   12.766  2.376   1.00 12.31 ? 28  PHE A CD1   1 
ATOM   205  C  CD2   . PHE A 1 28  ? 8.081   14.931  3.042   1.00 13.29 ? 28  PHE A CD2   1 
ATOM   206  C  CE1   . PHE A 1 28  ? 6.206   12.894  3.196   1.00 12.52 ? 28  PHE A CE1   1 
ATOM   207  C  CE2   . PHE A 1 28  ? 6.966   15.063  3.875   1.00 15.21 ? 28  PHE A CE2   1 
ATOM   208  C  CZ    . PHE A 1 28  ? 6.024   14.041  3.946   1.00 13.73 ? 28  PHE A CZ    1 
ATOM   209  N  N     . VAL A 1 29  ? 6.970   14.077  -0.867  1.00 11.28 ? 29  VAL A N     1 
ATOM   210  C  CA    A VAL A 1 29  ? 5.937   15.052  -1.211  0.74 12.68 ? 29  VAL A CA    1 
ATOM   211  C  CA    B VAL A 1 29  ? 5.965   15.078  -1.202  0.26 12.70 ? 29  VAL A CA    1 
ATOM   212  C  C     . VAL A 1 29  ? 5.308   15.608  0.072   1.00 13.42 ? 29  VAL A C     1 
ATOM   213  O  O     . VAL A 1 29  ? 4.612   14.889  0.783   1.00 12.74 ? 29  VAL A O     1 
ATOM   214  C  CB    A VAL A 1 29  ? 4.852   14.430  -2.118  0.74 12.46 ? 29  VAL A CB    1 
ATOM   215  C  CB    B VAL A 1 29  ? 4.912   14.556  -2.203  0.26 12.56 ? 29  VAL A CB    1 
ATOM   216  C  CG1   A VAL A 1 29  ? 3.785   15.463  -2.478  0.74 11.79 ? 29  VAL A CG1   1 
ATOM   217  C  CG1   B VAL A 1 29  ? 5.568   14.258  -3.544  0.26 15.22 ? 29  VAL A CG1   1 
ATOM   218  C  CG2   A VAL A 1 29  ? 5.494   13.857  -3.375  0.74 15.88 ? 29  VAL A CG2   1 
ATOM   219  C  CG2   B VAL A 1 29  ? 4.212   13.329  -1.661  0.26 12.15 ? 29  VAL A CG2   1 
ATOM   220  N  N     . ASP A 1 30  ? 5.571   16.877  0.362   1.00 12.29 ? 30  ASP A N     1 
ATOM   221  C  CA    . ASP A 1 30  ? 5.071   17.560  1.558   1.00 13.72 ? 30  ASP A CA    1 
ATOM   222  C  C     . ASP A 1 30  ? 3.633   18.042  1.438   1.00 13.15 ? 30  ASP A C     1 
ATOM   223  O  O     . ASP A 1 30  ? 2.922   18.147  2.443   1.00 13.95 ? 30  ASP A O     1 
ATOM   224  C  CB    . ASP A 1 30  ? 5.942   18.782  1.873   1.00 13.62 ? 30  ASP A CB    1 
ATOM   225  C  CG    . ASP A 1 30  ? 7.375   18.417  2.183   1.00 15.27 ? 30  ASP A CG    1 
ATOM   226  O  OD1   . ASP A 1 30  ? 7.736   18.339  3.374   1.00 17.93 ? 30  ASP A OD1   1 
ATOM   227  O  OD2   . ASP A 1 30  ? 8.168   18.197  1.252   1.00 15.75 ? 30  ASP A OD2   1 
ATOM   228  N  N     . GLU A 1 31  ? 3.212   18.385  0.223   1.00 12.25 ? 31  GLU A N     1 
ATOM   229  C  CA    . GLU A 1 31  ? 1.872   18.918  0.011   1.00 12.36 ? 31  GLU A CA    1 
ATOM   230  C  C     . GLU A 1 31  ? 0.861   17.795  -0.164  1.00 13.49 ? 31  GLU A C     1 
ATOM   231  O  O     . GLU A 1 31  ? 1.241   16.634  -0.391  1.00 12.37 ? 31  GLU A O     1 
ATOM   232  C  CB    . GLU A 1 31  ? 1.844   19.830  -1.221  1.00 13.62 ? 31  GLU A CB    1 
ATOM   233  C  CG    . GLU A 1 31  ? 1.998   19.091  -2.534  1.00 13.88 ? 31  GLU A CG    1 
ATOM   234  C  CD    . GLU A 1 31  ? 2.524   20.001  -3.619  1.00 13.43 ? 31  GLU A CD    1 
ATOM   235  O  OE1   . GLU A 1 31  ? 3.742   20.208  -3.675  1.00 14.89 ? 31  GLU A OE1   1 
ATOM   236  O  OE2   . GLU A 1 31  ? 1.721   20.524  -4.397  1.00 13.70 ? 31  GLU A OE2   1 
ATOM   237  N  N     . TYR A 1 32  ? -0.419  18.148  -0.065  1.00 12.83 ? 32  TYR A N     1 
ATOM   238  C  CA    . TYR A 1 32  ? -1.501  17.188  -0.252  1.00 13.16 ? 32  TYR A CA    1 
ATOM   239  C  C     . TYR A 1 32  ? -2.318  17.531  -1.504  1.00 15.36 ? 32  TYR A C     1 
ATOM   240  O  O     . TYR A 1 32  ? -3.091  18.502  -1.513  1.00 17.12 ? 32  TYR A O     1 
ATOM   241  C  CB    . TYR A 1 32  ? -2.400  17.100  0.997   1.00 16.69 ? 32  TYR A CB    1 
ATOM   242  C  CG    . TYR A 1 32  ? -3.531  16.089  0.871   1.00 18.02 ? 32  TYR A CG    1 
ATOM   243  C  CD1   . TYR A 1 32  ? -4.612  16.099  1.746   1.00 26.89 ? 32  TYR A CD1   1 
ATOM   244  C  CD2   . TYR A 1 32  ? -3.512  15.124  -0.125  1.00 14.86 ? 32  TYR A CD2   1 
ATOM   245  C  CE1   . TYR A 1 32  ? -5.649  15.171  1.616   1.00 25.07 ? 32  TYR A CE1   1 
ATOM   246  C  CE2   . TYR A 1 32  ? -4.541  14.207  -0.274  1.00 17.07 ? 32  TYR A CE2   1 
ATOM   247  C  CZ    . TYR A 1 32  ? -5.604  14.230  0.599   1.00 19.64 ? 32  TYR A CZ    1 
ATOM   248  O  OH    . TYR A 1 32  ? -6.621  13.302  0.447   1.00 21.60 ? 32  TYR A OH    1 
ATOM   249  N  N     . ASP A 1 33  ? -2.135  16.732  -2.555  1.00 12.60 ? 33  ASP A N     1 
ATOM   250  C  CA    . ASP A 1 33  ? -2.960  16.786  -3.763  1.00 12.98 ? 33  ASP A CA    1 
ATOM   251  C  C     . ASP A 1 33  ? -3.679  15.455  -3.898  1.00 12.66 ? 33  ASP A C     1 
ATOM   252  O  O     . ASP A 1 33  ? -3.044  14.447  -4.190  1.00 12.32 ? 33  ASP A O     1 
ATOM   253  C  CB    . ASP A 1 33  ? -2.096  16.981  -5.012  1.00 13.37 ? 33  ASP A CB    1 
ATOM   254  C  CG    . ASP A 1 33  ? -1.573  18.382  -5.148  1.00 17.11 ? 33  ASP A CG    1 
ATOM   255  O  OD1   . ASP A 1 33  ? -0.345  18.555  -5.178  1.00 18.72 ? 33  ASP A OD1   1 
ATOM   256  O  OD2   . ASP A 1 33  ? -2.398  19.310  -5.219  1.00 23.16 ? 33  ASP A OD2   1 
ATOM   257  N  N     . PRO A 1 34  ? -4.998  15.437  -3.697  1.00 12.70 ? 34  PRO A N     1 
ATOM   258  C  CA    . PRO A 1 34  ? -5.705  14.158  -3.801  1.00 13.34 ? 34  PRO A CA    1 
ATOM   259  C  C     . PRO A 1 34  ? -5.531  13.500  -5.166  1.00 13.53 ? 34  PRO A C     1 
ATOM   260  O  O     . PRO A 1 34  ? -5.570  14.164  -6.212  1.00 13.85 ? 34  PRO A O     1 
ATOM   261  C  CB    . PRO A 1 34  ? -7.170  14.551  -3.572  1.00 14.50 ? 34  PRO A CB    1 
ATOM   262  C  CG    . PRO A 1 34  ? -7.074  15.764  -2.682  1.00 15.93 ? 34  PRO A CG    1 
ATOM   263  C  CD    . PRO A 1 34  ? -5.871  16.518  -3.209  1.00 15.28 ? 34  PRO A CD    1 
ATOM   264  N  N     . THR A 1 35  ? -5.342  12.186  -5.149  1.00 12.82 ? 35  THR A N     1 
ATOM   265  C  CA    . THR A 1 35  ? -5.148  11.408  -6.358  1.00 11.89 ? 35  THR A CA    1 
ATOM   266  C  C     . THR A 1 35  ? -6.461  10.946  -6.971  1.00 13.94 ? 35  THR A C     1 
ATOM   267  O  O     . THR A 1 35  ? -7.420  10.651  -6.260  1.00 13.73 ? 35  THR A O     1 
ATOM   268  C  CB    . THR A 1 35  ? -4.297  10.163  -6.024  1.00 11.15 ? 35  THR A CB    1 
ATOM   269  O  OG1   . THR A 1 35  ? -3.077  10.598  -5.420  1.00 12.17 ? 35  THR A OG1   1 
ATOM   270  C  CG2   . THR A 1 35  ? -4.006  9.302   -7.254  1.00 13.74 ? 35  THR A CG2   1 
ATOM   271  N  N     . ILE A 1 36  ? -6.498  10.890  -8.297  1.00 14.64 ? 36  ILE A N     1 
ATOM   272  C  CA    . ILE A 1 36  ? -7.552  10.160  -8.971  1.00 16.67 ? 36  ILE A CA    1 
ATOM   273  C  C     . ILE A 1 36  ? -7.069  8.719   -9.181  1.00 15.10 ? 36  ILE A C     1 
ATOM   274  O  O     . ILE A 1 36  ? -7.376  7.839   -8.369  1.00 15.63 ? 36  ILE A O     1 
ATOM   275  C  CB    . ILE A 1 36  ? -7.961  10.829  -10.296 1.00 17.31 ? 36  ILE A CB    1 
ATOM   276  C  CG1   . ILE A 1 36  ? -8.386  12.272  -10.030 1.00 21.37 ? 36  ILE A CG1   1 
ATOM   277  C  CG2   . ILE A 1 36  ? -9.102  10.051  -10.947 1.00 19.56 ? 36  ILE A CG2   1 
ATOM   278  C  CD1   . ILE A 1 36  ? -9.627  12.385  -9.208  1.00 31.48 ? 36  ILE A CD1   1 
ATOM   279  N  N     . GLU A 1 37  ? -6.302  8.479   -10.244 1.00 14.14 ? 37  GLU A N     1 
ATOM   280  C  CA    . GLU A 1 37  ? -5.630  7.194   -10.445 1.00 14.49 ? 37  GLU A CA    1 
ATOM   281  C  C     . GLU A 1 37  ? -4.332  7.444   -11.204 1.00 16.43 ? 37  GLU A C     1 
ATOM   282  O  O     . GLU A 1 37  ? -4.362  7.923   -12.342 1.00 16.93 ? 37  GLU A O     1 
ATOM   283  C  CB    . GLU A 1 37  ? -6.499  6.213   -11.249 1.00 17.40 ? 37  GLU A CB    1 
ATOM   284  C  CG    . GLU A 1 37  ? -7.865  5.893   -10.660 1.00 19.53 ? 37  GLU A CG    1 
ATOM   285  C  CD    . GLU A 1 37  ? -7.799  5.049   -9.392  1.00 20.56 ? 37  GLU A CD    1 
ATOM   286  O  OE1   . GLU A 1 37  ? -8.741  5.146   -8.570  1.00 22.38 ? 37  GLU A OE1   1 
ATOM   287  O  OE2   . GLU A 1 37  ? -6.816  4.294   -9.222  1.00 19.96 ? 37  GLU A OE2   1 
ATOM   288  N  N     . ASP A 1 38  ? -3.199  7.124   -10.587 1.00 12.74 ? 38  ASP A N     1 
ATOM   289  C  CA    . ASP A 1 38  ? -1.903  7.330   -11.219 1.00 12.77 ? 38  ASP A CA    1 
ATOM   290  C  C     . ASP A 1 38  ? -1.139  6.014   -11.308 1.00 12.42 ? 38  ASP A C     1 
ATOM   291  O  O     . ASP A 1 38  ? -1.364  5.099   -10.510 1.00 15.35 ? 38  ASP A O     1 
ATOM   292  C  CB    . ASP A 1 38  ? -1.063  8.339   -10.427 1.00 13.18 ? 38  ASP A CB    1 
ATOM   293  C  CG    . ASP A 1 38  ? -1.687  9.720   -10.385 1.00 13.21 ? 38  ASP A CG    1 
ATOM   294  O  OD1   . ASP A 1 38  ? -2.506  10.035  -11.269 1.00 15.36 ? 38  ASP A OD1   1 
ATOM   295  O  OD2   . ASP A 1 38  ? -1.345  10.482  -9.464  1.00 15.19 ? 38  ASP A OD2   1 
ATOM   296  N  N     . SER A 1 39  ? -0.238  5.899   -12.271 1.00 13.34 ? 39  SER A N     1 
ATOM   297  C  CA    . SER A 1 39  ? 0.613   4.717   -12.318 1.00 12.98 ? 39  SER A CA    1 
ATOM   298  C  C     . SER A 1 39  ? 2.086   5.084   -12.472 1.00 13.29 ? 39  SER A C     1 
ATOM   299  O  O     . SER A 1 39  ? 2.434   6.141   -13.020 1.00 14.87 ? 39  SER A O     1 
ATOM   300  C  CB    . SER A 1 39  ? 0.161   3.735   -13.399 1.00 19.27 ? 39  SER A CB    1 
ATOM   301  O  OG    . SER A 1 39  ? 0.355   4.271   -14.683 1.00 24.41 ? 39  SER A OG    1 
ATOM   302  N  N     . TYR A 1 40  ? 2.940   4.197   -11.977 1.00 12.61 ? 40  TYR A N     1 
ATOM   303  C  CA    . TYR A 1 40  ? 4.382   4.351   -12.032 1.00 13.20 ? 40  TYR A CA    1 
ATOM   304  C  C     . TYR A 1 40  ? 5.000   3.026   -12.445 1.00 16.83 ? 40  TYR A C     1 
ATOM   305  O  O     . TYR A 1 40  ? 4.492   1.960   -12.092 1.00 16.60 ? 40  TYR A O     1 
ATOM   306  C  CB    . TYR A 1 40  ? 4.928   4.746   -10.661 1.00 13.69 ? 40  TYR A CB    1 
ATOM   307  C  CG    . TYR A 1 40  ? 4.400   6.053   -10.111 1.00 12.42 ? 40  TYR A CG    1 
ATOM   308  C  CD1   . TYR A 1 40  ? 5.131   7.231   -10.252 1.00 15.21 ? 40  TYR A CD1   1 
ATOM   309  C  CD2   . TYR A 1 40  ? 3.185   6.117   -9.439  1.00 12.00 ? 40  TYR A CD2   1 
ATOM   310  C  CE1   . TYR A 1 40  ? 4.665   8.435   -9.743  1.00 14.21 ? 40  TYR A CE1   1 
ATOM   311  C  CE2   . TYR A 1 40  ? 2.711   7.320   -8.931  1.00 13.99 ? 40  TYR A CE2   1 
ATOM   312  C  CZ    . TYR A 1 40  ? 3.456   8.477   -9.088  1.00 13.52 ? 40  TYR A CZ    1 
ATOM   313  O  OH    . TYR A 1 40  ? 3.004   9.671   -8.582  1.00 15.57 ? 40  TYR A OH    1 
ATOM   314  N  N     . ARG A 1 41  ? 6.092   3.080   -13.195 1.00 15.40 ? 41  ARG A N     1 
ATOM   315  C  CA    . ARG A 1 41  ? 6.810   1.874   -13.588 1.00 16.68 ? 41  ARG A CA    1 
ATOM   316  C  C     . ARG A 1 41  ? 8.292   2.094   -13.386 1.00 22.62 ? 41  ARG A C     1 
ATOM   317  O  O     . ARG A 1 41  ? 8.827   3.134   -13.778 1.00 23.23 ? 41  ARG A O     1 
ATOM   318  C  CB    . ARG A 1 41  ? 6.576   1.525   -15.060 1.00 22.20 ? 41  ARG A CB    1 
ATOM   319  C  CG    . ARG A 1 41  ? 5.184   1.795   -15.572 1.00 32.80 ? 41  ARG A CG    1 
ATOM   320  C  CD    . ARG A 1 41  ? 4.804   0.820   -16.681 1.00 39.28 ? 41  ARG A CD    1 
ATOM   321  N  NE    . ARG A 1 41  ? 5.947   0.430   -17.501 1.00 40.40 ? 41  ARG A NE    1 
ATOM   322  C  CZ    . ARG A 1 41  ? 6.064   -0.745  -18.112 1.00 42.39 ? 41  ARG A CZ    1 
ATOM   323  N  NH1   . ARG A 1 41  ? 5.113   -1.664  -17.987 1.00 37.71 ? 41  ARG A NH1   1 
ATOM   324  N  NH2   . ARG A 1 41  ? 7.137   -1.005  -18.846 1.00 43.46 ? 41  ARG A NH2   1 
ATOM   325  N  N     . LYS A 1 42  ? 8.961   1.117   -12.783 1.00 19.78 ? 42  LYS A N     1 
ATOM   326  C  CA    . LYS A 1 42  ? 10.404  1.185   -12.636 1.00 21.26 ? 42  LYS A CA    1 
ATOM   327  C  C     . LYS A 1 42  ? 11.034  -0.202  -12.581 1.00 19.14 ? 42  LYS A C     1 
ATOM   328  O  O     . LYS A 1 42  ? 10.457  -1.151  -12.034 1.00 17.26 ? 42  LYS A O     1 
ATOM   329  C  CB    . LYS A 1 42  ? 10.805  2.005   -11.409 1.00 25.17 ? 42  LYS A CB    1 
ATOM   330  C  CG    . LYS A 1 42  ? 12.284  2.392   -11.404 1.00 25.13 ? 42  LYS A CG    1 
ATOM   331  C  CD    . LYS A 1 42  ? 12.564  3.587   -10.502 1.00 28.82 ? 42  LYS A CD    1 
ATOM   332  C  CE    . LYS A 1 42  ? 14.029  3.996   -10.588 1.00 32.22 ? 42  LYS A CE    1 
ATOM   333  N  NZ    . LYS A 1 42  ? 14.302  5.269   -9.860  1.00 30.22 ? 42  LYS A NZ    1 
ATOM   334  N  N     . GLN A 1 43  ? 12.221  -0.304  -13.171 1.00 20.12 ? 43  GLN A N     1 
ATOM   335  C  CA    . GLN A 1 43  ? 12.997  -1.534  -13.154 1.00 18.77 ? 43  GLN A CA    1 
ATOM   336  C  C     . GLN A 1 43  ? 13.875  -1.551  -11.914 1.00 20.23 ? 43  GLN A C     1 
ATOM   337  O  O     . GLN A 1 43  ? 14.574  -0.580  -11.619 1.00 19.95 ? 43  GLN A O     1 
ATOM   338  C  CB    . GLN A 1 43  ? 13.865  -1.615  -14.410 1.00 23.62 ? 43  GLN A CB    1 
ATOM   339  C  CG    . GLN A 1 43  ? 14.601  -2.931  -14.573 1.00 25.95 ? 43  GLN A CG    1 
ATOM   340  C  CD    . GLN A 1 43  ? 15.373  -2.995  -15.874 1.00 34.76 ? 43  GLN A CD    1 
ATOM   341  O  OE1   . GLN A 1 43  ? 14.800  -2.872  -16.955 1.00 40.88 ? 43  GLN A OE1   1 
ATOM   342  N  NE2   . GLN A 1 43  ? 16.685  -3.177  -15.774 1.00 41.73 ? 43  GLN A NE2   1 
ATOM   343  N  N     . VAL A 1 44  ? 13.830  -2.659  -11.184 1.00 17.91 ? 44  VAL A N     1 
ATOM   344  C  CA    . VAL A 1 44  ? 14.586  -2.794  -9.951  1.00 20.08 ? 44  VAL A CA    1 
ATOM   345  C  C     . VAL A 1 44  ? 15.063  -4.237  -9.805  1.00 16.57 ? 44  VAL A C     1 
ATOM   346  O  O     . VAL A 1 44  ? 14.502  -5.147  -10.407 1.00 22.95 ? 44  VAL A O     1 
ATOM   347  C  CB    . VAL A 1 44  ? 13.721  -2.420  -8.723  1.00 20.29 ? 44  VAL A CB    1 
ATOM   348  C  CG1   . VAL A 1 44  ? 13.295  -0.957  -8.788  1.00 26.70 ? 44  VAL A CG1   1 
ATOM   349  C  CG2   . VAL A 1 44  ? 12.505  -3.310  -8.649  1.00 21.88 ? 44  VAL A CG2   1 
ATOM   350  N  N     . VAL A 1 45  ? 16.105  -4.439  -9.018  1.00 15.64 ? 45  VAL A N     1 
ATOM   351  C  CA    . VAL A 1 45  ? 16.536  -5.788  -8.679  1.00 15.44 ? 45  VAL A CA    1 
ATOM   352  C  C     . VAL A 1 45  ? 16.043  -6.099  -7.270  1.00 14.98 ? 45  VAL A C     1 
ATOM   353  O  O     . VAL A 1 45  ? 16.366  -5.381  -6.323  1.00 16.38 ? 45  VAL A O     1 
ATOM   354  C  CB    . VAL A 1 45  ? 18.071  -5.921  -8.723  1.00 17.76 ? 45  VAL A CB    1 
ATOM   355  C  CG1   . VAL A 1 45  ? 18.488  -7.341  -8.352  1.00 18.76 ? 45  VAL A CG1   1 
ATOM   356  C  CG2   . VAL A 1 45  ? 18.608  -5.535  -10.104 1.00 22.18 ? 45  VAL A CG2   1 
ATOM   357  N  N     . ILE A 1 46  ? 15.234  -7.141  -7.134  1.00 13.55 ? 46  ILE A N     1 
ATOM   358  C  CA    . ILE A 1 46  ? 14.690  -7.524  -5.834  1.00 12.18 ? 46  ILE A CA    1 
ATOM   359  C  C     . ILE A 1 46  ? 15.091  -8.969  -5.584  1.00 12.43 ? 46  ILE A C     1 
ATOM   360  O  O     . ILE A 1 46  ? 14.680  -9.872  -6.315  1.00 12.66 ? 46  ILE A O     1 
ATOM   361  C  CB    . ILE A 1 46  ? 13.149  -7.365  -5.780  1.00 12.20 ? 46  ILE A CB    1 
ATOM   362  C  CG1   . ILE A 1 46  ? 12.737  -5.927  -6.116  1.00 15.12 ? 46  ILE A CG1   1 
ATOM   363  C  CG2   . ILE A 1 46  ? 12.593  -7.788  -4.402  1.00 14.32 ? 46  ILE A CG2   1 
ATOM   364  C  CD1   . ILE A 1 46  ? 11.211  -5.746  -6.226  1.00 16.09 ? 46  ILE A CD1   1 
ATOM   365  N  N     . ASP A 1 47  ? 15.918  -9.180  -4.557  1.00 13.21 ? 47  ASP A N     1 
ATOM   366  C  CA    . ASP A 1 47  ? 16.433  -10.518 -4.249  1.00 13.97 ? 47  ASP A CA    1 
ATOM   367  C  C     . ASP A 1 47  ? 17.065  -11.195 -5.457  1.00 14.43 ? 47  ASP A C     1 
ATOM   368  O  O     . ASP A 1 47  ? 16.818  -12.369 -5.718  1.00 15.43 ? 47  ASP A O     1 
ATOM   369  C  CB    . ASP A 1 47  ? 15.326  -11.399 -3.661  1.00 13.73 ? 47  ASP A CB    1 
ATOM   370  C  CG    . ASP A 1 47  ? 14.641  -10.736 -2.503  1.00 14.16 ? 47  ASP A CG    1 
ATOM   371  O  OD1   . ASP A 1 47  ? 15.353  -10.281 -1.578  1.00 13.76 ? 47  ASP A OD1   1 
ATOM   372  O  OD2   . ASP A 1 47  ? 13.396  -10.624 -2.526  1.00 14.42 ? 47  ASP A OD2   1 
ATOM   373  N  N     . GLY A 1 48  ? 17.870  -10.441 -6.196  1.00 14.77 ? 48  GLY A N     1 
ATOM   374  C  CA    . GLY A 1 48  ? 18.624  -10.993 -7.307  1.00 17.85 ? 48  GLY A CA    1 
ATOM   375  C  C     . GLY A 1 48  ? 17.848  -11.185 -8.598  1.00 19.95 ? 48  GLY A C     1 
ATOM   376  O  O     . GLY A 1 48  ? 18.392  -11.672 -9.587  1.00 23.01 ? 48  GLY A O     1 
ATOM   377  N  N     . GLU A 1 49  ? 16.576  -10.801 -8.594  1.00 16.03 ? 49  GLU A N     1 
ATOM   378  C  CA    . GLU A 1 49  ? 15.757  -10.890 -9.797  1.00 16.95 ? 49  GLU A CA    1 
ATOM   379  C  C     . GLU A 1 49  ? 15.549  -9.500  -10.388 1.00 16.23 ? 49  GLU A C     1 
ATOM   380  O  O     . GLU A 1 49  ? 15.063  -8.592  -9.715  1.00 15.23 ? 49  GLU A O     1 
ATOM   381  C  CB    . GLU A 1 49  ? 14.405  -11.537 -9.479  1.00 15.41 ? 49  GLU A CB    1 
ATOM   382  C  CG    . GLU A 1 49  ? 13.457  -11.600 -10.650 1.00 15.53 ? 49  GLU A CG    1 
ATOM   383  C  CD    . GLU A 1 49  ? 12.159  -12.254 -10.268 1.00 19.34 ? 49  GLU A CD    1 
ATOM   384  O  OE1   . GLU A 1 49  ? 11.388  -11.637 -9.513  1.00 18.81 ? 49  GLU A OE1   1 
ATOM   385  O  OE2   . GLU A 1 49  ? 11.912  -13.394 -10.702 1.00 26.85 ? 49  GLU A OE2   1 
ATOM   386  N  N     . THR A 1 50  ? 15.944  -9.319  -11.643 1.00 17.75 ? 50  THR A N     1 
ATOM   387  C  CA    . THR A 1 50  ? 15.639  -8.075  -12.328 1.00 18.36 ? 50  THR A CA    1 
ATOM   388  C  C     . THR A 1 50  ? 14.164  -8.093  -12.689 1.00 20.80 ? 50  THR A C     1 
ATOM   389  O  O     . THR A 1 50  ? 13.675  -9.020  -13.325 1.00 19.61 ? 50  THR A O     1 
ATOM   390  C  CB    . THR A 1 50  ? 16.494  -7.901  -13.598 1.00 21.51 ? 50  THR A CB    1 
ATOM   391  O  OG1   . THR A 1 50  ? 17.879  -7.902  -13.229 1.00 24.82 ? 50  THR A OG1   1 
ATOM   392  C  CG2   . THR A 1 50  ? 16.159  -6.578  -14.284 1.00 25.07 ? 50  THR A CG2   1 
ATOM   393  N  N     . CYS A 1 51  ? 13.438  -7.081  -12.257 1.00 19.21 ? 51  CYS A N     1 
ATOM   394  C  CA    . CYS A 1 51  ? 12.033  -7.070  -12.585 1.00 21.86 ? 51  CYS A CA    1 
ATOM   395  C  C     . CYS A 1 51  ? 11.487  -5.669  -12.774 1.00 18.66 ? 51  CYS A C     1 
ATOM   396  O  O     . CYS A 1 51  ? 12.162  -4.665  -12.540 1.00 17.69 ? 51  CYS A O     1 
ATOM   397  C  CB    . CYS A 1 51  ? 11.255  -7.791  -11.501 1.00 21.51 ? 51  CYS A CB    1 
ATOM   398  S  SG    . CYS A 1 51  ? 11.454  -6.986  -9.932  1.00 24.12 ? 51  CYS A SG    1 
ATOM   399  N  N     . LEU A 1 52  ? 10.237  -5.631  -13.205 1.00 16.04 ? 52  LEU A N     1 
ATOM   400  C  CA    . LEU A 1 52  ? 9.575   -4.389  -13.526 1.00 18.52 ? 52  LEU A CA    1 
ATOM   401  C  C     . LEU A 1 52  ? 8.429   -4.233  -12.545 1.00 15.08 ? 52  LEU A C     1 
ATOM   402  O  O     . LEU A 1 52  ? 7.558   -5.094  -12.482 1.00 18.07 ? 52  LEU A O     1 
ATOM   403  C  CB    . LEU A 1 52  ? 9.035   -4.471  -14.952 1.00 19.27 ? 52  LEU A CB    1 
ATOM   404  C  CG    . LEU A 1 52  ? 8.598   -3.174  -15.624 1.00 30.11 ? 52  LEU A CG    1 
ATOM   405  C  CD1   . LEU A 1 52  ? 9.771   -2.206  -15.711 1.00 30.39 ? 52  LEU A CD1   1 
ATOM   406  C  CD2   . LEU A 1 52  ? 8.046   -3.487  -17.008 1.00 34.76 ? 52  LEU A CD2   1 
ATOM   407  N  N     . LEU A 1 53  ? 8.450   -3.166  -11.752 1.00 13.83 ? 53  LEU A N     1 
ATOM   408  C  CA    . LEU A 1 53  ? 7.308   -2.844  -10.895 1.00 14.24 ? 53  LEU A CA    1 
ATOM   409  C  C     . LEU A 1 53  ? 6.358   -1.901  -11.616 1.00 15.42 ? 53  LEU A C     1 
ATOM   410  O  O     . LEU A 1 53  ? 6.764   -0.832  -12.072 1.00 17.42 ? 53  LEU A O     1 
ATOM   411  C  CB    . LEU A 1 53  ? 7.750   -2.190  -9.594  1.00 16.43 ? 53  LEU A CB    1 
ATOM   412  C  CG    . LEU A 1 53  ? 8.738   -2.977  -8.734  1.00 16.43 ? 53  LEU A CG    1 
ATOM   413  C  CD1   . LEU A 1 53  ? 8.979   -2.236  -7.432  1.00 18.10 ? 53  LEU A CD1   1 
ATOM   414  C  CD2   . LEU A 1 53  ? 8.226   -4.379  -8.465  1.00 17.68 ? 53  LEU A CD2   1 
ATOM   415  N  N     . ASP A 1 54  ? 5.099   -2.299  -11.715 1.00 12.72 ? 54  ASP A N     1 
ATOM   416  C  CA    . ASP A 1 54  ? 4.042   -1.443  -12.251 1.00 14.44 ? 54  ASP A CA    1 
ATOM   417  C  C     . ASP A 1 54  ? 3.119   -1.144  -11.086 1.00 13.82 ? 54  ASP A C     1 
ATOM   418  O  O     . ASP A 1 54  ? 2.438   -2.055  -10.601 1.00 14.43 ? 54  ASP A O     1 
ATOM   419  C  CB    . ASP A 1 54  ? 3.255   -2.184  -13.329 1.00 19.25 ? 54  ASP A CB    1 
ATOM   420  C  CG    . ASP A 1 54  ? 3.995   -2.269  -14.644 1.00 31.54 ? 54  ASP A CG    1 
ATOM   421  O  OD1   . ASP A 1 54  ? 3.996   -3.351  -15.265 1.00 37.35 ? 54  ASP A OD1   1 
ATOM   422  O  OD2   . ASP A 1 54  ? 4.570   -1.250  -15.065 1.00 33.31 ? 54  ASP A OD2   1 
ATOM   423  N  N     . ILE A 1 55  ? 3.106   0.103   -10.620 1.00 12.66 ? 55  ILE A N     1 
ATOM   424  C  CA    . ILE A 1 55  ? 2.388   0.445   -9.389  1.00 12.53 ? 55  ILE A CA    1 
ATOM   425  C  C     . ILE A 1 55  ? 1.209   1.359   -9.664  1.00 13.06 ? 55  ILE A C     1 
ATOM   426  O  O     . ILE A 1 55  ? 1.378   2.433   -10.242 1.00 13.50 ? 55  ILE A O     1 
ATOM   427  C  CB    . ILE A 1 55  ? 3.319   1.121   -8.362  1.00 11.90 ? 55  ILE A CB    1 
ATOM   428  C  CG1   . ILE A 1 55  ? 4.572   0.267   -8.137  1.00 13.99 ? 55  ILE A CG1   1 
ATOM   429  C  CG2   . ILE A 1 55  ? 2.573   1.401   -7.050  1.00 12.07 ? 55  ILE A CG2   1 
ATOM   430  C  CD1   . ILE A 1 55  ? 5.574   0.863   -7.196  1.00 14.56 ? 55  ILE A CD1   1 
ATOM   431  N  N     . LEU A 1 56  ? 0.022   0.934   -9.249  1.00 10.74 ? 56  LEU A N     1 
ATOM   432  C  CA    . LEU A 1 56  ? -1.180  1.761   -9.347  1.00 10.39 ? 56  LEU A CA    1 
ATOM   433  C  C     . LEU A 1 56  ? -1.428  2.447   -8.017  1.00 10.67 ? 56  LEU A C     1 
ATOM   434  O  O     . LEU A 1 56  ? -1.583  1.777   -6.981  1.00 11.02 ? 56  LEU A O     1 
ATOM   435  C  CB    . LEU A 1 56  ? -2.398  0.910   -9.718  1.00 11.19 ? 56  LEU A CB    1 
ATOM   436  C  CG    . LEU A 1 56  ? -3.726  1.673   -9.802  1.00 14.67 ? 56  LEU A CG    1 
ATOM   437  C  CD1   . LEU A 1 56  ? -3.726  2.660   -10.962 1.00 18.87 ? 56  LEU A CD1   1 
ATOM   438  C  CD2   . LEU A 1 56  ? -4.878  0.700   -9.935  1.00 17.23 ? 56  LEU A CD2   1 
ATOM   439  N  N     . ASP A 1 57  ? -1.431  3.770   -8.042  1.00 11.14 ? 57  ASP A N     1 
ATOM   440  C  CA    . ASP A 1 57  ? -1.660  4.607   -6.872  1.00 11.22 ? 57  ASP A CA    1 
ATOM   441  C  C     . ASP A 1 57  ? -3.098  5.102   -6.958  1.00 11.58 ? 57  ASP A C     1 
ATOM   442  O  O     . ASP A 1 57  ? -3.440  5.891   -7.853  1.00 12.28 ? 57  ASP A O     1 
ATOM   443  C  CB    . ASP A 1 57  ? -0.676  5.783   -6.934  1.00 11.57 ? 57  ASP A CB    1 
ATOM   444  C  CG    . ASP A 1 57  ? -0.819  6.743   -5.785  1.00 12.55 ? 57  ASP A CG    1 
ATOM   445  O  OD1   . ASP A 1 57  ? -1.341  6.344   -4.727  1.00 12.27 ? 57  ASP A OD1   1 
ATOM   446  O  OD2   . ASP A 1 57  ? -0.407  7.915   -5.944  1.00 12.85 ? 57  ASP A OD2   1 
ATOM   447  N  N     . THR A 1 58  ? -3.951  4.607   -6.068  1.00 10.36 ? 58  THR A N     1 
ATOM   448  C  CA    . THR A 1 58  ? -5.395  4.828   -6.176  1.00 12.14 ? 58  THR A CA    1 
ATOM   449  C  C     . THR A 1 58  ? -5.911  5.983   -5.325  1.00 11.47 ? 58  THR A C     1 
ATOM   450  O  O     . THR A 1 58  ? -5.252  6.455   -4.409  1.00 11.97 ? 58  THR A O     1 
ATOM   451  C  CB    . THR A 1 58  ? -6.189  3.562   -5.788  1.00 11.56 ? 58  THR A CB    1 
ATOM   452  O  OG1   . THR A 1 58  ? -6.039  3.307   -4.386  1.00 11.28 ? 58  THR A OG1   1 
ATOM   453  C  CG2   . THR A 1 58  ? -5.721  2.362   -6.577  1.00 11.88 ? 58  THR A CG2   1 
ATOM   454  N  N     . ALA A 1 59  ? -7.129  6.420   -5.630  1.00 13.46 ? 59  ALA A N     1 
ATOM   455  C  CA    . ALA A 1 59  ? -7.779  7.453   -4.845  1.00 12.62 ? 59  ALA A CA    1 
ATOM   456  C  C     . ALA A 1 59  ? -8.215  6.896   -3.499  1.00 13.58 ? 59  ALA A C     1 
ATOM   457  O  O     . ALA A 1 59  ? -8.774  5.803   -3.430  1.00 15.45 ? 59  ALA A O     1 
ATOM   458  C  CB    . ALA A 1 59  ? -8.999  7.992   -5.590  1.00 16.22 ? 59  ALA A CB    1 
ATOM   459  N  N     . GLY A 1 60  ? -7.991  7.681   -2.450  1.00 13.03 ? 60  GLY A N     1 
ATOM   460  C  CA    . GLY A 1 60  ? -8.560  7.417   -1.145  1.00 14.36 ? 60  GLY A CA    1 
ATOM   461  C  C     . GLY A 1 60  ? -9.811  8.238   -0.872  1.00 19.23 ? 60  GLY A C     1 
ATOM   462  O  O     . GLY A 1 60  ? -10.641 7.848   -0.049  1.00 19.68 ? 60  GLY A O     1 
ATOM   463  N  N     . GLN A 1 61  ? -9.950  9.378   -1.541  1.00 18.08 ? 61  GLN A N     1 
ATOM   464  C  CA    . GLN A 1 61  ? -11.150 10.196  -1.372  1.00 21.17 ? 61  GLN A CA    1 
ATOM   465  C  C     . GLN A 1 61  ? -12.292 9.630   -2.209  1.00 25.26 ? 61  GLN A C     1 
ATOM   466  O  O     . GLN A 1 61  ? -12.149 9.418   -3.415  1.00 21.92 ? 61  GLN A O     1 
ATOM   467  C  CB    . GLN A 1 61  ? -10.884 11.660  -1.739  1.00 22.33 ? 61  GLN A CB    1 
ATOM   468  C  CG    . GLN A 1 61  ? -9.825  12.346  -0.876  1.00 22.67 ? 61  GLN A CG    1 
ATOM   469  C  CD    . GLN A 1 61  ? -10.267 12.557  0.567   1.00 24.84 ? 61  GLN A CD    1 
ATOM   470  O  OE1   . GLN A 1 61  ? -11.442 12.401  0.900   1.00 30.34 ? 61  GLN A OE1   1 
ATOM   471  N  NE2   . GLN A 1 61  ? -9.324  12.920  1.426   1.00 23.88 ? 61  GLN A NE2   1 
ATOM   472  N  N     . GLU A 1 62  ? -13.422 9.375   -1.557  1.00 28.00 ? 62  GLU A N     1 
ATOM   473  C  CA    . GLU A 1 62  ? -14.581 8.797   -2.232  1.00 30.66 ? 62  GLU A CA    1 
ATOM   474  C  C     . GLU A 1 62  ? -14.952 9.566   -3.497  1.00 30.70 ? 62  GLU A C     1 
ATOM   475  O  O     . GLU A 1 62  ? -15.237 8.970   -4.540  1.00 30.08 ? 62  GLU A O     1 
ATOM   476  C  CB    . GLU A 1 62  ? -15.778 8.742   -1.280  1.00 32.47 ? 62  GLU A CB    1 
ATOM   477  C  CG    . GLU A 1 62  ? -15.579 7.796   -0.107  1.00 38.88 ? 62  GLU A CG    1 
ATOM   478  C  CD    . GLU A 1 62  ? -15.255 6.382   -0.552  1.00 42.90 ? 62  GLU A CD    1 
ATOM   479  O  OE1   . GLU A 1 62  ? -15.959 5.849   -1.438  1.00 45.38 ? 62  GLU A OE1   1 
ATOM   480  O  OE2   . GLU A 1 62  ? -14.286 5.803   -0.017  1.00 45.76 ? 62  GLU A OE2   1 
ATOM   481  N  N     . GLU A 1 63  ? -14.928 10.891  -3.395  1.00 31.34 ? 63  GLU A N     1 
ATOM   482  C  CA    . GLU A 1 63  ? -15.282 11.767  -4.509  1.00 32.07 ? 63  GLU A CA    1 
ATOM   483  C  C     . GLU A 1 63  ? -14.453 11.513  -5.767  1.00 31.83 ? 63  GLU A C     1 
ATOM   484  O  O     . GLU A 1 63  ? -14.912 11.757  -6.882  1.00 32.06 ? 63  GLU A O     1 
ATOM   485  C  CB    . GLU A 1 63  ? -15.143 13.236  -4.098  1.00 36.96 ? 63  GLU A CB    1 
ATOM   486  C  CG    . GLU A 1 63  ? -16.034 13.650  -2.933  1.00 42.53 ? 63  GLU A CG    1 
ATOM   487  C  CD    . GLU A 1 63  ? -15.525 13.152  -1.591  1.00 46.47 ? 63  GLU A CD    1 
ATOM   488  O  OE1   . GLU A 1 63  ? -14.299 12.955  -1.446  1.00 38.55 ? 63  GLU A OE1   1 
ATOM   489  O  OE2   . GLU A 1 63  ? -16.359 12.959  -0.677  1.00 49.34 ? 63  GLU A OE2   1 
ATOM   490  N  N     . TYR A 1 64  ? -13.232 11.025  -5.584  1.00 29.00 ? 64  TYR A N     1 
ATOM   491  C  CA    . TYR A 1 64  ? -12.311 10.832  -6.697  1.00 29.07 ? 64  TYR A CA    1 
ATOM   492  C  C     . TYR A 1 64  ? -12.119 9.364   -7.072  1.00 26.50 ? 64  TYR A C     1 
ATOM   493  O  O     . TYR A 1 64  ? -11.229 9.037   -7.855  1.00 24.23 ? 64  TYR A O     1 
ATOM   494  C  CB    . TYR A 1 64  ? -10.953 11.448  -6.352  1.00 26.00 ? 64  TYR A CB    1 
ATOM   495  C  CG    . TYR A 1 64  ? -11.006 12.941  -6.127  1.00 29.78 ? 64  TYR A CG    1 
ATOM   496  C  CD1   . TYR A 1 64  ? -10.436 13.511  -4.999  1.00 29.67 ? 64  TYR A CD1   1 
ATOM   497  C  CD2   . TYR A 1 64  ? -11.625 13.781  -7.046  1.00 37.09 ? 64  TYR A CD2   1 
ATOM   498  C  CE1   . TYR A 1 64  ? -10.480 14.874  -4.785  1.00 33.09 ? 64  TYR A CE1   1 
ATOM   499  C  CE2   . TYR A 1 64  ? -11.674 15.151  -6.842  1.00 38.86 ? 64  TYR A CE2   1 
ATOM   500  C  CZ    . TYR A 1 64  ? -11.099 15.688  -5.708  1.00 39.80 ? 64  TYR A CZ    1 
ATOM   501  O  OH    . TYR A 1 64  ? -11.140 17.047  -5.490  1.00 45.84 ? 64  TYR A OH    1 
ATOM   502  N  N     . SER A 1 65  ? -12.965 8.490   -6.531  1.00 29.21 ? 65  SER A N     1 
ATOM   503  C  CA    . SER A 1 65  ? -12.744 7.046   -6.637  1.00 31.55 ? 65  SER A CA    1 
ATOM   504  C  C     . SER A 1 65  ? -13.518 6.363   -7.760  1.00 33.19 ? 65  SER A C     1 
ATOM   505  O  O     . SER A 1 65  ? -13.574 5.134   -7.814  1.00 34.52 ? 65  SER A O     1 
ATOM   506  C  CB    . SER A 1 65  ? -13.090 6.362   -5.315  1.00 29.68 ? 65  SER A CB    1 
ATOM   507  O  OG    . SER A 1 65  ? -14.479 6.466   -5.051  1.00 36.41 ? 65  SER A OG    1 
ATOM   508  N  N     . ALA A 1 66  ? -14.119 7.146   -8.649  1.00 32.97 ? 66  ALA A N     1 
ATOM   509  C  CA    . ALA A 1 66  ? -14.853 6.575   -9.772  1.00 33.88 ? 66  ALA A CA    1 
ATOM   510  C  C     . ALA A 1 66  ? -14.011 5.533   -10.505 1.00 35.43 ? 66  ALA A C     1 
ATOM   511  O  O     . ALA A 1 66  ? -12.866 5.792   -10.873 1.00 32.55 ? 66  ALA A O     1 
ATOM   512  C  CB    . ALA A 1 66  ? -15.301 7.669   -10.732 1.00 39.17 ? 66  ALA A CB    1 
ATOM   513  N  N     . MET A 1 67  ? -14.585 4.352   -10.701 1.00 37.91 ? 67  MET A N     1 
ATOM   514  C  CA    . MET A 1 67  ? -13.947 3.297   -11.485 1.00 35.43 ? 67  MET A CA    1 
ATOM   515  C  C     . MET A 1 67  ? -12.653 2.753   -10.887 1.00 31.23 ? 67  MET A C     1 
ATOM   516  O  O     . MET A 1 67  ? -11.888 2.088   -11.584 1.00 31.51 ? 67  MET A O     1 
ATOM   517  C  CB    . MET A 1 67  ? -13.691 3.770   -12.919 1.00 39.83 ? 67  MET A CB    1 
ATOM   518  C  CG    . MET A 1 67  ? -14.944 3.830   -13.779 1.00 47.58 ? 67  MET A CG    1 
ATOM   519  S  SD    . MET A 1 67  ? -14.609 4.419   -15.446 1.00 65.05 ? 67  MET A SD    1 
ATOM   520  C  CE    . MET A 1 67  ? -14.296 6.154   -15.132 1.00 51.70 ? 67  MET A CE    1 
ATOM   521  N  N     . ARG A 1 68  ? -12.409 3.028   -9.609  1.00 30.17 ? 68  ARG A N     1 
ATOM   522  C  CA    . ARG A 1 68  ? -11.217 2.496   -8.956  1.00 28.15 ? 68  ARG A CA    1 
ATOM   523  C  C     . ARG A 1 68  ? -11.207 0.974   -9.028  1.00 28.39 ? 68  ARG A C     1 
ATOM   524  O  O     . ARG A 1 68  ? -10.177 0.363   -9.317  1.00 23.92 ? 68  ARG A O     1 
ATOM   525  C  CB    . ARG A 1 68  ? -11.122 2.933   -7.496  1.00 28.38 ? 68  ARG A CB    1 
ATOM   526  C  CG    . ARG A 1 68  ? -9.835  2.449   -6.835  1.00 25.62 ? 68  ARG A CG    1 
ATOM   527  C  CD    . ARG A 1 68  ? -10.023 2.172   -5.359  1.00 34.60 ? 68  ARG A CD    1 
ATOM   528  N  NE    . ARG A 1 68  ? -10.307 3.384   -4.611  1.00 35.54 ? 68  ARG A NE    1 
ATOM   529  C  CZ    . ARG A 1 68  ? -11.094 3.432   -3.539  1.00 33.72 ? 68  ARG A CZ    1 
ATOM   530  N  NH1   . ARG A 1 68  ? -11.686 2.334   -3.085  1.00 39.16 ? 68  ARG A NH1   1 
ATOM   531  N  NH2   . ARG A 1 68  ? -11.290 4.580   -2.919  1.00 23.63 ? 68  ARG A NH2   1 
ATOM   532  N  N     . ASP A 1 69  ? -12.358 0.361   -8.772  1.00 26.57 ? 69  ASP A N     1 
ATOM   533  C  CA    . ASP A 1 69  ? -12.431 -1.097  -8.774  1.00 25.53 ? 69  ASP A CA    1 
ATOM   534  C  C     . ASP A 1 69  ? -12.038 -1.710  -10.120 1.00 24.40 ? 69  ASP A C     1 
ATOM   535  O  O     . ASP A 1 69  ? -11.487 -2.808  -10.168 1.00 24.83 ? 69  ASP A O     1 
ATOM   536  C  CB    . ASP A 1 69  ? -13.794 -1.613  -8.274  1.00 28.14 ? 69  ASP A CB    1 
ATOM   537  C  CG    . ASP A 1 69  ? -14.975 -0.965  -8.971  1.00 38.52 ? 69  ASP A CG    1 
ATOM   538  O  OD1   . ASP A 1 69  ? -16.124 -1.284  -8.588  1.00 40.39 ? 69  ASP A OD1   1 
ATOM   539  O  OD2   . ASP A 1 69  ? -14.774 -0.142  -9.891  1.00 40.63 ? 69  ASP A OD2   1 
ATOM   540  N  N     . GLN A 1 70  ? -12.295 -0.990  -11.209 1.00 26.30 ? 70  GLN A N     1 
ATOM   541  C  CA    . GLN A 1 70  ? -11.899 -1.455  -12.534 1.00 27.05 ? 70  GLN A CA    1 
ATOM   542  C  C     . GLN A 1 70  ? -10.386 -1.415  -12.708 1.00 28.02 ? 70  GLN A C     1 
ATOM   543  O  O     . GLN A 1 70  ? -9.789  -2.344  -13.251 1.00 27.28 ? 70  GLN A O     1 
ATOM   544  C  CB    . GLN A 1 70  ? -12.567 -0.626  -13.632 1.00 31.32 ? 70  GLN A CB    1 
ATOM   545  C  CG    . GLN A 1 70  ? -14.069 -0.815  -13.719 1.00 36.25 ? 70  GLN A CG    1 
ATOM   546  C  CD    . GLN A 1 70  ? -14.458 -2.275  -13.850 1.00 36.26 ? 70  GLN A CD    1 
ATOM   547  O  OE1   . GLN A 1 70  ? -14.076 -2.955  -14.805 1.00 36.73 ? 70  GLN A OE1   1 
ATOM   548  N  NE2   . GLN A 1 70  ? -15.207 -2.769  -12.879 1.00 36.22 ? 70  GLN A NE2   1 
ATOM   549  N  N     . TYR A 1 71  ? -9.776  -0.325  -12.256 1.00 26.70 ? 71  TYR A N     1 
ATOM   550  C  CA    . TYR A 1 71  ? -8.325  -0.190  -12.307 1.00 30.92 ? 71  TYR A CA    1 
ATOM   551  C  C     . TYR A 1 71  ? -7.643  -1.286  -11.487 1.00 26.40 ? 71  TYR A C     1 
ATOM   552  O  O     . TYR A 1 71  ? -6.620  -1.827  -11.900 1.00 30.31 ? 71  TYR A O     1 
ATOM   553  C  CB    . TYR A 1 71  ? -7.897  1.200   -11.816 1.00 28.76 ? 71  TYR A CB    1 
ATOM   554  C  CG    . TYR A 1 71  ? -8.196  2.308   -12.803 1.00 34.05 ? 71  TYR A CG    1 
ATOM   555  C  CD1   . TYR A 1 71  ? -9.498  2.737   -13.025 1.00 35.97 ? 71  TYR A CD1   1 
ATOM   556  C  CD2   . TYR A 1 71  ? -7.176  2.921   -13.520 1.00 39.11 ? 71  TYR A CD2   1 
ATOM   557  C  CE1   . TYR A 1 71  ? -9.778  3.746   -13.933 1.00 40.87 ? 71  TYR A CE1   1 
ATOM   558  C  CE2   . TYR A 1 71  ? -7.445  3.929   -14.428 1.00 39.01 ? 71  TYR A CE2   1 
ATOM   559  C  CZ    . TYR A 1 71  ? -8.748  4.337   -14.632 1.00 39.14 ? 71  TYR A CZ    1 
ATOM   560  O  OH    . TYR A 1 71  ? -9.021  5.341   -15.535 1.00 52.42 ? 71  TYR A OH    1 
ATOM   561  N  N     . MET A 1 72  ? -8.236  -1.626  -10.344 1.00 23.78 ? 72  MET A N     1 
ATOM   562  C  CA    . MET A 1 72  ? -7.648  -2.572  -9.392  1.00 21.71 ? 72  MET A CA    1 
ATOM   563  C  C     . MET A 1 72  ? -7.678  -4.041  -9.820  1.00 23.94 ? 72  MET A C     1 
ATOM   564  O  O     . MET A 1 72  ? -6.917  -4.854  -9.296  1.00 19.67 ? 72  MET A O     1 
ATOM   565  C  CB    . MET A 1 72  ? -8.354  -2.461  -8.045  1.00 20.67 ? 72  MET A CB    1 
ATOM   566  C  CG    . MET A 1 72  ? -8.145  -1.139  -7.322  1.00 25.35 ? 72  MET A CG    1 
ATOM   567  S  SD    . MET A 1 72  ? -9.214  -1.024  -5.878  1.00 29.11 ? 72  MET A SD    1 
ATOM   568  C  CE    . MET A 1 72  ? -8.721  -2.467  -4.937  1.00 24.25 ? 72  MET A CE    1 
ATOM   569  N  N     . ARG A 1 73  ? -8.579  -4.383  -10.736 1.00 26.37 ? 73  ARG A N     1 
ATOM   570  C  CA    . ARG A 1 73  ? -8.808  -5.773  -11.143 1.00 23.39 ? 73  ARG A CA    1 
ATOM   571  C  C     . ARG A 1 73  ? -7.557  -6.523  -11.567 1.00 19.76 ? 73  ARG A C     1 
ATOM   572  O  O     . ARG A 1 73  ? -7.460  -7.730  -11.370 1.00 21.03 ? 73  ARG A O     1 
ATOM   573  C  CB    . ARG A 1 73  ? -9.802  -5.831  -12.308 1.00 29.08 ? 73  ARG A CB    1 
ATOM   574  C  CG    . ARG A 1 73  ? -11.249 -5.691  -11.911 1.00 30.76 ? 73  ARG A CG    1 
ATOM   575  C  CD    . ARG A 1 73  ? -12.131 -5.701  -13.150 1.00 26.66 ? 73  ARG A CD    1 
ATOM   576  N  NE    . ARG A 1 73  ? -11.951 -6.913  -13.946 1.00 25.45 ? 73  ARG A NE    1 
ATOM   577  C  CZ    . ARG A 1 73  ? -12.498 -8.086  -13.649 1.00 21.56 ? 73  ARG A CZ    1 
ATOM   578  N  NH1   . ARG A 1 73  ? -13.241 -8.209  -12.562 1.00 28.81 ? 73  ARG A NH1   1 
ATOM   579  N  NH2   . ARG A 1 73  ? -12.295 -9.141  -14.432 1.00 25.35 ? 73  ARG A NH2   1 
ATOM   580  N  N     . THR A 1 74  ? -6.619  -5.806  -12.176 1.00 20.53 ? 74  THR A N     1 
ATOM   581  C  CA    . THR A 1 74  ? -5.416  -6.414  -12.727 1.00 24.20 ? 74  THR A CA    1 
ATOM   582  C  C     . THR A 1 74  ? -4.291  -6.557  -11.696 1.00 19.36 ? 74  THR A C     1 
ATOM   583  O  O     . THR A 1 74  ? -3.259  -7.168  -11.979 1.00 20.43 ? 74  THR A O     1 
ATOM   584  C  CB    . THR A 1 74  ? -4.891  -5.599  -13.930 1.00 29.41 ? 74  THR A CB    1 
ATOM   585  O  OG1   . THR A 1 74  ? -3.758  -6.258  -14.507 1.00 42.91 ? 74  THR A OG1   1 
ATOM   586  C  CG2   . THR A 1 74  ? -4.500  -4.197  -13.493 1.00 27.27 ? 74  THR A CG2   1 
ATOM   587  N  N     . GLY A 1 75  ? -4.489  -6.010  -10.499 1.00 17.60 ? 75  GLY A N     1 
ATOM   588  C  CA    . GLY A 1 75  ? -3.425  -6.050  -9.505  1.00 13.98 ? 75  GLY A CA    1 
ATOM   589  C  C     . GLY A 1 75  ? -3.082  -7.458  -9.053  1.00 14.47 ? 75  GLY A C     1 
ATOM   590  O  O     . GLY A 1 75  ? -3.965  -8.302  -8.871  1.00 14.77 ? 75  GLY A O     1 
ATOM   591  N  N     . GLU A 1 76  ? -1.793  -7.710  -8.854  1.00 12.02 ? 76  GLU A N     1 
ATOM   592  C  CA    . GLU A 1 76  ? -1.321  -9.014  -8.392  1.00 12.67 ? 76  GLU A CA    1 
ATOM   593  C  C     . GLU A 1 76  ? -1.083  -9.019  -6.885  1.00 12.26 ? 76  GLU A C     1 
ATOM   594  O  O     . GLU A 1 76  ? -1.164  -10.066 -6.239  1.00 14.16 ? 76  GLU A O     1 
ATOM   595  C  CB    . GLU A 1 76  ? -0.051  -9.412  -9.149  1.00 13.83 ? 76  GLU A CB    1 
ATOM   596  C  CG    . GLU A 1 76  ? -0.360  -9.769  -10.603 1.00 15.72 ? 76  GLU A CG    1 
ATOM   597  C  CD    . GLU A 1 76  ? 0.855   -9.795  -11.506 1.00 24.27 ? 76  GLU A CD    1 
ATOM   598  O  OE1   . GLU A 1 76  ? 1.911   -9.235  -11.144 1.00 21.30 ? 76  GLU A OE1   1 
ATOM   599  O  OE2   . GLU A 1 76  ? 0.740   -10.384 -12.605 1.00 32.10 ? 76  GLU A OE2   1 
ATOM   600  N  N     . GLY A 1 77  ? -0.810  -7.844  -6.330  1.00 11.45 ? 77  GLY A N     1 
ATOM   601  C  CA    . GLY A 1 77  ? -0.633  -7.706  -4.891  1.00 11.64 ? 77  GLY A CA    1 
ATOM   602  C  C     . GLY A 1 77  ? -1.034  -6.312  -4.455  1.00 8.32  ? 77  GLY A C     1 
ATOM   603  O  O     . GLY A 1 77  ? -0.921  -5.363  -5.247  1.00 9.86  ? 77  GLY A O     1 
ATOM   604  N  N     . PHE A 1 78  ? -1.472  -6.178  -3.203  1.00 8.40  ? 78  PHE A N     1 
ATOM   605  C  CA    . PHE A 1 78  ? -2.036  -4.919  -2.716  1.00 8.34  ? 78  PHE A CA    1 
ATOM   606  C  C     . PHE A 1 78  ? -1.362  -4.444  -1.444  1.00 9.70  ? 78  PHE A C     1 
ATOM   607  O  O     . PHE A 1 78  ? -1.231  -5.205  -0.480  1.00 9.65  ? 78  PHE A O     1 
ATOM   608  C  CB    . PHE A 1 78  ? -3.548  -5.088  -2.479  1.00 11.30 ? 78  PHE A CB    1 
ATOM   609  C  CG    . PHE A 1 78  ? -4.309  -5.391  -3.741  1.00 9.51  ? 78  PHE A CG    1 
ATOM   610  C  CD1   . PHE A 1 78  ? -4.266  -6.658  -4.313  1.00 10.58 ? 78  PHE A CD1   1 
ATOM   611  C  CD2   . PHE A 1 78  ? -5.004  -4.391  -4.400  1.00 10.44 ? 78  PHE A CD2   1 
ATOM   612  C  CE1   . PHE A 1 78  ? -4.922  -6.920  -5.513  1.00 11.95 ? 78  PHE A CE1   1 
ATOM   613  C  CE2   . PHE A 1 78  ? -5.674  -4.644  -5.598  1.00 12.43 ? 78  PHE A CE2   1 
ATOM   614  C  CZ    . PHE A 1 78  ? -5.626  -5.908  -6.150  1.00 13.10 ? 78  PHE A CZ    1 
ATOM   615  N  N     . LEU A 1 79  ? -0.935  -3.182  -1.436  1.00 9.25  ? 79  LEU A N     1 
ATOM   616  C  CA    . LEU A 1 79  ? -0.436  -2.546  -0.226  1.00 9.40  ? 79  LEU A CA    1 
ATOM   617  C  C     . LEU A 1 79  ? -1.631  -1.876  0.421   1.00 9.92  ? 79  LEU A C     1 
ATOM   618  O  O     . LEU A 1 79  ? -2.203  -0.946  -0.170  1.00 11.64 ? 79  LEU A O     1 
ATOM   619  C  CB    . LEU A 1 79  ? 0.604   -1.487  -0.599  1.00 14.12 ? 79  LEU A CB    1 
ATOM   620  C  CG    . LEU A 1 79  ? 1.808   -1.288  0.313   1.00 17.13 ? 79  LEU A CG    1 
ATOM   621  C  CD1   . LEU A 1 79  ? 2.671   -2.565  0.375   1.00 12.45 ? 79  LEU A CD1   1 
ATOM   622  C  CD2   . LEU A 1 79  ? 2.622   -0.099  -0.175  1.00 14.56 ? 79  LEU A CD2   1 
ATOM   623  N  N     . CYS A 1 80  ? -2.038  -2.350  1.598   1.00 8.94  ? 80  CYS A N     1 
ATOM   624  C  CA    . CYS A 1 80  ? -3.175  -1.789  2.318   1.00 9.84  ? 80  CYS A CA    1 
ATOM   625  C  C     . CYS A 1 80  ? -2.634  -0.815  3.352   1.00 9.65  ? 80  CYS A C     1 
ATOM   626  O  O     . CYS A 1 80  ? -2.082  -1.224  4.379   1.00 9.59  ? 80  CYS A O     1 
ATOM   627  C  CB    . CYS A 1 80  ? -3.979  -2.896  2.999   1.00 9.17  ? 80  CYS A CB    1 
ATOM   628  S  SG    . CYS A 1 80  ? -4.703  -4.080  1.844   1.00 14.67 ? 80  CYS A SG    1 
ATOM   629  N  N     . VAL A 1 81  ? -2.778  0.478   3.069   1.00 8.74  ? 81  VAL A N     1 
ATOM   630  C  CA    . VAL A 1 81  ? -2.107  1.503   3.864   1.00 8.43  ? 81  VAL A CA    1 
ATOM   631  C  C     . VAL A 1 81  ? -3.066  2.237   4.796   1.00 8.70  ? 81  VAL A C     1 
ATOM   632  O  O     . VAL A 1 81  ? -4.137  2.667   4.374   1.00 9.23  ? 81  VAL A O     1 
ATOM   633  C  CB    . VAL A 1 81  ? -1.426  2.560   2.946   1.00 8.36  ? 81  VAL A CB    1 
ATOM   634  C  CG1   . VAL A 1 81  ? -0.601  3.525   3.776   1.00 9.53  ? 81  VAL A CG1   1 
ATOM   635  C  CG2   . VAL A 1 81  ? -0.544  1.894   1.890   1.00 9.92  ? 81  VAL A CG2   1 
ATOM   636  N  N     . PHE A 1 82  ? -2.664  2.393   6.053   1.00 8.51  ? 82  PHE A N     1 
ATOM   637  C  CA    . PHE A 1 82  ? -3.340  3.334   6.951   1.00 7.40  ? 82  PHE A CA    1 
ATOM   638  C  C     . PHE A 1 82  ? -2.254  4.209   7.555   1.00 7.70  ? 82  PHE A C     1 
ATOM   639  O  O     . PHE A 1 82  ? -1.060  3.966   7.344   1.00 9.12  ? 82  PHE A O     1 
ATOM   640  C  CB    . PHE A 1 82  ? -4.138  2.598   8.054   1.00 8.53  ? 82  PHE A CB    1 
ATOM   641  C  CG    . PHE A 1 82  ? -3.266  1.861   9.050   1.00 7.59  ? 82  PHE A CG    1 
ATOM   642  C  CD1   . PHE A 1 82  ? -2.779  0.582   8.761   1.00 8.29  ? 82  PHE A CD1   1 
ATOM   643  C  CD2   . PHE A 1 82  ? -2.907  2.466   10.255  1.00 9.31  ? 82  PHE A CD2   1 
ATOM   644  C  CE1   . PHE A 1 82  ? -1.951  -0.095  9.668   1.00 8.24  ? 82  PHE A CE1   1 
ATOM   645  C  CE2   . PHE A 1 82  ? -2.066  1.806   11.172  1.00 9.17  ? 82  PHE A CE2   1 
ATOM   646  C  CZ    . PHE A 1 82  ? -1.585  0.527   10.872  1.00 8.65  ? 82  PHE A CZ    1 
ATOM   647  N  N     . ALA A 1 83  ? -2.645  5.245   8.292   1.00 9.12  ? 83  ALA A N     1 
ATOM   648  C  CA    . ALA A 1 83  ? -1.662  6.081   8.986   1.00 9.02  ? 83  ALA A CA    1 
ATOM   649  C  C     . ALA A 1 83  ? -1.744  5.853   10.487  1.00 8.88  ? 83  ALA A C     1 
ATOM   650  O  O     . ALA A 1 83  ? -2.843  5.746   11.040  1.00 9.68  ? 83  ALA A O     1 
ATOM   651  C  CB    . ALA A 1 83  ? -1.886  7.558   8.662   1.00 10.08 ? 83  ALA A CB    1 
ATOM   652  N  N     . ILE A 1 84  ? -0.590  5.799   11.147  1.00 9.34  ? 84  ILE A N     1 
ATOM   653  C  CA    . ILE A 1 84  ? -0.567  5.450   12.575  1.00 9.22  ? 84  ILE A CA    1 
ATOM   654  C  C     . ILE A 1 84  ? -1.167  6.530   13.475  1.00 11.51 ? 84  ILE A C     1 
ATOM   655  O  O     . ILE A 1 84  ? -1.442  6.263   14.648  1.00 11.19 ? 84  ILE A O     1 
ATOM   656  C  CB    . ILE A 1 84  ? 0.850   5.041   13.072  1.00 10.78 ? 84  ILE A CB    1 
ATOM   657  C  CG1   . ILE A 1 84  ? 1.872   6.159   12.866  1.00 13.87 ? 84  ILE A CG1   1 
ATOM   658  C  CG2   . ILE A 1 84  ? 1.316   3.776   12.348  1.00 11.02 ? 84  ILE A CG2   1 
ATOM   659  C  CD1   . ILE A 1 84  ? 1.945   7.166   13.976  1.00 20.50 ? 84  ILE A CD1   1 
ATOM   660  N  N     . ASN A 1 85  ? -1.356  7.723   12.914  1.00 9.79  ? 85  ASN A N     1 
ATOM   661  C  CA    . ASN A 1 85  ? -2.071  8.811   13.586  1.00 11.00 ? 85  ASN A CA    1 
ATOM   662  C  C     . ASN A 1 85  ? -3.495  9.030   13.055  1.00 11.14 ? 85  ASN A C     1 
ATOM   663  O  O     . ASN A 1 85  ? -4.025  10.137  13.140  1.00 12.96 ? 85  ASN A O     1 
ATOM   664  C  CB    . ASN A 1 85  ? -1.274  10.110  13.458  1.00 12.65 ? 85  ASN A CB    1 
ATOM   665  C  CG    . ASN A 1 85  ? -1.258  10.638  12.035  1.00 16.00 ? 85  ASN A CG    1 
ATOM   666  O  OD1   . ASN A 1 85  ? -1.401  9.878   11.080  1.00 13.69 ? 85  ASN A OD1   1 
ATOM   667  N  ND2   . ASN A 1 85  ? -1.089  11.949  11.889  1.00 17.98 ? 85  ASN A ND2   1 
ATOM   668  N  N     . ASN A 1 86  ? -4.121  7.989   12.502  1.00 11.30 ? 86  ASN A N     1 
ATOM   669  C  CA    . ASN A 1 86  ? -5.449  8.111   11.906  1.00 11.70 ? 86  ASN A CA    1 
ATOM   670  C  C     . ASN A 1 86  ? -6.190  6.809   12.178  1.00 11.44 ? 86  ASN A C     1 
ATOM   671  O  O     . ASN A 1 86  ? -6.133  5.857   11.390  1.00 10.30 ? 86  ASN A O     1 
ATOM   672  C  CB    . ASN A 1 86  ? -5.345  8.403   10.387  1.00 11.60 ? 86  ASN A CB    1 
ATOM   673  C  CG    . ASN A 1 86  ? -6.699  8.650   9.716   1.00 13.51 ? 86  ASN A CG    1 
ATOM   674  O  OD1   . ASN A 1 86  ? -6.755  9.215   8.608   1.00 23.10 ? 86  ASN A OD1   1 
ATOM   675  N  ND2   . ASN A 1 86  ? -7.770  8.224   10.343  1.00 11.53 ? 86  ASN A ND2   1 
ATOM   676  N  N     . THR A 1 87  ? -6.838  6.744   13.337  1.00 10.16 ? 87  THR A N     1 
ATOM   677  C  CA    . THR A 1 87  ? -7.527  5.537   13.758  1.00 11.67 ? 87  THR A CA    1 
ATOM   678  C  C     . THR A 1 87  ? -8.607  5.137   12.753  1.00 10.28 ? 87  THR A C     1 
ATOM   679  O  O     . THR A 1 87  ? -8.769  3.952   12.439  1.00 10.28 ? 87  THR A O     1 
ATOM   680  C  CB    . THR A 1 87  ? -8.096  5.717   15.186  1.00 11.21 ? 87  THR A CB    1 
ATOM   681  O  OG1   . THR A 1 87  ? -7.043  5.518   16.138  1.00 14.27 ? 87  THR A OG1   1 
ATOM   682  C  CG2   . THR A 1 87  ? -9.208  4.726   15.467  1.00 14.31 ? 87  THR A CG2   1 
ATOM   683  N  N     . LYS A 1 88  ? -9.324  6.118   12.207  1.00 11.19 ? 88  LYS A N     1 
ATOM   684  C  CA    . LYS A 1 88  ? -10.360 5.795   11.239  1.00 11.62 ? 88  LYS A CA    1 
ATOM   685  C  C     . LYS A 1 88  ? -9.766  5.069   10.023  1.00 11.94 ? 88  LYS A C     1 
ATOM   686  O  O     . LYS A 1 88  ? -10.369 4.127   9.508   1.00 11.52 ? 88  LYS A O     1 
ATOM   687  C  CB    . LYS A 1 88  ? -11.112 7.061   10.808  1.00 13.70 ? 88  LYS A CB    1 
ATOM   688  C  CG    . LYS A 1 88  ? -12.212 6.819   9.805   1.00 21.38 ? 88  LYS A CG    1 
ATOM   689  C  CD    . LYS A 1 88  ? -13.278 5.888   10.345  1.00 25.86 ? 88  LYS A CD    1 
ATOM   690  C  CE    . LYS A 1 88  ? -14.563 5.993   9.522   1.00 36.17 ? 88  LYS A CE    1 
ATOM   691  N  NZ    . LYS A 1 88  ? -14.304 5.953   8.050   1.00 34.89 ? 88  LYS A NZ    1 
ATOM   692  N  N     . SER A 1 89  ? -8.571  5.477   9.587   1.00 11.04 ? 89  SER A N     1 
ATOM   693  C  CA    . SER A 1 89  ? -7.979  4.850   8.399   1.00 10.15 ? 89  SER A CA    1 
ATOM   694  C  C     . SER A 1 89  ? -7.635  3.391   8.665   1.00 10.47 ? 89  SER A C     1 
ATOM   695  O  O     . SER A 1 89  ? -7.698  2.547   7.769   1.00 9.53  ? 89  SER A O     1 
ATOM   696  C  CB    . SER A 1 89  ? -6.749  5.620   7.897   1.00 10.08 ? 89  SER A CB    1 
ATOM   697  O  OG    . SER A 1 89  ? -5.630  5.512   8.764   1.00 9.57  ? 89  SER A OG    1 
ATOM   698  N  N     . PHE A 1 90  ? -7.278  3.092   9.911   1.00 9.54  ? 90  PHE A N     1 
ATOM   699  C  CA    . PHE A 1 90  ? -6.997  1.722   10.325  1.00 9.23  ? 90  PHE A CA    1 
ATOM   700  C  C     . PHE A 1 90  ? -8.291  0.889   10.345  1.00 9.73  ? 90  PHE A C     1 
ATOM   701  O  O     . PHE A 1 90  ? -8.326  -0.248  9.846   1.00 10.07 ? 90  PHE A O     1 
ATOM   702  C  CB    . PHE A 1 90  ? -6.334  1.730   11.709  1.00 9.85  ? 90  PHE A CB    1 
ATOM   703  C  CG    . PHE A 1 90  ? -6.050  0.356   12.267  1.00 10.26 ? 90  PHE A CG    1 
ATOM   704  C  CD1   . PHE A 1 90  ? -5.054  -0.450  11.726  1.00 10.23 ? 90  PHE A CD1   1 
ATOM   705  C  CD2   . PHE A 1 90  ? -6.783  -0.121  13.343  1.00 11.76 ? 90  PHE A CD2   1 
ATOM   706  C  CE1   . PHE A 1 90  ? -4.790  -1.704  12.264  1.00 10.74 ? 90  PHE A CE1   1 
ATOM   707  C  CE2   . PHE A 1 90  ? -6.531  -1.364  13.876  1.00 12.18 ? 90  PHE A CE2   1 
ATOM   708  C  CZ    . PHE A 1 90  ? -5.529  -2.162  13.339  1.00 11.12 ? 90  PHE A CZ    1 
ATOM   709  N  N     . GLU A 1 91  ? -9.354  1.472   10.903  1.00 10.56 ? 91  GLU A N     1 
ATOM   710  C  CA    . GLU A 1 91  ? -10.655 0.808   10.935  1.00 11.52 ? 91  GLU A CA    1 
ATOM   711  C  C     . GLU A 1 91  ? -11.172 0.525   9.523   1.00 13.44 ? 91  GLU A C     1 
ATOM   712  O  O     . GLU A 1 91  ? -11.809 -0.506  9.281   1.00 18.03 ? 91  GLU A O     1 
ATOM   713  C  CB    . GLU A 1 91  ? -11.647 1.655   11.734  1.00 11.19 ? 91  GLU A CB    1 
ATOM   714  C  CG    . GLU A 1 91  ? -11.233 1.783   13.202  1.00 12.47 ? 91  GLU A CG    1 
ATOM   715  C  CD    . GLU A 1 91  ? -12.025 2.813   13.984  1.00 11.45 ? 91  GLU A CD    1 
ATOM   716  O  OE1   . GLU A 1 91  ? -12.736 3.649   13.388  1.00 13.75 ? 91  GLU A OE1   1 
ATOM   717  O  OE2   . GLU A 1 91  ? -11.902 2.782   15.227  1.00 11.41 ? 91  GLU A OE2   1 
ATOM   718  N  N     . ASP A 1 92  ? -10.869 1.423   8.592   1.00 11.60 ? 92  ASP A N     1 
ATOM   719  C  CA    . ASP A 1 92  ? -11.301 1.287   7.193   1.00 13.40 ? 92  ASP A CA    1 
ATOM   720  C  C     . ASP A 1 92  ? -10.615 0.123   6.470   1.00 12.06 ? 92  ASP A C     1 
ATOM   721  O  O     . ASP A 1 92  ? -11.082 -0.309  5.420   1.00 11.60 ? 92  ASP A O     1 
ATOM   722  C  CB    . ASP A 1 92  ? -10.962 2.551   6.376   1.00 15.70 ? 92  ASP A CB    1 
ATOM   723  C  CG    . ASP A 1 92  ? -11.861 3.756   6.679   1.00 21.09 ? 92  ASP A CG    1 
ATOM   724  O  OD1   . ASP A 1 92  ? -12.971 3.600   7.231   1.00 20.42 ? 92  ASP A OD1   1 
ATOM   725  O  OD2   . ASP A 1 92  ? -11.440 4.885   6.318   1.00 23.45 ? 92  ASP A OD2   1 
ATOM   726  N  N     . ILE A 1 93  ? -9.482  -0.348  6.985   1.00 10.88 ? 93  ILE A N     1 
ATOM   727  C  CA    . ILE A 1 93  ? -8.693  -1.354  6.268   1.00 11.54 ? 93  ILE A CA    1 
ATOM   728  C  C     . ILE A 1 93  ? -9.536  -2.570  5.922   1.00 13.55 ? 93  ILE A C     1 
ATOM   729  O  O     . ILE A 1 93  ? -9.412  -3.125  4.823   1.00 13.88 ? 93  ILE A O     1 
ATOM   730  C  CB    . ILE A 1 93  ? -7.441  -1.810  7.077   1.00 10.97 ? 93  ILE A CB    1 
ATOM   731  C  CG1   . ILE A 1 93  ? -6.390  -0.695  7.080   1.00 10.98 ? 93  ILE A CG1   1 
ATOM   732  C  CG2   . ILE A 1 93  ? -6.861  -3.116  6.491   1.00 12.64 ? 93  ILE A CG2   1 
ATOM   733  C  CD1   . ILE A 1 93  ? -5.660  -0.488  5.740   1.00 11.79 ? 93  ILE A CD1   1 
ATOM   734  N  N     . HIS A 1 94  ? -10.400 -2.994  6.841   1.00 12.86 ? 94  HIS A N     1 
ATOM   735  C  CA    . HIS A 1 94  ? -11.184 -4.198  6.589   1.00 14.18 ? 94  HIS A CA    1 
ATOM   736  C  C     . HIS A 1 94  ? -12.053 -4.035  5.347   1.00 14.52 ? 94  HIS A C     1 
ATOM   737  O  O     . HIS A 1 94  ? -12.231 -4.984  4.586   1.00 15.68 ? 94  HIS A O     1 
ATOM   738  C  CB    . HIS A 1 94  ? -12.029 -4.590  7.802   1.00 20.12 ? 94  HIS A CB    1 
ATOM   739  C  CG    . HIS A 1 94  ? -12.518 -6.005  7.755   1.00 24.21 ? 94  HIS A CG    1 
ATOM   740  N  ND1   . HIS A 1 94  ? -11.683 -7.086  7.939   1.00 27.70 ? 94  HIS A ND1   1 
ATOM   741  C  CD2   . HIS A 1 94  ? -13.751 -6.517  7.529   1.00 25.69 ? 94  HIS A CD2   1 
ATOM   742  C  CE1   . HIS A 1 94  ? -12.382 -8.204  7.837   1.00 26.41 ? 94  HIS A CE1   1 
ATOM   743  N  NE2   . HIS A 1 94  ? -13.639 -7.885  7.586   1.00 26.70 ? 94  HIS A NE2   1 
ATOM   744  N  N     . GLN A 1 95  ? -12.592 -2.830  5.154   1.00 14.38 ? 95  GLN A N     1 
ATOM   745  C  CA    . GLN A 1 95  ? -13.405 -2.537  3.975   1.00 14.94 ? 95  GLN A CA    1 
ATOM   746  C  C     . GLN A 1 95  ? -12.590 -2.506  2.685   1.00 14.58 ? 95  GLN A C     1 
ATOM   747  O  O     . GLN A 1 95  ? -13.063 -2.960  1.644   1.00 14.06 ? 95  GLN A O     1 
ATOM   748  C  CB    . GLN A 1 95  ? -14.191 -1.235  4.160   1.00 16.97 ? 95  GLN A CB    1 
ATOM   749  C  CG    . GLN A 1 95  ? -15.215 -1.313  5.292   1.00 23.07 ? 95  GLN A CG    1 
ATOM   750  C  CD    . GLN A 1 95  ? -16.036 -2.587  5.241   1.00 28.35 ? 95  GLN A CD    1 
ATOM   751  O  OE1   . GLN A 1 95  ? -16.102 -3.338  6.217   1.00 35.40 ? 95  GLN A OE1   1 
ATOM   752  N  NE2   . GLN A 1 95  ? -16.670 -2.837  4.100   1.00 37.79 ? 95  GLN A NE2   1 
ATOM   753  N  N     . TYR A 1 96  ? -11.361 -1.990  2.743   1.00 12.37 ? 96  TYR A N     1 
ATOM   754  C  CA    . TYR A 1 96  ? -10.484 -2.046  1.578   1.00 12.50 ? 96  TYR A CA    1 
ATOM   755  C  C     . TYR A 1 96  ? -10.139 -3.488  1.237   1.00 13.26 ? 96  TYR A C     1 
ATOM   756  O  O     . TYR A 1 96  ? -10.114 -3.864  0.065   1.00 13.03 ? 96  TYR A O     1 
ATOM   757  C  CB    . TYR A 1 96  ? -9.208  -1.207  1.782   1.00 12.56 ? 96  TYR A CB    1 
ATOM   758  C  CG    . TYR A 1 96  ? -9.502  0.267   1.715   1.00 13.71 ? 96  TYR A CG    1 
ATOM   759  C  CD1   . TYR A 1 96  ? -9.593  1.028   2.875   1.00 14.33 ? 96  TYR A CD1   1 
ATOM   760  C  CD2   . TYR A 1 96  ? -9.740  0.895   0.497   1.00 15.29 ? 96  TYR A CD2   1 
ATOM   761  C  CE1   . TYR A 1 96  ? -9.898  2.377   2.815   1.00 16.51 ? 96  TYR A CE1   1 
ATOM   762  C  CE2   . TYR A 1 96  ? -10.043 2.231   0.434   1.00 14.19 ? 96  TYR A CE2   1 
ATOM   763  C  CZ    . TYR A 1 96  ? -10.128 2.965   1.593   1.00 15.78 ? 96  TYR A CZ    1 
ATOM   764  O  OH    . TYR A 1 96  ? -10.437 4.309   1.526   1.00 19.91 ? 96  TYR A OH    1 
ATOM   765  N  N     . ARG A 1 97  ? -9.881  -4.300  2.252   1.00 12.70 ? 97  ARG A N     1 
ATOM   766  C  CA    . ARG A 1 97  ? -9.571  -5.700  1.999   1.00 14.03 ? 97  ARG A CA    1 
ATOM   767  C  C     . ARG A 1 97  ? -10.769 -6.421  1.375   1.00 13.59 ? 97  ARG A C     1 
ATOM   768  O  O     . ARG A 1 97  ? -10.609 -7.236  0.447   1.00 13.25 ? 97  ARG A O     1 
ATOM   769  C  CB    . ARG A 1 97  ? -9.101  -6.401  3.274   1.00 16.16 ? 97  ARG A CB    1 
ATOM   770  C  CG    . ARG A 1 97  ? -8.616  -7.817  3.016   1.00 18.17 ? 97  ARG A CG    1 
ATOM   771  C  CD    . ARG A 1 97  ? -7.817  -8.332  4.205   1.00 21.41 ? 97  ARG A CD    1 
ATOM   772  N  NE    . ARG A 1 97  ? -7.391  -9.709  3.994   1.00 22.58 ? 97  ARG A NE    1 
ATOM   773  C  CZ    . ARG A 1 97  ? -8.212  -10.743 4.098   1.00 20.09 ? 97  ARG A CZ    1 
ATOM   774  N  NH1   . ARG A 1 97  ? -9.487  -10.538 4.410   1.00 21.72 ? 97  ARG A NH1   1 
ATOM   775  N  NH2   . ARG A 1 97  ? -7.761  -11.977 3.892   1.00 25.31 ? 97  ARG A NH2   1 
ATOM   776  N  N     . GLU A 1 98  ? -11.970 -6.133  1.872   1.00 13.71 ? 98  GLU A N     1 
ATOM   777  C  CA    . GLU A 1 98  ? -13.165 -6.741  1.285   1.00 16.15 ? 98  GLU A CA    1 
ATOM   778  C  C     . GLU A 1 98  ? -13.326 -6.323  -0.171  1.00 16.16 ? 98  GLU A C     1 
ATOM   779  O  O     . GLU A 1 98  ? -13.690 -7.149  -1.016  1.00 16.04 ? 98  GLU A O     1 
ATOM   780  C  CB    . GLU A 1 98  ? -14.410 -6.394  2.100   1.00 18.30 ? 98  GLU A CB    1 
ATOM   781  C  CG    . GLU A 1 98  ? -14.457 -7.084  3.456   1.00 24.35 ? 98  GLU A CG    1 
ATOM   782  C  CD    . GLU A 1 98  ? -14.333 -8.595  3.344   1.00 30.55 ? 98  GLU A CD    1 
ATOM   783  O  OE1   . GLU A 1 98  ? -14.781 -9.158  2.320   1.00 39.76 ? 98  GLU A OE1   1 
ATOM   784  O  OE2   . GLU A 1 98  ? -13.777 -9.222  4.269   1.00 35.81 ? 98  GLU A OE2   1 
ATOM   785  N  N     . GLN A 1 99  ? -13.026 -5.065  -0.476  1.00 13.15 ? 99  GLN A N     1 
ATOM   786  C  CA    . GLN A 1 99  ? -13.094 -4.604  -1.861  1.00 14.68 ? 99  GLN A CA    1 
ATOM   787  C  C     . GLN A 1 99  ? -12.082 -5.337  -2.739  1.00 15.97 ? 99  GLN A C     1 
ATOM   788  O  O     . GLN A 1 99  ? -12.377 -5.696  -3.877  1.00 14.99 ? 99  GLN A O     1 
ATOM   789  C  CB    . GLN A 1 99  ? -12.885 -3.092  -1.978  1.00 18.26 ? 99  GLN A CB    1 
ATOM   790  C  CG    . GLN A 1 99  ? -12.988 -2.611  -3.427  1.00 24.58 ? 99  GLN A CG    1 
ATOM   791  C  CD    . GLN A 1 99  ? -12.788 -1.119  -3.595  1.00 32.87 ? 99  GLN A CD    1 
ATOM   792  O  OE1   . GLN A 1 99  ? -11.793 -0.556  -3.133  1.00 31.86 ? 99  GLN A OE1   1 
ATOM   793  N  NE2   . GLN A 1 99  ? -13.733 -0.469  -4.273  1.00 32.86 ? 99  GLN A NE2   1 
ATOM   794  N  N     . ILE A 1 100 ? -10.879 -5.554  -2.215  1.00 12.92 ? 100 ILE A N     1 
ATOM   795  C  CA    . ILE A 1 100 ? -9.874  -6.304  -2.946  1.00 15.37 ? 100 ILE A CA    1 
ATOM   796  C  C     . ILE A 1 100 ? -10.360 -7.719  -3.251  1.00 13.86 ? 100 ILE A C     1 
ATOM   797  O  O     . ILE A 1 100 ? -10.223 -8.203  -4.374  1.00 15.55 ? 100 ILE A O     1 
ATOM   798  C  CB    . ILE A 1 100 ? -8.551  -6.363  -2.154  1.00 13.68 ? 100 ILE A CB    1 
ATOM   799  C  CG1   . ILE A 1 100 ? -7.885  -4.979  -2.155  1.00 14.83 ? 100 ILE A CG1   1 
ATOM   800  C  CG2   . ILE A 1 100 ? -7.621  -7.407  -2.745  1.00 14.78 ? 100 ILE A CG2   1 
ATOM   801  C  CD1   . ILE A 1 100 ? -6.871  -4.776  -1.031  1.00 13.81 ? 100 ILE A CD1   1 
ATOM   802  N  N     . LYS A 1 101 ? -10.927 -8.381  -2.252  1.00 12.93 ? 101 LYS A N     1 
ATOM   803  C  CA    . LYS A 1 101 ? -11.420 -9.738  -2.456  1.00 15.19 ? 101 LYS A CA    1 
ATOM   804  C  C     . LYS A 1 101 ? -12.532 -9.751  -3.494  1.00 18.09 ? 101 LYS A C     1 
ATOM   805  O  O     . LYS A 1 101 ? -12.615 -10.670 -4.306  1.00 16.84 ? 101 LYS A O     1 
ATOM   806  C  CB    . LYS A 1 101 ? -11.879 -10.355 -1.138  1.00 14.93 ? 101 LYS A CB    1 
ATOM   807  C  CG    . LYS A 1 101 ? -10.712 -10.678 -0.225  1.00 15.11 ? 101 LYS A CG    1 
ATOM   808  C  CD    . LYS A 1 101 ? -11.147 -11.310 1.076   1.00 20.11 ? 101 LYS A CD    1 
ATOM   809  C  CE    . LYS A 1 101 ? -9.932  -11.802 1.835   1.00 22.55 ? 101 LYS A CE    1 
ATOM   810  N  NZ    . LYS A 1 101 ? -10.291 -12.392 3.146   1.00 28.62 ? 101 LYS A NZ    1 
ATOM   811  N  N     . ARG A 1 102 ? -13.372 -8.724  -3.485  1.00 14.63 ? 102 ARG A N     1 
ATOM   812  C  CA    A ARG A 1 102 ? -14.423 -8.588  -4.493  0.50 15.95 ? 102 ARG A CA    1 
ATOM   813  C  CA    B ARG A 1 102 ? -14.416 -8.624  -4.504  0.50 15.95 ? 102 ARG A CA    1 
ATOM   814  C  C     . ARG A 1 102 ? -13.822 -8.444  -5.892  1.00 18.23 ? 102 ARG A C     1 
ATOM   815  O  O     . ARG A 1 102 ? -14.193 -9.158  -6.814  1.00 17.87 ? 102 ARG A O     1 
ATOM   816  C  CB    A ARG A 1 102 ? -15.328 -7.398  -4.146  0.50 17.94 ? 102 ARG A CB    1 
ATOM   817  C  CB    B ARG A 1 102 ? -15.406 -7.503  -4.194  0.50 17.90 ? 102 ARG A CB    1 
ATOM   818  C  CG    A ARG A 1 102 ? -16.339 -7.012  -5.211  0.50 19.75 ? 102 ARG A CG    1 
ATOM   819  C  CG    B ARG A 1 102 ? -16.364 -7.821  -3.071  0.50 18.39 ? 102 ARG A CG    1 
ATOM   820  C  CD    A ARG A 1 102 ? -17.318 -5.952  -4.701  0.50 20.83 ? 102 ARG A CD    1 
ATOM   821  C  CD    B ARG A 1 102 ? -17.522 -6.836  -3.042  0.50 22.28 ? 102 ARG A CD    1 
ATOM   822  N  NE    A ARG A 1 102 ? -16.674 -4.683  -4.369  0.50 22.71 ? 102 ARG A NE    1 
ATOM   823  N  NE    B ARG A 1 102 ? -17.070 -5.450  -2.970  0.50 22.32 ? 102 ARG A NE    1 
ATOM   824  C  CZ    A ARG A 1 102 ? -16.367 -3.741  -5.255  0.50 23.94 ? 102 ARG A CZ    1 
ATOM   825  C  CZ    B ARG A 1 102 ? -16.853 -4.789  -1.836  0.50 22.52 ? 102 ARG A CZ    1 
ATOM   826  N  NH1   A ARG A 1 102 ? -16.630 -3.923  -6.540  0.50 26.20 ? 102 ARG A NH1   1 
ATOM   827  N  NH1   B ARG A 1 102 ? -17.037 -5.390  -0.669  0.50 25.16 ? 102 ARG A NH1   1 
ATOM   828  N  NH2   A ARG A 1 102 ? -15.787 -2.616  -4.858  0.50 29.48 ? 102 ARG A NH2   1 
ATOM   829  N  NH2   B ARG A 1 102 ? -16.447 -3.527  -1.872  0.50 21.42 ? 102 ARG A NH2   1 
ATOM   830  N  N     . VAL A 1 103 ? -12.878 -7.529  -6.063  1.00 16.09 ? 103 VAL A N     1 
ATOM   831  C  CA    . VAL A 1 103 ? -12.363 -7.301  -7.414  1.00 17.00 ? 103 VAL A CA    1 
ATOM   832  C  C     . VAL A 1 103 ? -11.484 -8.435  -7.949  1.00 20.07 ? 103 VAL A C     1 
ATOM   833  O  O     . VAL A 1 103 ? -11.315 -8.577  -9.166  1.00 21.82 ? 103 VAL A O     1 
ATOM   834  C  CB    . VAL A 1 103 ? -11.639 -5.947  -7.553  1.00 19.19 ? 103 VAL A CB    1 
ATOM   835  C  CG1   . VAL A 1 103 ? -12.548 -4.813  -7.106  1.00 21.65 ? 103 VAL A CG1   1 
ATOM   836  C  CG2   . VAL A 1 103 ? -10.352 -5.947  -6.765  1.00 17.76 ? 103 VAL A CG2   1 
ATOM   837  N  N     . LYS A 1 104 ? -10.939 -9.256  -7.060  1.00 15.71 ? 104 LYS A N     1 
ATOM   838  C  CA    . LYS A 1 104 ? -10.126 -10.380 -7.496  1.00 16.40 ? 104 LYS A CA    1 
ATOM   839  C  C     . LYS A 1 104 ? -10.932 -11.685 -7.514  1.00 16.51 ? 104 LYS A C     1 
ATOM   840  O  O     . LYS A 1 104 ? -10.475 -12.697 -8.052  1.00 20.67 ? 104 LYS A O     1 
ATOM   841  C  CB    . LYS A 1 104 ? -8.890  -10.531 -6.599  1.00 17.47 ? 104 LYS A CB    1 
ATOM   842  C  CG    . LYS A 1 104 ? -7.911  -9.352  -6.670  1.00 17.42 ? 104 LYS A CG    1 
ATOM   843  C  CD    . LYS A 1 104 ? -7.476  -9.054  -8.106  1.00 17.52 ? 104 LYS A CD    1 
ATOM   844  C  CE    . LYS A 1 104 ? -6.670  -10.194 -8.717  1.00 20.05 ? 104 LYS A CE    1 
ATOM   845  N  NZ    . LYS A 1 104 ? -6.005  -9.782  -9.992  1.00 20.89 ? 104 LYS A NZ    1 
ATOM   846  N  N     . ASP A 1 105 ? -12.120 -11.644 -6.912  1.00 18.44 ? 105 ASP A N     1 
ATOM   847  C  CA    . ASP A 1 105 ? -12.969 -12.824 -6.754  1.00 19.48 ? 105 ASP A CA    1 
ATOM   848  C  C     . ASP A 1 105 ? -12.223 -13.978 -6.141  1.00 22.75 ? 105 ASP A C     1 
ATOM   849  O  O     . ASP A 1 105 ? -12.320 -15.112 -6.601  1.00 22.51 ? 105 ASP A O     1 
ATOM   850  C  CB    . ASP A 1 105 ? -13.573 -13.231 -8.082  1.00 21.27 ? 105 ASP A CB    1 
ATOM   851  C  CG    . ASP A 1 105 ? -14.492 -12.189 -8.601  1.00 22.92 ? 105 ASP A CG    1 
ATOM   852  O  OD1   . ASP A 1 105 ? -15.575 -12.045 -8.006  1.00 26.07 ? 105 ASP A OD1   1 
ATOM   853  O  OD2   . ASP A 1 105 ? -14.107 -11.475 -9.546  1.00 26.86 ? 105 ASP A OD2   1 
ATOM   854  N  N     . SER A 1 106 ? -11.484 -13.671 -5.085  1.00 17.44 ? 106 SER A N     1 
ATOM   855  C  CA    . SER A 1 106 ? -10.705 -14.662 -4.371  1.00 18.15 ? 106 SER A CA    1 
ATOM   856  C  C     . SER A 1 106 ? -10.498 -14.205 -2.940  1.00 19.85 ? 106 SER A C     1 
ATOM   857  O  O     . SER A 1 106 ? -10.434 -13.001 -2.670  1.00 18.74 ? 106 SER A O     1 
ATOM   858  C  CB    . SER A 1 106 ? -9.347  -14.835 -5.049  1.00 21.17 ? 106 SER A CB    1 
ATOM   859  O  OG    . SER A 1 106 ? -8.520  -15.727 -4.321  1.00 24.50 ? 106 SER A OG    1 
ATOM   860  N  N     . ASP A 1 107 ? -10.384 -15.162 -2.025  1.00 19.67 ? 107 ASP A N     1 
ATOM   861  C  CA    . ASP A 1 107 ? -10.083 -14.846 -0.637  1.00 23.73 ? 107 ASP A CA    1 
ATOM   862  C  C     . ASP A 1 107 ? -8.595  -15.047 -0.366  1.00 21.68 ? 107 ASP A C     1 
ATOM   863  O  O     . ASP A 1 107 ? -8.150  -14.965 0.781   1.00 25.12 ? 107 ASP A O     1 
ATOM   864  C  CB    . ASP A 1 107 ? -10.911 -15.713 0.308   1.00 26.96 ? 107 ASP A CB    1 
ATOM   865  C  CG    . ASP A 1 107 ? -10.492 -17.166 0.280   1.00 33.33 ? 107 ASP A CG    1 
ATOM   866  O  OD1   . ASP A 1 107 ? -9.815  -17.571 -0.685  1.00 37.01 ? 107 ASP A OD1   1 
ATOM   867  O  OD2   . ASP A 1 107 ? -10.844 -17.906 1.224   1.00 46.11 ? 107 ASP A OD2   1 
ATOM   868  N  N     . ASP A 1 108 ? -7.841  -15.324 -1.425  1.00 18.45 ? 108 ASP A N     1 
ATOM   869  C  CA    . ASP A 1 108 ? -6.401  -15.553 -1.312  1.00 22.21 ? 108 ASP A CA    1 
ATOM   870  C  C     . ASP A 1 108 ? -5.645  -14.631 -2.255  1.00 21.66 ? 108 ASP A C     1 
ATOM   871  O  O     . ASP A 1 108 ? -5.258  -15.028 -3.357  1.00 20.32 ? 108 ASP A O     1 
ATOM   872  C  CB    . ASP A 1 108 ? -6.057  -17.006 -1.627  1.00 25.30 ? 108 ASP A CB    1 
ATOM   873  C  CG    . ASP A 1 108 ? -4.583  -17.304 -1.440  1.00 28.82 ? 108 ASP A CG    1 
ATOM   874  O  OD1   . ASP A 1 108 ? -4.062  -18.178 -2.160  1.00 34.26 ? 108 ASP A OD1   1 
ATOM   875  O  OD2   . ASP A 1 108 ? -3.949  -16.664 -0.574  1.00 30.10 ? 108 ASP A OD2   1 
ATOM   876  N  N     . VAL A 1 109 ? -5.467  -13.389 -1.822  1.00 13.93 ? 109 VAL A N     1 
ATOM   877  C  CA    . VAL A 1 109 ? -4.836  -12.358 -2.638  1.00 12.86 ? 109 VAL A CA    1 
ATOM   878  C  C     . VAL A 1 109 ? -3.605  -11.831 -1.885  1.00 11.46 ? 109 VAL A C     1 
ATOM   879  O  O     . VAL A 1 109 ? -3.705  -11.497 -0.707  1.00 12.82 ? 109 VAL A O     1 
ATOM   880  C  CB    . VAL A 1 109 ? -5.808  -11.171 -2.898  1.00 12.42 ? 109 VAL A CB    1 
ATOM   881  C  CG1   . VAL A 1 109 ? -5.119  -10.089 -3.699  1.00 13.73 ? 109 VAL A CG1   1 
ATOM   882  C  CG2   . VAL A 1 109 ? -7.088  -11.637 -3.615  1.00 15.53 ? 109 VAL A CG2   1 
ATOM   883  N  N     . PRO A 1 110 ? -2.443  -11.754 -2.560  1.00 10.26 ? 110 PRO A N     1 
ATOM   884  C  CA    . PRO A 1 110 ? -1.252  -11.238 -1.869  1.00 9.58  ? 110 PRO A CA    1 
ATOM   885  C  C     . PRO A 1 110 ? -1.459  -9.798  -1.390  1.00 10.36 ? 110 PRO A C     1 
ATOM   886  O  O     . PRO A 1 110 ? -1.880  -8.922  -2.170  1.00 10.37 ? 110 PRO A O     1 
ATOM   887  C  CB    . PRO A 1 110 ? -0.171  -11.279 -2.955  1.00 11.29 ? 110 PRO A CB    1 
ATOM   888  C  CG    . PRO A 1 110 ? -0.630  -12.371 -3.900  1.00 12.31 ? 110 PRO A CG    1 
ATOM   889  C  CD    . PRO A 1 110 ? -2.132  -12.179 -3.940  1.00 12.73 ? 110 PRO A CD    1 
ATOM   890  N  N     . MET A 1 111 ? -1.177  -9.548  -0.116  1.00 10.73 ? 111 MET A N     1 
ATOM   891  C  CA    . MET A 1 111 ? -1.261  -8.196  0.431   1.00 11.24 ? 111 MET A CA    1 
ATOM   892  C  C     . MET A 1 111 ? -0.315  -8.012  1.610   1.00 9.81  ? 111 MET A C     1 
ATOM   893  O  O     . MET A 1 111 ? 0.189   -8.994  2.175   1.00 10.54 ? 111 MET A O     1 
ATOM   894  C  CB    . MET A 1 111 ? -2.703  -7.764  0.770   1.00 19.20 ? 111 MET A CB    1 
ATOM   895  C  CG    . MET A 1 111 ? -3.649  -8.763  1.385   1.00 27.58 ? 111 MET A CG    1 
ATOM   896  S  SD    . MET A 1 111 ? -5.335  -8.047  1.440   1.00 20.40 ? 111 MET A SD    1 
ATOM   897  C  CE    . MET A 1 111 ? -6.234  -9.149  0.349   1.00 21.65 ? 111 MET A CE    1 
ATOM   898  N  N     . VAL A 1 112 ? -0.041  -6.756  1.932   1.00 8.05  ? 112 VAL A N     1 
ATOM   899  C  CA    . VAL A 1 112 ? 0.782   -6.361  3.072   1.00 8.66  ? 112 VAL A CA    1 
ATOM   900  C  C     . VAL A 1 112 ? 0.055   -5.206  3.749   1.00 9.12  ? 112 VAL A C     1 
ATOM   901  O  O     . VAL A 1 112 ? -0.468  -4.319  3.061   1.00 9.38  ? 112 VAL A O     1 
ATOM   902  C  CB    . VAL A 1 112 ? 2.197   -5.900  2.622   1.00 9.12  ? 112 VAL A CB    1 
ATOM   903  C  CG1   . VAL A 1 112 ? 2.981   -5.273  3.791   1.00 10.37 ? 112 VAL A CG1   1 
ATOM   904  C  CG2   . VAL A 1 112 ? 2.972   -7.079  2.024   1.00 10.14 ? 112 VAL A CG2   1 
ATOM   905  N  N     . LEU A 1 113 ? -0.007  -5.231  5.078   1.00 9.01  ? 113 LEU A N     1 
ATOM   906  C  CA    . LEU A 1 113 ? -0.571  -4.127  5.852   1.00 8.17  ? 113 LEU A CA    1 
ATOM   907  C  C     . LEU A 1 113 ? 0.531   -3.128  6.174   1.00 8.01  ? 113 LEU A C     1 
ATOM   908  O  O     . LEU A 1 113 ? 1.581   -3.509  6.703   1.00 8.99  ? 113 LEU A O     1 
ATOM   909  C  CB    . LEU A 1 113 ? -1.199  -4.674  7.136   1.00 8.82  ? 113 LEU A CB    1 
ATOM   910  C  CG    . LEU A 1 113 ? -1.894  -3.636  8.014   1.00 7.63  ? 113 LEU A CG    1 
ATOM   911  C  CD1   . LEU A 1 113 ? -3.102  -3.062  7.275   1.00 9.39  ? 113 LEU A CD1   1 
ATOM   912  C  CD2   . LEU A 1 113 ? -2.277  -4.241  9.373   1.00 9.27  ? 113 LEU A CD2   1 
ATOM   913  N  N     . VAL A 1 114 ? 0.302   -1.855  5.855   1.00 8.04  ? 114 VAL A N     1 
ATOM   914  C  CA    . VAL A 1 114 ? 1.308   -0.817  6.041   1.00 8.21  ? 114 VAL A CA    1 
ATOM   915  C  C     . VAL A 1 114 ? 0.781   0.281   6.945   1.00 7.35  ? 114 VAL A C     1 
ATOM   916  O  O     . VAL A 1 114 ? -0.261  0.889   6.661   1.00 8.61  ? 114 VAL A O     1 
ATOM   917  C  CB    . VAL A 1 114 ? 1.718   -0.189  4.690   1.00 8.23  ? 114 VAL A CB    1 
ATOM   918  C  CG1   . VAL A 1 114 ? 2.707   0.951   4.921   1.00 10.30 ? 114 VAL A CG1   1 
ATOM   919  C  CG2   . VAL A 1 114 ? 2.340   -1.260  3.804   1.00 9.82  ? 114 VAL A CG2   1 
ATOM   920  N  N     . GLY A 1 115 ? 1.520   0.546   8.022   1.00 8.33  ? 115 GLY A N     1 
ATOM   921  C  CA    . GLY A 1 115 ? 1.225   1.664   8.914   1.00 8.95  ? 115 GLY A CA    1 
ATOM   922  C  C     . GLY A 1 115 ? 2.188   2.806   8.632   1.00 8.86  ? 115 GLY A C     1 
ATOM   923  O  O     . GLY A 1 115 ? 3.355   2.761   9.034   1.00 9.64  ? 115 GLY A O     1 
ATOM   924  N  N     . ASN A 1 116 ? 1.701   3.820   7.919   1.00 9.08  ? 116 ASN A N     1 
ATOM   925  C  CA    . ASN A 1 116 ? 2.554   4.917   7.474   1.00 9.42  ? 116 ASN A CA    1 
ATOM   926  C  C     . ASN A 1 116 ? 2.567   6.097   8.454   1.00 10.52 ? 116 ASN A C     1 
ATOM   927  O  O     . ASN A 1 116 ? 1.780   6.145   9.404   1.00 10.18 ? 116 ASN A O     1 
ATOM   928  C  CB    . ASN A 1 116 ? 2.098   5.363   6.075   1.00 9.25  ? 116 ASN A CB    1 
ATOM   929  C  CG    . ASN A 1 116 ? 3.046   6.358   5.435   1.00 8.87  ? 116 ASN A CG    1 
ATOM   930  O  OD1   . ASN A 1 116 ? 4.258   6.166   5.435   1.00 11.19 ? 116 ASN A OD1   1 
ATOM   931  N  ND2   . ASN A 1 116 ? 2.483   7.428   4.881   1.00 10.05 ? 116 ASN A ND2   1 
ATOM   932  N  N     . LYS A 1 117 ? 3.478   7.040   8.203   1.00 10.49 ? 117 LYS A N     1 
ATOM   933  C  CA    . LYS A 1 117 ? 3.708   8.229   9.038   1.00 10.88 ? 117 LYS A CA    1 
ATOM   934  C  C     . LYS A 1 117 ? 4.331   7.886   10.396  1.00 12.71 ? 117 LYS A C     1 
ATOM   935  O  O     . LYS A 1 117 ? 4.080   8.554   11.403  1.00 12.86 ? 117 LYS A O     1 
ATOM   936  C  CB    . LYS A 1 117 ? 2.443   9.071   9.207   1.00 11.35 ? 117 LYS A CB    1 
ATOM   937  C  CG    . LYS A 1 117 ? 1.706   9.332   7.897   1.00 10.21 ? 117 LYS A CG    1 
ATOM   938  C  CD    . LYS A 1 117 ? 0.800   10.559  7.989   1.00 10.80 ? 117 LYS A CD    1 
ATOM   939  C  CE    . LYS A 1 117 ? -0.036  10.718  6.713   1.00 12.19 ? 117 LYS A CE    1 
ATOM   940  N  NZ    . LYS A 1 117 ? -0.956  11.880  6.809   1.00 13.44 ? 117 LYS A NZ    1 
ATOM   941  N  N     . CYS A 1 118 ? 5.191   6.873   10.414  1.00 10.88 ? 118 CYS A N     1 
ATOM   942  C  CA    . CYS A 1 118 ? 5.782   6.439   11.678  1.00 12.80 ? 118 CYS A CA    1 
ATOM   943  C  C     . CYS A 1 118 ? 6.816   7.423   12.231  1.00 14.53 ? 118 CYS A C     1 
ATOM   944  O  O     . CYS A 1 118 ? 7.339   7.226   13.326  1.00 15.19 ? 118 CYS A O     1 
ATOM   945  C  CB    . CYS A 1 118 ? 6.357   5.024   11.564  1.00 14.57 ? 118 CYS A CB    1 
ATOM   946  S  SG    . CYS A 1 118 ? 7.877   4.860   10.590  1.00 14.86 ? 118 CYS A SG    1 
ATOM   947  N  N     . ASP A 1 119 ? 7.099   8.488   11.484  1.00 13.39 ? 119 ASP A N     1 
ATOM   948  C  CA    . ASP A 1 119 ? 7.942   9.578   11.971  1.00 13.97 ? 119 ASP A CA    1 
ATOM   949  C  C     . ASP A 1 119 ? 7.182   10.496  12.928  1.00 15.31 ? 119 ASP A C     1 
ATOM   950  O  O     . ASP A 1 119 ? 7.799   11.309  13.627  1.00 17.23 ? 119 ASP A O     1 
ATOM   951  C  CB    . ASP A 1 119 ? 8.472   10.398  10.799  1.00 13.54 ? 119 ASP A CB    1 
ATOM   952  C  CG    . ASP A 1 119 ? 7.362   10.970  9.938   1.00 14.93 ? 119 ASP A CG    1 
ATOM   953  O  OD1   . ASP A 1 119 ? 6.738   10.195  9.175   1.00 13.77 ? 119 ASP A OD1   1 
ATOM   954  O  OD2   . ASP A 1 119 ? 7.103   12.189  10.022  1.00 15.12 ? 119 ASP A OD2   1 
ATOM   955  N  N     . LEU A 1 120 ? 5.858   10.380  12.953  1.00 14.67 ? 120 LEU A N     1 
ATOM   956  C  CA    . LEU A 1 120 ? 5.010   11.222  13.796  1.00 14.54 ? 120 LEU A CA    1 
ATOM   957  C  C     . LEU A 1 120 ? 4.733   10.564  15.138  1.00 16.72 ? 120 LEU A C     1 
ATOM   958  O  O     . LEU A 1 120 ? 4.602   9.345   15.228  1.00 17.08 ? 120 LEU A O     1 
ATOM   959  C  CB    . LEU A 1 120 ? 3.689   11.522  13.093  1.00 15.35 ? 120 LEU A CB    1 
ATOM   960  C  CG    . LEU A 1 120 ? 3.727   12.297  11.773  1.00 17.95 ? 120 LEU A CG    1 
ATOM   961  C  CD1   . LEU A 1 120 ? 2.309   12.546  11.268  1.00 19.50 ? 120 LEU A CD1   1 
ATOM   962  C  CD2   . LEU A 1 120 ? 4.465   13.612  11.950  1.00 19.31 ? 120 LEU A CD2   1 
ATOM   963  N  N     . ALA A 1 121 ? 4.635   11.375  16.190  1.00 21.40 ? 121 ALA A N     1 
ATOM   964  C  CA    . ALA A 1 121 ? 4.439   10.830  17.533  1.00 17.91 ? 121 ALA A CA    1 
ATOM   965  C  C     . ALA A 1 121 ? 2.994   10.867  18.006  1.00 17.73 ? 121 ALA A C     1 
ATOM   966  O  O     . ALA A 1 121 ? 2.702   10.412  19.103  1.00 19.92 ? 121 ALA A O     1 
ATOM   967  C  CB    . ALA A 1 121 ? 5.341   11.536  18.547  1.00 21.63 ? 121 ALA A CB    1 
ATOM   968  N  N     . ALA A 1 122 ? 2.081   11.383  17.183  1.00 16.40 ? 122 ALA A N     1 
ATOM   969  C  CA    . ALA A 1 122 ? 0.667   11.425  17.553  1.00 17.69 ? 122 ALA A CA    1 
ATOM   970  C  C     . ALA A 1 122 ? -0.009  10.090  17.252  1.00 18.25 ? 122 ALA A C     1 
ATOM   971  O  O     . ALA A 1 122 ? -1.043  10.017  16.570  1.00 18.77 ? 122 ALA A O     1 
ATOM   972  C  CB    . ALA A 1 122 ? -0.036  12.550  16.832  1.00 21.12 ? 122 ALA A CB    1 
ATOM   973  N  N     . ARG A 1 123 ? 0.605   9.029   17.758  1.00 14.74 ? 123 ARG A N     1 
ATOM   974  C  CA    . ARG A 1 123 ? 0.199   7.671   17.439  1.00 13.38 ? 123 ARG A CA    1 
ATOM   975  C  C     . ARG A 1 123 ? -1.091  7.310   18.153  1.00 13.94 ? 123 ARG A C     1 
ATOM   976  O  O     . ARG A 1 123 ? -1.210  7.473   19.374  1.00 15.95 ? 123 ARG A O     1 
ATOM   977  C  CB    . ARG A 1 123 ? 1.297   6.694   17.839  1.00 15.78 ? 123 ARG A CB    1 
ATOM   978  C  CG    . ARG A 1 123 ? 0.964   5.249   17.529  1.00 15.77 ? 123 ARG A CG    1 
ATOM   979  C  CD    . ARG A 1 123 ? 2.081   4.314   17.983  1.00 17.42 ? 123 ARG A CD    1 
ATOM   980  N  NE    . ARG A 1 123 ? 3.264   4.387   17.133  1.00 18.65 ? 123 ARG A NE    1 
ATOM   981  C  CZ    . ARG A 1 123 ? 3.512   3.550   16.125  1.00 14.65 ? 123 ARG A CZ    1 
ATOM   982  N  NH1   . ARG A 1 123 ? 4.625   3.681   15.415  1.00 16.11 ? 123 ARG A NH1   1 
ATOM   983  N  NH2   . ARG A 1 123 ? 2.633   2.599   15.824  1.00 13.58 ? 123 ARG A NH2   1 
ATOM   984  N  N     . THR A 1 124 ? -2.066  6.827   17.399  1.00 10.99 ? 124 THR A N     1 
ATOM   985  C  CA    . THR A 1 124 ? -3.280  6.283   17.987  1.00 11.38 ? 124 THR A CA    1 
ATOM   986  C  C     . THR A 1 124 ? -3.490  4.805   17.630  1.00 12.17 ? 124 THR A C     1 
ATOM   987  O  O     . THR A 1 124 ? -4.350  4.146   18.202  1.00 14.76 ? 124 THR A O     1 
ATOM   988  C  CB    . THR A 1 124 ? -4.511  7.102   17.601  1.00 11.45 ? 124 THR A CB    1 
ATOM   989  O  OG1   . THR A 1 124 ? -4.648  7.113   16.178  1.00 12.40 ? 124 THR A OG1   1 
ATOM   990  C  CG2   . THR A 1 124 ? -4.380  8.542   18.110  1.00 11.46 ? 124 THR A CG2   1 
ATOM   991  N  N     . VAL A 1 125 ? -2.701  4.302   16.680  1.00 12.05 ? 125 VAL A N     1 
ATOM   992  C  CA    . VAL A 1 125 ? -2.691  2.867   16.376  1.00 11.42 ? 125 VAL A CA    1 
ATOM   993  C  C     . VAL A 1 125 ? -1.366  2.269   16.842  1.00 10.16 ? 125 VAL A C     1 
ATOM   994  O  O     . VAL A 1 125 ? -0.316  2.594   16.310  1.00 14.03 ? 125 VAL A O     1 
ATOM   995  C  CB    . VAL A 1 125 ? -2.897  2.588   14.859  1.00 10.05 ? 125 VAL A CB    1 
ATOM   996  C  CG1   . VAL A 1 125 ? -3.014  1.070   14.615  1.00 12.82 ? 125 VAL A CG1   1 
ATOM   997  C  CG2   . VAL A 1 125 ? -4.144  3.316   14.329  1.00 13.19 ? 125 VAL A CG2   1 
ATOM   998  N  N     . GLU A 1 126 ? -1.426  1.454   17.894  1.00 15.42 ? 126 GLU A N     1 
ATOM   999  C  CA    . GLU A 1 126 ? -0.209  0.828   18.403  1.00 16.23 ? 126 GLU A CA    1 
ATOM   1000 C  C     . GLU A 1 126 ? 0.185   -0.342  17.517  1.00 12.82 ? 126 GLU A C     1 
ATOM   1001 O  O     . GLU A 1 126 ? -0.671  -1.010  16.928  1.00 14.38 ? 126 GLU A O     1 
ATOM   1002 C  CB    . GLU A 1 126 ? -0.366  0.354   19.851  1.00 17.74 ? 126 GLU A CB    1 
ATOM   1003 C  CG    . GLU A 1 126 ? -0.623  1.480   20.864  1.00 22.28 ? 126 GLU A CG    1 
ATOM   1004 C  CD    . GLU A 1 126 ? 0.521   2.476   20.969  1.00 31.84 ? 126 GLU A CD    1 
ATOM   1005 O  OE1   . GLU A 1 126 ? 0.242   3.678   21.179  1.00 35.05 ? 126 GLU A OE1   1 
ATOM   1006 O  OE2   . GLU A 1 126 ? 1.698   2.065   20.857  1.00 38.35 ? 126 GLU A OE2   1 
ATOM   1007 N  N     . SER A 1 127 ? 1.490   -0.573  17.430  1.00 15.10 ? 127 SER A N     1 
ATOM   1008 C  CA    . SER A 1 127 ? 2.016   -1.651  16.613  1.00 13.28 ? 127 SER A CA    1 
ATOM   1009 C  C     . SER A 1 127 ? 1.280   -2.961  16.861  1.00 13.75 ? 127 SER A C     1 
ATOM   1010 O  O     . SER A 1 127 ? 0.891   -3.644  15.909  1.00 13.24 ? 127 SER A O     1 
ATOM   1011 C  CB    . SER A 1 127 ? 3.505   -1.835  16.885  1.00 17.32 ? 127 SER A CB    1 
ATOM   1012 O  OG    . SER A 1 127 ? 4.054   -2.828  16.037  1.00 15.78 ? 127 SER A OG    1 
ATOM   1013 N  N     . ARG A 1 128 ? 1.091   -3.332  18.124  1.00 14.03 ? 128 ARG A N     1 
ATOM   1014 C  CA    . ARG A 1 128 ? 0.469   -4.619  18.412  1.00 16.16 ? 128 ARG A CA    1 
ATOM   1015 C  C     . ARG A 1 128 ? -0.940  -4.760  17.832  1.00 13.35 ? 128 ARG A C     1 
ATOM   1016 O  O     . ARG A 1 128 ? -1.329  -5.844  17.407  1.00 14.51 ? 128 ARG A O     1 
ATOM   1017 C  CB    . ARG A 1 128 ? 0.479   -4.918  19.915  1.00 19.14 ? 128 ARG A CB    1 
ATOM   1018 C  CG    . ARG A 1 128 ? -0.123  -6.280  20.269  1.00 30.15 ? 128 ARG A CG    1 
ATOM   1019 C  CD    . ARG A 1 128 ? 0.468   -7.395  19.410  1.00 31.28 ? 128 ARG A CD    1 
ATOM   1020 N  NE    . ARG A 1 128 ? -0.063  -8.709  19.762  1.00 37.47 ? 128 ARG A NE    1 
ATOM   1021 C  CZ    . ARG A 1 128 ? 0.591   -9.608  20.494  1.00 44.53 ? 128 ARG A CZ    1 
ATOM   1022 N  NH1   . ARG A 1 128 ? 1.806   -9.336  20.951  1.00 39.82 ? 128 ARG A NH1   1 
ATOM   1023 N  NH2   . ARG A 1 128 ? 0.033   -10.782 20.767  1.00 45.73 ? 128 ARG A NH2   1 
ATOM   1024 N  N     . GLN A 1 129 ? -1.704  -3.664  17.792  1.00 13.35 ? 129 GLN A N     1 
ATOM   1025 C  CA    . GLN A 1 129 ? -3.049  -3.726  17.237  1.00 14.20 ? 129 GLN A CA    1 
ATOM   1026 C  C     . GLN A 1 129 ? -3.007  -4.054  15.748  1.00 10.72 ? 129 GLN A C     1 
ATOM   1027 O  O     . GLN A 1 129 ? -3.785  -4.866  15.249  1.00 11.85 ? 129 GLN A O     1 
ATOM   1028 C  CB    . GLN A 1 129 ? -3.789  -2.401  17.451  1.00 17.33 ? 129 GLN A CB    1 
ATOM   1029 C  CG    . GLN A 1 129 ? -3.970  -2.043  18.921  1.00 21.63 ? 129 GLN A CG    1 
ATOM   1030 C  CD    . GLN A 1 129 ? -4.547  -0.654  19.129  1.00 23.73 ? 129 GLN A CD    1 
ATOM   1031 O  OE1   . GLN A 1 129 ? -3.924  0.362   18.783  1.00 22.38 ? 129 GLN A OE1   1 
ATOM   1032 N  NE2   . GLN A 1 129 ? -5.737  -0.599  19.722  1.00 26.42 ? 129 GLN A NE2   1 
ATOM   1033 N  N     . ALA A 1 130 ? -2.076  -3.416  15.044  1.00 11.17 ? 130 ALA A N     1 
ATOM   1034 C  CA    . ALA A 1 130 ? -1.913  -3.667  13.614  1.00 11.25 ? 130 ALA A CA    1 
ATOM   1035 C  C     . ALA A 1 130 ? -1.313  -5.050  13.343  1.00 11.13 ? 130 ALA A C     1 
ATOM   1036 O  O     . ALA A 1 130 ? -1.698  -5.726  12.386  1.00 10.35 ? 130 ALA A O     1 
ATOM   1037 C  CB    . ALA A 1 130 ? -1.056  -2.581  12.986  1.00 11.87 ? 130 ALA A CB    1 
ATOM   1038 N  N     . GLN A 1 131 ? -0.389  -5.484  14.201  1.00 10.39 ? 131 GLN A N     1 
ATOM   1039 C  CA    . GLN A 1 131 ? 0.139   -6.844  14.097  1.00 10.07 ? 131 GLN A CA    1 
ATOM   1040 C  C     . GLN A 1 131 ? -0.986  -7.871  14.166  1.00 11.80 ? 131 GLN A C     1 
ATOM   1041 O  O     . GLN A 1 131 ? -0.999  -8.844  13.401  1.00 11.34 ? 131 GLN A O     1 
ATOM   1042 C  CB    . GLN A 1 131 ? 1.134   -7.124  15.220  1.00 10.96 ? 131 GLN A CB    1 
ATOM   1043 C  CG    . GLN A 1 131 ? 2.402   -6.310  15.132  1.00 11.33 ? 131 GLN A CG    1 
ATOM   1044 C  CD    . GLN A 1 131 ? 3.300   -6.509  16.333  1.00 12.67 ? 131 GLN A CD    1 
ATOM   1045 O  OE1   . GLN A 1 131 ? 3.995   -5.575  16.764  1.00 15.65 ? 131 GLN A OE1   1 
ATOM   1046 N  NE2   . GLN A 1 131 ? 3.290   -7.706  16.881  1.00 11.39 ? 131 GLN A NE2   1 
ATOM   1047 N  N     . ASP A 1 132 ? -1.918  -7.652  15.097  1.00 10.96 ? 132 ASP A N     1 
ATOM   1048 C  CA    . ASP A 1 132 ? -3.037  -8.583  15.295  1.00 11.42 ? 132 ASP A CA    1 
ATOM   1049 C  C     . ASP A 1 132 ? -3.968  -8.606  14.085  1.00 10.87 ? 132 ASP A C     1 
ATOM   1050 O  O     . ASP A 1 132 ? -4.447  -9.664  13.677  1.00 12.00 ? 132 ASP A O     1 
ATOM   1051 C  CB    . ASP A 1 132 ? -3.863  -8.227  16.541  1.00 15.34 ? 132 ASP A CB    1 
ATOM   1052 C  CG    . ASP A 1 132 ? -3.132  -8.508  17.850  1.00 22.16 ? 132 ASP A CG    1 
ATOM   1053 O  OD1   . ASP A 1 132 ? -2.103  -9.212  17.828  1.00 23.46 ? 132 ASP A OD1   1 
ATOM   1054 O  OD2   . ASP A 1 132 ? -3.611  -8.023  18.901  1.00 23.56 ? 132 ASP A OD2   1 
ATOM   1055 N  N     . LEU A 1 133 ? -4.242  -7.428  13.520  1.00 10.79 ? 133 LEU A N     1 
ATOM   1056 C  CA    . LEU A 1 133 ? -5.064  -7.370  12.323  1.00 11.49 ? 133 LEU A CA    1 
ATOM   1057 C  C     . LEU A 1 133 ? -4.380  -8.152  11.202  1.00 10.97 ? 133 LEU A C     1 
ATOM   1058 O  O     . LEU A 1 133 ? -4.990  -8.999  10.561  1.00 11.59 ? 133 LEU A O     1 
ATOM   1059 C  CB    . LEU A 1 133 ? -5.284  -5.918  11.901  1.00 11.65 ? 133 LEU A CB    1 
ATOM   1060 C  CG    . LEU A 1 133 ? -6.109  -5.769  10.620  1.00 11.62 ? 133 LEU A CG    1 
ATOM   1061 C  CD1   . LEU A 1 133 ? -7.462  -6.468  10.710  1.00 12.90 ? 133 LEU A CD1   1 
ATOM   1062 C  CD2   . LEU A 1 133 ? -6.265  -4.283  10.268  1.00 12.26 ? 133 LEU A CD2   1 
ATOM   1063 N  N     . ALA A 1 134 ? -3.102  -7.866  10.976  1.00 10.55 ? 134 ALA A N     1 
ATOM   1064 C  CA    . ALA A 1 134 ? -2.365  -8.562  9.931   1.00 10.34 ? 134 ALA A CA    1 
ATOM   1065 C  C     . ALA A 1 134 ? -2.335  -10.081 10.172  1.00 11.68 ? 134 ALA A C     1 
ATOM   1066 O  O     . ALA A 1 134 ? -2.487  -10.861 9.226   1.00 12.02 ? 134 ALA A O     1 
ATOM   1067 C  CB    . ALA A 1 134 ? -0.956  -7.971  9.803   1.00 11.27 ? 134 ALA A CB    1 
ATOM   1068 N  N     . ARG A 1 135 ? -2.158  -10.500 11.419  1.00 10.08 ? 135 ARG A N     1 
ATOM   1069 C  CA    . ARG A 1 135 ? -2.176  -11.928 11.740  1.00 11.81 ? 135 ARG A CA    1 
ATOM   1070 C  C     . ARG A 1 135 ? -3.498  -12.592 11.314  1.00 14.07 ? 135 ARG A C     1 
ATOM   1071 O  O     . ARG A 1 135 ? -3.512  -13.709 10.772  1.00 14.25 ? 135 ARG A O     1 
ATOM   1072 C  CB    . ARG A 1 135 ? -1.942  -12.119 13.235  1.00 13.25 ? 135 ARG A CB    1 
ATOM   1073 C  CG    . ARG A 1 135 ? -2.010  -13.569 13.700  1.00 14.89 ? 135 ARG A CG    1 
ATOM   1074 C  CD    . ARG A 1 135 ? -1.755  -13.649 15.197  1.00 20.87 ? 135 ARG A CD    1 
ATOM   1075 N  NE    . ARG A 1 135 ? -1.949  -15.003 15.709  1.00 28.39 ? 135 ARG A NE    1 
ATOM   1076 C  CZ    . ARG A 1 135 ? -3.122  -15.485 16.110  1.00 36.78 ? 135 ARG A CZ    1 
ATOM   1077 N  NH1   . ARG A 1 135 ? -4.211  -14.724 16.055  1.00 35.45 ? 135 ARG A NH1   1 
ATOM   1078 N  NH2   . ARG A 1 135 ? -3.208  -16.728 16.564  1.00 37.88 ? 135 ARG A NH2   1 
ATOM   1079 N  N     . SER A 1 136 ? -4.607  -11.903 11.558  1.00 12.86 ? 136 SER A N     1 
ATOM   1080 C  CA    . SER A 1 136 ? -5.926  -12.437 11.222  1.00 14.83 ? 136 SER A CA    1 
ATOM   1081 C  C     . SER A 1 136 ? -6.081  -12.598 9.715   1.00 15.25 ? 136 SER A C     1 
ATOM   1082 O  O     . SER A 1 136 ? -6.880  -13.414 9.247   1.00 17.54 ? 136 SER A O     1 
ATOM   1083 C  CB    . SER A 1 136 ? -7.043  -11.547 11.777  1.00 14.75 ? 136 SER A CB    1 
ATOM   1084 O  OG    . SER A 1 136 ? -7.267  -10.407 10.945  1.00 17.21 ? 136 SER A OG    1 
ATOM   1085 N  N     . TYR A 1 137 ? -5.322  -11.808 8.960   1.00 13.63 ? 137 TYR A N     1 
ATOM   1086 C  CA    . TYR A 1 137 ? -5.345  -11.869 7.501   1.00 13.68 ? 137 TYR A CA    1 
ATOM   1087 C  C     . TYR A 1 137 ? -4.289  -12.822 6.916   1.00 14.71 ? 137 TYR A C     1 
ATOM   1088 O  O     . TYR A 1 137 ? -4.299  -13.116 5.711   1.00 17.02 ? 137 TYR A O     1 
ATOM   1089 C  CB    . TYR A 1 137 ? -5.105  -10.467 6.919   1.00 14.20 ? 137 TYR A CB    1 
ATOM   1090 C  CG    . TYR A 1 137 ? -6.186  -9.424  7.169   1.00 13.82 ? 137 TYR A CG    1 
ATOM   1091 C  CD1   . TYR A 1 137 ? -7.466  -9.774  7.602   1.00 13.50 ? 137 TYR A CD1   1 
ATOM   1092 C  CD2   . TYR A 1 137 ? -5.918  -8.079  6.960   1.00 16.10 ? 137 TYR A CD2   1 
ATOM   1093 C  CE1   . TYR A 1 137 ? -8.454  -8.806  7.806   1.00 16.05 ? 137 TYR A CE1   1 
ATOM   1094 C  CE2   . TYR A 1 137 ? -6.891  -7.113  7.166   1.00 15.33 ? 137 TYR A CE2   1 
ATOM   1095 C  CZ    . TYR A 1 137 ? -8.149  -7.476  7.594   1.00 15.53 ? 137 TYR A CZ    1 
ATOM   1096 O  OH    . TYR A 1 137 ? -9.108  -6.504  7.783   1.00 15.43 ? 137 TYR A OH    1 
ATOM   1097 N  N     . GLY A 1 138 ? -3.363  -13.277 7.753   1.00 12.83 ? 138 GLY A N     1 
ATOM   1098 C  CA    . GLY A 1 138 ? -2.262  -14.102 7.284   1.00 15.04 ? 138 GLY A CA    1 
ATOM   1099 C  C     . GLY A 1 138 ? -1.208  -13.342 6.489   1.00 14.49 ? 138 GLY A C     1 
ATOM   1100 O  O     . GLY A 1 138 ? -0.584  -13.907 5.592   1.00 14.50 ? 138 GLY A O     1 
ATOM   1101 N  N     . ILE A 1 139 ? -1.001  -12.066 6.824   1.00 12.06 ? 139 ILE A N     1 
ATOM   1102 C  CA    . ILE A 1 139 ? -0.052  -11.225 6.094   1.00 11.32 ? 139 ILE A CA    1 
ATOM   1103 C  C     . ILE A 1 139 ? 0.877   -10.482 7.058   1.00 11.77 ? 139 ILE A C     1 
ATOM   1104 O  O     . ILE A 1 139 ? 0.578   -10.364 8.253   1.00 10.28 ? 139 ILE A O     1 
ATOM   1105 C  CB    . ILE A 1 139 ? -0.781  -10.186 5.199   1.00 9.75  ? 139 ILE A CB    1 
ATOM   1106 C  CG1   . ILE A 1 139 ? -1.503  -9.121  6.042   1.00 11.44 ? 139 ILE A CG1   1 
ATOM   1107 C  CG2   . ILE A 1 139 ? -1.745  -10.892 4.246   1.00 13.88 ? 139 ILE A CG2   1 
ATOM   1108 C  CD1   . ILE A 1 139 ? -2.351  -8.133  5.218   1.00 12.51 ? 139 ILE A CD1   1 
ATOM   1109 N  N     . PRO A 1 140 ? 1.991   -9.945  6.540   1.00 9.50  ? 140 PRO A N     1 
ATOM   1110 C  CA    . PRO A 1 140 ? 2.872   -9.123  7.377   1.00 10.42 ? 140 PRO A CA    1 
ATOM   1111 C  C     . PRO A 1 140 ? 2.330   -7.721  7.618   1.00 8.35  ? 140 PRO A C     1 
ATOM   1112 O  O     . PRO A 1 140 ? 1.595   -7.188  6.785   1.00 9.70  ? 140 PRO A O     1 
ATOM   1113 C  CB    . PRO A 1 140 ? 4.186   -9.055  6.584   1.00 11.24 ? 140 PRO A CB    1 
ATOM   1114 C  CG    . PRO A 1 140 ? 3.920   -9.708  5.259   1.00 14.32 ? 140 PRO A CG    1 
ATOM   1115 C  CD    . PRO A 1 140 ? 2.518   -10.167 5.179   1.00 11.64 ? 140 PRO A CD    1 
ATOM   1116 N  N     . TYR A 1 141 ? 2.727   -7.145  8.758   1.00 9.32  ? 141 TYR A N     1 
ATOM   1117 C  CA    . TYR A 1 141 ? 2.575   -5.717  9.058   1.00 8.62  ? 141 TYR A CA    1 
ATOM   1118 C  C     . TYR A 1 141 ? 3.928   -5.038  9.044   1.00 9.58  ? 141 TYR A C     1 
ATOM   1119 O  O     . TYR A 1 141 ? 4.887   -5.518  9.671   1.00 9.49  ? 141 TYR A O     1 
ATOM   1120 C  CB    . TYR A 1 141 ? 1.932   -5.511  10.444  1.00 9.58  ? 141 TYR A CB    1 
ATOM   1121 C  CG    . TYR A 1 141 ? 1.886   -4.075  10.904  1.00 9.07  ? 141 TYR A CG    1 
ATOM   1122 C  CD1   . TYR A 1 141 ? 1.224   -3.108  10.151  1.00 9.34  ? 141 TYR A CD1   1 
ATOM   1123 C  CD2   . TYR A 1 141 ? 2.483   -3.680  12.103  1.00 9.23  ? 141 TYR A CD2   1 
ATOM   1124 C  CE1   . TYR A 1 141 ? 1.165   -1.794  10.565  1.00 9.51  ? 141 TYR A CE1   1 
ATOM   1125 C  CE2   . TYR A 1 141 ? 2.421   -2.354  12.529  1.00 9.77  ? 141 TYR A CE2   1 
ATOM   1126 C  CZ    . TYR A 1 141 ? 1.757   -1.416  11.752  1.00 10.05 ? 141 TYR A CZ    1 
ATOM   1127 O  OH    . TYR A 1 141 ? 1.659   -0.096  12.176  1.00 9.97  ? 141 TYR A OH    1 
ATOM   1128 N  N     . ILE A 1 142 ? 4.011   -3.907  8.356   1.00 8.66  ? 142 ILE A N     1 
ATOM   1129 C  CA    A ILE A 1 142 ? 5.242   -3.126  8.256   0.56 10.05 ? 142 ILE A CA    1 
ATOM   1130 C  CA    B ILE A 1 142 ? 5.240   -3.139  8.340   0.44 10.07 ? 142 ILE A CA    1 
ATOM   1131 C  C     . ILE A 1 142 ? 4.933   -1.649  8.464   1.00 9.52  ? 142 ILE A C     1 
ATOM   1132 O  O     . ILE A 1 142 ? 3.973   -1.140  7.888   1.00 10.13 ? 142 ILE A O     1 
ATOM   1133 C  CB    A ILE A 1 142 ? 5.885   -3.303  6.862   0.56 10.99 ? 142 ILE A CB    1 
ATOM   1134 C  CB    B ILE A 1 142 ? 6.082   -3.455  7.080   0.44 11.19 ? 142 ILE A CB    1 
ATOM   1135 C  CG1   A ILE A 1 142 ? 6.325   -4.753  6.676   0.56 10.57 ? 142 ILE A CG1   1 
ATOM   1136 C  CG1   B ILE A 1 142 ? 7.452   -2.772  7.144   0.44 11.34 ? 142 ILE A CG1   1 
ATOM   1137 C  CG2   A ILE A 1 142 ? 7.059   -2.341  6.671   0.56 10.57 ? 142 ILE A CG2   1 
ATOM   1138 C  CG2   B ILE A 1 142 ? 5.326   -3.087  5.824   0.44 9.84  ? 142 ILE A CG2   1 
ATOM   1139 C  CD1   A ILE A 1 142 ? 6.798   -5.090  5.277   0.56 11.26 ? 142 ILE A CD1   1 
ATOM   1140 C  CD1   B ILE A 1 142 ? 8.408   -3.241  6.056   0.44 13.34 ? 142 ILE A CD1   1 
ATOM   1141 N  N     . GLU A 1 143 ? 5.746   -0.957  9.257   1.00 9.52  ? 143 GLU A N     1 
ATOM   1142 C  CA    . GLU A 1 143 ? 5.603   0.494   9.406   1.00 10.84 ? 143 GLU A CA    1 
ATOM   1143 C  C     . GLU A 1 143 ? 6.555   1.256   8.507   1.00 10.92 ? 143 GLU A C     1 
ATOM   1144 O  O     . GLU A 1 143 ? 7.679   0.822   8.249   1.00 11.84 ? 143 GLU A O     1 
ATOM   1145 C  CB    . GLU A 1 143 ? 5.772   0.934   10.861  1.00 10.63 ? 143 GLU A CB    1 
ATOM   1146 C  CG    . GLU A 1 143 ? 4.597   0.499   11.694  1.00 10.20 ? 143 GLU A CG    1 
ATOM   1147 C  CD    . GLU A 1 143 ? 4.515   1.143   13.054  1.00 11.36 ? 143 GLU A CD    1 
ATOM   1148 O  OE1   . GLU A 1 143 ? 5.456   1.871   13.450  1.00 11.84 ? 143 GLU A OE1   1 
ATOM   1149 O  OE2   . GLU A 1 143 ? 3.489   0.913   13.714  1.00 10.81 ? 143 GLU A OE2   1 
ATOM   1150 N  N     . THR A 1 144 ? 6.081   2.404   8.037   1.00 10.22 ? 144 THR A N     1 
ATOM   1151 C  CA    . THR A 1 144 ? 6.837   3.203   7.093   1.00 10.61 ? 144 THR A CA    1 
ATOM   1152 C  C     . THR A 1 144 ? 6.753   4.682   7.430   1.00 10.68 ? 144 THR A C     1 
ATOM   1153 O  O     . THR A 1 144 ? 5.823   5.128   8.105   1.00 10.13 ? 144 THR A O     1 
ATOM   1154 C  CB    . THR A 1 144 ? 6.276   3.026   5.653   1.00 9.78  ? 144 THR A CB    1 
ATOM   1155 O  OG1   . THR A 1 144 ? 4.901   3.438   5.613   1.00 11.16 ? 144 THR A OG1   1 
ATOM   1156 C  CG2   . THR A 1 144 ? 6.366   1.573   5.201   1.00 11.54 ? 144 THR A CG2   1 
ATOM   1157 N  N     . SER A 1 145 ? 7.728   5.428   6.921   1.00 11.36 ? 145 SER A N     1 
ATOM   1158 C  CA    . SER A 1 145 ? 7.637   6.878   6.830   1.00 11.98 ? 145 SER A CA    1 
ATOM   1159 C  C     . SER A 1 145 ? 8.038   7.311   5.436   1.00 11.28 ? 145 SER A C     1 
ATOM   1160 O  O     . SER A 1 145 ? 9.201   7.168   5.053   1.00 12.08 ? 145 SER A O     1 
ATOM   1161 C  CB    . SER A 1 145 ? 8.575   7.566   7.818   1.00 12.14 ? 145 SER A CB    1 
ATOM   1162 O  OG    . SER A 1 145 ? 8.555   8.982   7.597   1.00 12.19 ? 145 SER A OG    1 
ATOM   1163 N  N     . ALA A 1 146 ? 7.081   7.839   4.677   1.00 10.62 ? 146 ALA A N     1 
ATOM   1164 C  CA    . ALA A 1 146 ? 7.411   8.426   3.383   1.00 11.82 ? 146 ALA A CA    1 
ATOM   1165 C  C     . ALA A 1 146 ? 8.332   9.638   3.558   1.00 13.18 ? 146 ALA A C     1 
ATOM   1166 O  O     . ALA A 1 146 ? 9.045   10.001  2.628   1.00 14.62 ? 146 ALA A O     1 
ATOM   1167 C  CB    . ALA A 1 146 ? 6.148   8.816   2.622   1.00 12.25 ? 146 ALA A CB    1 
ATOM   1168 N  N     . LYS A 1 147 ? 8.314   10.257  4.735   1.00 12.52 ? 147 LYS A N     1 
ATOM   1169 C  CA    . LYS A 1 147 ? 9.143   11.436  4.979   1.00 14.59 ? 147 LYS A CA    1 
ATOM   1170 C  C     . LYS A 1 147 ? 10.629  11.099  5.183   1.00 15.69 ? 147 LYS A C     1 
ATOM   1171 O  O     . LYS A 1 147 ? 11.497  11.745  4.597   1.00 17.92 ? 147 LYS A O     1 
ATOM   1172 C  CB    . LYS A 1 147 ? 8.603   12.235  6.163   1.00 15.39 ? 147 LYS A CB    1 
ATOM   1173 C  CG    . LYS A 1 147 ? 9.372   13.528  6.440   1.00 17.67 ? 147 LYS A CG    1 
ATOM   1174 C  CD    . LYS A 1 147 ? 8.730   14.306  7.559   1.00 23.45 ? 147 LYS A CD    1 
ATOM   1175 C  CE    . LYS A 1 147 ? 9.578   15.512  7.942   1.00 32.16 ? 147 LYS A CE    1 
ATOM   1176 N  NZ    . LYS A 1 147 ? 9.053   16.155  9.174   1.00 33.20 ? 147 LYS A NZ    1 
ATOM   1177 N  N     . THR A 1 148 ? 10.931  10.083  5.988   1.00 13.82 ? 148 THR A N     1 
ATOM   1178 C  CA    . THR A 1 148 ? 12.326  9.736   6.273   1.00 14.49 ? 148 THR A CA    1 
ATOM   1179 C  C     . THR A 1 148 ? 12.863  8.581   5.427   1.00 15.16 ? 148 THR A C     1 
ATOM   1180 O  O     . THR A 1 148 ? 14.065  8.295   5.451   1.00 18.30 ? 148 THR A O     1 
ATOM   1181 C  CB    . THR A 1 148 ? 12.514  9.316   7.727   1.00 15.03 ? 148 THR A CB    1 
ATOM   1182 O  OG1   . THR A 1 148 ? 11.879  8.040   7.934   1.00 14.89 ? 148 THR A OG1   1 
ATOM   1183 C  CG2   . THR A 1 148 ? 11.933  10.355  8.671   1.00 15.15 ? 148 THR A CG2   1 
ATOM   1184 N  N     . ARG A 1 149 ? 11.961  7.910   4.713   1.00 13.97 ? 149 ARG A N     1 
ATOM   1185 C  CA    . ARG A 1 149 ? 12.254  6.702   3.928   1.00 15.20 ? 149 ARG A CA    1 
ATOM   1186 C  C     . ARG A 1 149 ? 12.267  5.411   4.738   1.00 13.77 ? 149 ARG A C     1 
ATOM   1187 O  O     . ARG A 1 149 ? 12.415  4.328   4.162   1.00 14.99 ? 149 ARG A O     1 
ATOM   1188 C  CB    . ARG A 1 149 ? 13.579  6.805   3.164   1.00 19.11 ? 149 ARG A CB    1 
ATOM   1189 C  CG    . ARG A 1 149 ? 13.564  7.779   2.025   1.00 23.84 ? 149 ARG A CG    1 
ATOM   1190 C  CD    . ARG A 1 149 ? 14.798  7.601   1.142   1.00 27.16 ? 149 ARG A CD    1 
ATOM   1191 N  NE    . ARG A 1 149 ? 14.992  6.223   0.675   1.00 26.39 ? 149 ARG A NE    1 
ATOM   1192 C  CZ    . ARG A 1 149 ? 14.422  5.695   -0.407  1.00 28.01 ? 149 ARG A CZ    1 
ATOM   1193 N  NH1   . ARG A 1 149 ? 13.583  6.406   -1.147  1.00 22.21 ? 149 ARG A NH1   1 
ATOM   1194 N  NH2   . ARG A 1 149 ? 14.682  4.440   -0.744  1.00 28.12 ? 149 ARG A NH2   1 
ATOM   1195 N  N     . GLN A 1 150 ? 12.124  5.513   6.059   1.00 12.49 ? 150 GLN A N     1 
ATOM   1196 C  CA    . GLN A 1 150 ? 12.123  4.324   6.904   1.00 12.93 ? 150 GLN A CA    1 
ATOM   1197 C  C     . GLN A 1 150 ? 11.069  3.335   6.407   1.00 12.57 ? 150 GLN A C     1 
ATOM   1198 O  O     . GLN A 1 150 ? 9.905   3.689   6.248   1.00 12.46 ? 150 GLN A O     1 
ATOM   1199 C  CB    . GLN A 1 150 ? 11.879  4.708   8.377   1.00 16.49 ? 150 GLN A CB    1 
ATOM   1200 C  CG    . GLN A 1 150 ? 11.729  3.515   9.327   1.00 20.53 ? 150 GLN A CG    1 
ATOM   1201 C  CD    . GLN A 1 150 ? 11.692  3.922   10.799  1.00 25.51 ? 150 GLN A CD    1 
ATOM   1202 O  OE1   . GLN A 1 150 ? 11.181  4.987   11.158  1.00 25.29 ? 150 GLN A OE1   1 
ATOM   1203 N  NE2   . GLN A 1 150 ? 12.248  3.071   11.657  1.00 28.31 ? 150 GLN A NE2   1 
ATOM   1204 N  N     . GLY A 1 151 ? 11.500  2.112   6.126   1.00 12.45 ? 151 GLY A N     1 
ATOM   1205 C  CA    . GLY A 1 151 ? 10.590  1.036   5.773   1.00 12.81 ? 151 GLY A CA    1 
ATOM   1206 C  C     . GLY A 1 151 ? 9.987   1.058   4.377   1.00 11.81 ? 151 GLY A C     1 
ATOM   1207 O  O     . GLY A 1 151 ? 9.279   0.122   4.011   1.00 11.45 ? 151 GLY A O     1 
ATOM   1208 N  N     . VAL A 1 152 ? 10.255  2.095   3.595   1.00 11.71 ? 152 VAL A N     1 
ATOM   1209 C  CA    . VAL A 1 152 ? 9.575   2.243   2.302   1.00 12.04 ? 152 VAL A CA    1 
ATOM   1210 C  C     . VAL A 1 152 ? 9.930   1.132   1.307   1.00 11.49 ? 152 VAL A C     1 
ATOM   1211 O  O     . VAL A 1 152 ? 9.041   0.440   0.789   1.00 11.33 ? 152 VAL A O     1 
ATOM   1212 C  CB    . VAL A 1 152 ? 9.827   3.630   1.693   1.00 11.55 ? 152 VAL A CB    1 
ATOM   1213 C  CG1   . VAL A 1 152 ? 9.191   3.726   0.308   1.00 14.48 ? 152 VAL A CG1   1 
ATOM   1214 C  CG2   . VAL A 1 152 ? 9.255   4.700   2.602   1.00 11.77 ? 152 VAL A CG2   1 
ATOM   1215 N  N     . GLU A 1 153 ? 11.217  0.953   1.026   1.00 12.55 ? 153 GLU A N     1 
ATOM   1216 C  CA    . GLU A 1 153 ? 11.626  -0.156  0.176   1.00 13.03 ? 153 GLU A CA    1 
ATOM   1217 C  C     . GLU A 1 153 ? 11.147  -1.478  0.759   1.00 14.41 ? 153 GLU A C     1 
ATOM   1218 O  O     . GLU A 1 153 ? 10.657  -2.349  0.037   1.00 13.64 ? 153 GLU A O     1 
ATOM   1219 C  CB    . GLU A 1 153 ? 13.147  -0.176  -0.016  1.00 17.37 ? 153 GLU A CB    1 
ATOM   1220 C  CG    . GLU A 1 153 ? 13.650  0.946   -0.898  1.00 22.62 ? 153 GLU A CG    1 
ATOM   1221 C  CD    . GLU A 1 153 ? 15.135  0.854   -1.172  1.00 30.55 ? 153 GLU A CD    1 
ATOM   1222 O  OE1   . GLU A 1 153 ? 15.760  1.914   -1.385  1.00 33.24 ? 153 GLU A OE1   1 
ATOM   1223 O  OE2   . GLU A 1 153 ? 15.670  -0.278  -1.177  1.00 33.88 ? 153 GLU A OE2   1 
ATOM   1224 N  N     . ASP A 1 154 ? 11.289  -1.642  2.068   1.00 13.24 ? 154 ASP A N     1 
ATOM   1225 C  CA    . ASP A 1 154 ? 10.904  -2.890  2.702   1.00 13.87 ? 154 ASP A CA    1 
ATOM   1226 C  C     . ASP A 1 154 ? 9.420   -3.221  2.458   1.00 11.58 ? 154 ASP A C     1 
ATOM   1227 O  O     . ASP A 1 154 ? 9.056   -4.376  2.207   1.00 10.90 ? 154 ASP A O     1 
ATOM   1228 C  CB    . ASP A 1 154 ? 11.208  -2.826  4.197   1.00 17.37 ? 154 ASP A CB    1 
ATOM   1229 C  CG    . ASP A 1 154 ? 12.680  -2.600  4.482   1.00 29.11 ? 154 ASP A CG    1 
ATOM   1230 O  OD1   . ASP A 1 154 ? 13.516  -2.971  3.632   1.00 33.69 ? 154 ASP A OD1   1 
ATOM   1231 O  OD2   . ASP A 1 154 ? 13.000  -2.046  5.556   1.00 34.28 ? 154 ASP A OD2   1 
ATOM   1232 N  N     . ALA A 1 155 ? 8.560   -2.217  2.546   1.00 11.07 ? 155 ALA A N     1 
ATOM   1233 C  CA    . ALA A 1 155 ? 7.124   -2.444  2.353   1.00 10.65 ? 155 ALA A CA    1 
ATOM   1234 C  C     . ALA A 1 155 ? 6.807   -2.951  0.953   1.00 8.84  ? 155 ALA A C     1 
ATOM   1235 O  O     . ALA A 1 155 ? 6.098   -3.943  0.774   1.00 9.41  ? 155 ALA A O     1 
ATOM   1236 C  CB    . ALA A 1 155 ? 6.326   -1.166  2.661   1.00 11.00 ? 155 ALA A CB    1 
ATOM   1237 N  N     . PHE A 1 156 ? 7.344   -2.271  -0.049  1.00 9.57  ? 156 PHE A N     1 
ATOM   1238 C  CA    . PHE A 1 156 ? 7.088   -2.678  -1.418  1.00 9.60  ? 156 PHE A CA    1 
ATOM   1239 C  C     . PHE A 1 156 ? 7.759   -4.003  -1.781  1.00 9.54  ? 156 PHE A C     1 
ATOM   1240 O  O     . PHE A 1 156 ? 7.167   -4.834  -2.468  1.00 9.69  ? 156 PHE A O     1 
ATOM   1241 C  CB    . PHE A 1 156 ? 7.509   -1.577  -2.390  1.00 9.44  ? 156 PHE A CB    1 
ATOM   1242 C  CG    . PHE A 1 156 ? 6.554   -0.401  -2.440  1.00 9.60  ? 156 PHE A CG    1 
ATOM   1243 C  CD1   . PHE A 1 156 ? 5.453   -0.413  -3.290  1.00 9.75  ? 156 PHE A CD1   1 
ATOM   1244 C  CD2   . PHE A 1 156 ? 6.781   0.725   -1.667  1.00 10.79 ? 156 PHE A CD2   1 
ATOM   1245 C  CE1   . PHE A 1 156 ? 4.592   0.682   -3.350  1.00 10.54 ? 156 PHE A CE1   1 
ATOM   1246 C  CE2   . PHE A 1 156 ? 5.921   1.814   -1.719  1.00 10.01 ? 156 PHE A CE2   1 
ATOM   1247 C  CZ    . PHE A 1 156 ? 4.824   1.788   -2.561  1.00 9.81  ? 156 PHE A CZ    1 
ATOM   1248 N  N     . TYR A 1 157 ? 8.988   -4.205  -1.318  1.00 9.33  ? 157 TYR A N     1 
ATOM   1249 C  CA    . TYR A 1 157 ? 9.682   -5.456  -1.629  1.00 10.02 ? 157 TYR A CA    1 
ATOM   1250 C  C     . TYR A 1 157 ? 9.013   -6.631  -0.906  1.00 9.29  ? 157 TYR A C     1 
ATOM   1251 O  O     . TYR A 1 157 ? 8.923   -7.730  -1.452  1.00 10.07 ? 157 TYR A O     1 
ATOM   1252 C  CB    . TYR A 1 157 ? 11.166  -5.362  -1.268  1.00 12.09 ? 157 TYR A CB    1 
ATOM   1253 C  CG    . TYR A 1 157 ? 11.990  -4.445  -2.142  1.00 14.80 ? 157 TYR A CG    1 
ATOM   1254 C  CD1   . TYR A 1 157 ? 11.413  -3.658  -3.137  1.00 15.07 ? 157 TYR A CD1   1 
ATOM   1255 C  CD2   . TYR A 1 157 ? 13.364  -4.379  -1.968  1.00 22.40 ? 157 TYR A CD2   1 
ATOM   1256 C  CE1   . TYR A 1 157 ? 12.199  -2.818  -3.931  1.00 22.11 ? 157 TYR A CE1   1 
ATOM   1257 C  CE2   . TYR A 1 157 ? 14.149  -3.554  -2.751  1.00 25.68 ? 157 TYR A CE2   1 
ATOM   1258 C  CZ    . TYR A 1 157 ? 13.565  -2.779  -3.725  1.00 27.47 ? 157 TYR A CZ    1 
ATOM   1259 O  OH    . TYR A 1 157 ? 14.363  -1.963  -4.498  1.00 35.97 ? 157 TYR A OH    1 
ATOM   1260 N  N     . THR A 1 158 ? 8.526   -6.393  0.309   1.00 10.44 ? 158 THR A N     1 
ATOM   1261 C  CA    . THR A 1 158 ? 7.780   -7.419  1.020   1.00 10.27 ? 158 THR A CA    1 
ATOM   1262 C  C     . THR A 1 158 ? 6.523   -7.816  0.239   1.00 8.80  ? 158 THR A C     1 
ATOM   1263 O  O     . THR A 1 158 ? 6.161   -8.990  0.186   1.00 9.73  ? 158 THR A O     1 
ATOM   1264 C  CB    . THR A 1 158 ? 7.425   -6.954  2.442   1.00 10.31 ? 158 THR A CB    1 
ATOM   1265 O  OG1   . THR A 1 158 ? 8.634   -6.790  3.200   1.00 11.55 ? 158 THR A OG1   1 
ATOM   1266 C  CG2   . THR A 1 158 ? 6.518   -7.964  3.142   1.00 12.51 ? 158 THR A CG2   1 
ATOM   1267 N  N     . LEU A 1 159 ? 5.852   -6.842  -0.382  1.00 8.77  ? 159 LEU A N     1 
ATOM   1268 C  CA    . LEU A 1 159 ? 4.684   -7.181  -1.191  1.00 9.45  ? 159 LEU A CA    1 
ATOM   1269 C  C     . LEU A 1 159 ? 5.073   -8.058  -2.384  1.00 8.01  ? 159 LEU A C     1 
ATOM   1270 O  O     . LEU A 1 159 ? 4.374   -9.028  -2.684  1.00 8.90  ? 159 LEU A O     1 
ATOM   1271 C  CB    . LEU A 1 159 ? 3.939   -5.927  -1.632  1.00 9.46  ? 159 LEU A CB    1 
ATOM   1272 C  CG    . LEU A 1 159 ? 2.684   -6.196  -2.473  1.00 9.33  ? 159 LEU A CG    1 
ATOM   1273 C  CD1   . LEU A 1 159 ? 1.683   -7.051  -1.718  1.00 10.25 ? 159 LEU A CD1   1 
ATOM   1274 C  CD2   . LEU A 1 159 ? 2.058   -4.857  -2.870  1.00 9.69  ? 159 LEU A CD2   1 
ATOM   1275 N  N     . VAL A 1 160 ? 6.184   -7.738  -3.038  1.00 9.57  ? 160 VAL A N     1 
ATOM   1276 C  CA    . VAL A 1 160 ? 6.682   -8.606  -4.112  1.00 9.84  ? 160 VAL A CA    1 
ATOM   1277 C  C     . VAL A 1 160 ? 6.927   -10.031 -3.571  1.00 8.63  ? 160 VAL A C     1 
ATOM   1278 O  O     . VAL A 1 160 ? 6.549   -11.023 -4.206  1.00 9.86  ? 160 VAL A O     1 
ATOM   1279 C  CB    . VAL A 1 160 ? 7.942   -8.014  -4.775  1.00 9.76  ? 160 VAL A CB    1 
ATOM   1280 C  CG1   . VAL A 1 160 ? 8.581   -9.046  -5.714  1.00 10.90 ? 160 VAL A CG1   1 
ATOM   1281 C  CG2   . VAL A 1 160 ? 7.594   -6.743  -5.561  1.00 10.96 ? 160 VAL A CG2   1 
ATOM   1282 N  N     . ARG A 1 161 ? 7.540   -10.128 -2.389  1.00 8.74  ? 161 ARG A N     1 
ATOM   1283 C  CA    . ARG A 1 161 ? 7.785   -11.429 -1.757  1.00 9.75  ? 161 ARG A CA    1 
ATOM   1284 C  C     . ARG A 1 161 ? 6.492   -12.182 -1.416  1.00 10.10 ? 161 ARG A C     1 
ATOM   1285 O  O     . ARG A 1 161 ? 6.463   -13.410 -1.452  1.00 11.43 ? 161 ARG A O     1 
ATOM   1286 C  CB    . ARG A 1 161 ? 8.700   -11.263 -0.537  1.00 10.92 ? 161 ARG A CB    1 
ATOM   1287 C  CG    . ARG A 1 161 ? 10.070  -10.722 -0.933  1.00 11.43 ? 161 ARG A CG    1 
ATOM   1288 C  CD    . ARG A 1 161 ? 10.992  -10.469 0.263   1.00 13.13 ? 161 ARG A CD    1 
ATOM   1289 N  NE    . ARG A 1 161 ? 12.214  -9.799  -0.189  1.00 13.27 ? 161 ARG A NE    1 
ATOM   1290 C  CZ    . ARG A 1 161 ? 12.690  -8.652  0.292   1.00 13.80 ? 161 ARG A CZ    1 
ATOM   1291 N  NH1   . ARG A 1 161 ? 12.077  -8.023  1.293   1.00 16.06 ? 161 ARG A NH1   1 
ATOM   1292 N  NH2   . ARG A 1 161 ? 13.809  -8.152  -0.225  1.00 15.94 ? 161 ARG A NH2   1 
ATOM   1293 N  N     . GLU A 1 162 ? 5.415   -11.456 -1.106  1.00 9.80  ? 162 GLU A N     1 
ATOM   1294 C  CA    . GLU A 1 162 ? 4.109   -12.086 -0.893  1.00 9.45  ? 162 GLU A CA    1 
ATOM   1295 C  C     . GLU A 1 162 ? 3.512   -12.584 -2.206  1.00 10.18 ? 162 GLU A C     1 
ATOM   1296 O  O     . GLU A 1 162 ? 2.931   -13.669 -2.248  1.00 10.54 ? 162 GLU A O     1 
ATOM   1297 C  CB    . GLU A 1 162 ? 3.130   -11.124 -0.203  1.00 10.68 ? 162 GLU A CB    1 
ATOM   1298 C  CG    . GLU A 1 162 ? 3.457   -10.824 1.266   1.00 13.89 ? 162 GLU A CG    1 
ATOM   1299 C  CD    . GLU A 1 162 ? 3.368   -12.049 2.165   1.00 11.77 ? 162 GLU A CD    1 
ATOM   1300 O  OE1   . GLU A 1 162 ? 2.306   -12.705 2.190   1.00 15.36 ? 162 GLU A OE1   1 
ATOM   1301 O  OE2   . GLU A 1 162 ? 4.367   -12.352 2.838   1.00 16.29 ? 162 GLU A OE2   1 
ATOM   1302 N  N     . ILE A 1 163 ? 3.635   -11.795 -3.266  1.00 10.20 ? 163 ILE A N     1 
ATOM   1303 C  CA    . ILE A 1 163 ? 3.140   -12.246 -4.562  1.00 9.78  ? 163 ILE A CA    1 
ATOM   1304 C  C     . ILE A 1 163 ? 3.850   -13.551 -4.963  1.00 10.25 ? 163 ILE A C     1 
ATOM   1305 O  O     . ILE A 1 163 ? 3.215   -14.491 -5.461  1.00 12.24 ? 163 ILE A O     1 
ATOM   1306 C  CB    . ILE A 1 163 ? 3.329   -11.176 -5.645  1.00 9.83  ? 163 ILE A CB    1 
ATOM   1307 C  CG1   . ILE A 1 163 ? 2.483   -9.935  -5.325  1.00 10.81 ? 163 ILE A CG1   1 
ATOM   1308 C  CG2   . ILE A 1 163 ? 2.968   -11.751 -7.032  1.00 12.76 ? 163 ILE A CG2   1 
ATOM   1309 C  CD1   . ILE A 1 163 ? 2.845   -8.719  -6.190  1.00 12.55 ? 163 ILE A CD1   1 
ATOM   1310 N  N     . ARG A 1 164 ? 5.162   -13.625 -4.720  1.00 10.54 ? 164 ARG A N     1 
ATOM   1311 C  CA    . ARG A 1 164 ? 5.935   -14.819 -5.063  1.00 10.61 ? 164 ARG A CA    1 
ATOM   1312 C  C     . ARG A 1 164 ? 5.532   -16.058 -4.268  1.00 12.41 ? 164 ARG A C     1 
ATOM   1313 O  O     . ARG A 1 164 ? 5.854   -17.188 -4.653  1.00 13.16 ? 164 ARG A O     1 
ATOM   1314 C  CB    . ARG A 1 164 ? 7.426   -14.557 -4.866  1.00 10.86 ? 164 ARG A CB    1 
ATOM   1315 C  CG    . ARG A 1 164 ? 7.992   -13.530 -5.837  1.00 10.06 ? 164 ARG A CG    1 
ATOM   1316 C  CD    . ARG A 1 164 ? 9.329   -13.039 -5.275  1.00 10.65 ? 164 ARG A CD    1 
ATOM   1317 N  NE    . ARG A 1 164 ? 10.101  -12.213 -6.198  1.00 9.90  ? 164 ARG A NE    1 
ATOM   1318 C  CZ    . ARG A 1 164 ? 11.202  -11.550 -5.848  1.00 9.86  ? 164 ARG A CZ    1 
ATOM   1319 N  NH1   . ARG A 1 164 ? 11.653  -11.621 -4.597  1.00 12.80 ? 164 ARG A NH1   1 
ATOM   1320 N  NH2   . ARG A 1 164 ? 11.853  -10.809 -6.742  1.00 11.43 ? 164 ARG A NH2   1 
ATOM   1321 N  N     . GLN A 1 165 ? 4.830   -15.868 -3.159  1.00 11.21 ? 165 GLN A N     1 
ATOM   1322 C  CA    . GLN A 1 165 ? 4.317   -16.993 -2.382  1.00 12.94 ? 165 GLN A CA    1 
ATOM   1323 C  C     . GLN A 1 165 ? 2.959   -17.501 -2.864  1.00 13.66 ? 165 GLN A C     1 
ATOM   1324 O  O     . GLN A 1 165 ? 2.481   -18.543 -2.404  1.00 15.91 ? 165 GLN A O     1 
ATOM   1325 C  CB    . GLN A 1 165 ? 4.223   -16.628 -0.898  1.00 12.69 ? 165 GLN A CB    1 
ATOM   1326 C  CG    . GLN A 1 165 ? 5.572   -16.501 -0.206  1.00 11.64 ? 165 GLN A CG    1 
ATOM   1327 C  CD    . GLN A 1 165 ? 5.460   -15.821 1.135   1.00 14.91 ? 165 GLN A CD    1 
ATOM   1328 O  OE1   . GLN A 1 165 ? 5.916   -14.685 1.321   1.00 16.61 ? 165 GLN A OE1   1 
ATOM   1329 N  NE2   . GLN A 1 165 ? 4.853   -16.510 2.078   1.00 17.10 ? 165 GLN A NE2   1 
ATOM   1330 N  N     . HIS A 1 166 ? 2.339   -16.778 -3.786  1.00 14.88 ? 166 HIS A N     1 
ATOM   1331 C  CA    . HIS A 1 166 ? 0.991   -17.126 -4.215  1.00 18.39 ? 166 HIS A CA    1 
ATOM   1332 C  C     . HIS A 1 166 ? 0.998   -18.379 -5.071  1.00 25.48 ? 166 HIS A C     1 
ATOM   1333 O  O     . HIS A 1 166 ? 1.907   -18.570 -5.882  1.00 25.06 ? 166 HIS A O     1 
ATOM   1334 C  CB    . HIS A 1 166 ? 0.362   -15.969 -4.990  1.00 19.50 ? 166 HIS A CB    1 
ATOM   1335 C  CG    . HIS A 1 166 ? -1.071  -16.200 -5.357  1.00 24.47 ? 166 HIS A CG    1 
ATOM   1336 N  ND1   . HIS A 1 166 ? -1.471  -16.568 -6.624  1.00 30.18 ? 166 HIS A ND1   1 
ATOM   1337 C  CD2   . HIS A 1 166 ? -2.200  -16.119 -4.615  1.00 22.49 ? 166 HIS A CD2   1 
ATOM   1338 C  CE1   . HIS A 1 166 ? -2.786  -16.699 -6.648  1.00 28.29 ? 166 HIS A CE1   1 
ATOM   1339 N  NE2   . HIS A 1 166 ? -3.253  -16.434 -5.440  1.00 27.99 ? 166 HIS A NE2   1 
ATOM   1340 O  OXT   . HIS A 1 166 ? 0.086   -19.206 -4.969  1.00 30.05 ? 166 HIS A OXT   1 
HETATM 1341 P  PG    . GNP B 2 .   ? -5.285  10.521  -1.558  1.00 10.83 ? 190 GNP A PG    1 
HETATM 1342 O  O1G   . GNP B 2 .   ? -6.271  11.680  -1.478  1.00 12.42 ? 190 GNP A O1G   1 
HETATM 1343 O  O2G   . GNP B 2 .   ? -4.642  10.471  -2.909  1.00 11.45 ? 190 GNP A O2G   1 
HETATM 1344 O  O3G   . GNP B 2 .   ? -6.005  9.239   -1.191  1.00 13.08 ? 190 GNP A O3G   1 
HETATM 1345 N  N3B   . GNP B 2 .   ? -4.125  10.758  -0.441  1.00 11.51 ? 190 GNP A N3B   1 
HETATM 1346 P  PB    . GNP B 2 .   ? -2.751  9.919   -0.141  1.00 10.60 ? 190 GNP A PB    1 
HETATM 1347 O  O1B   . GNP B 2 .   ? -3.050  8.707   0.685   1.00 11.02 ? 190 GNP A O1B   1 
HETATM 1348 O  O2B   . GNP B 2 .   ? -2.073  9.658   -1.433  1.00 11.00 ? 190 GNP A O2B   1 
HETATM 1349 O  O3A   . GNP B 2 .   ? -1.833  10.841  0.713   1.00 9.45  ? 190 GNP A O3A   1 
HETATM 1350 P  PA    . GNP B 2 .   ? -0.604  11.735  0.280   1.00 10.59 ? 190 GNP A PA    1 
HETATM 1351 O  O1A   . GNP B 2 .   ? 0.544   10.898  -0.077  1.00 10.94 ? 190 GNP A O1A   1 
HETATM 1352 O  O2A   . GNP B 2 .   ? -1.093  12.778  -0.668  1.00 12.11 ? 190 GNP A O2A   1 
HETATM 1353 O  "O5'" . GNP B 2 .   ? -0.174  12.410  1.644   1.00 10.85 ? 190 GNP A "O5'" 1 
HETATM 1354 C  "C5'" . GNP B 2 .   ? -1.099  13.238  2.365   1.00 11.69 ? 190 GNP A "C5'" 1 
HETATM 1355 C  "C4'" . GNP B 2 .   ? -0.370  14.201  3.277   1.00 11.99 ? 190 GNP A "C4'" 1 
HETATM 1356 O  "O4'" . GNP B 2 .   ? 0.327   13.433  4.293   1.00 11.74 ? 190 GNP A "O4'" 1 
HETATM 1357 C  "C3'" . GNP B 2 .   ? 0.700   15.056  2.594   1.00 11.50 ? 190 GNP A "C3'" 1 
HETATM 1358 O  "O3'" . GNP B 2 .   ? 0.709   16.361  3.181   1.00 13.70 ? 190 GNP A "O3'" 1 
HETATM 1359 C  "C2'" . GNP B 2 .   ? 1.994   14.302  2.885   1.00 11.87 ? 190 GNP A "C2'" 1 
HETATM 1360 O  "O2'" . GNP B 2 .   ? 3.154   15.106  2.963   1.00 11.65 ? 190 GNP A "O2'" 1 
HETATM 1361 C  "C1'" . GNP B 2 .   ? 1.701   13.714  4.265   1.00 10.72 ? 190 GNP A "C1'" 1 
HETATM 1362 N  N9    . GNP B 2 .   ? 2.433   12.476  4.507   1.00 10.63 ? 190 GNP A N9    1 
HETATM 1363 C  C8    . GNP B 2 .   ? 2.403   11.349  3.712   1.00 10.86 ? 190 GNP A C8    1 
HETATM 1364 N  N7    . GNP B 2 .   ? 3.175   10.404  4.163   1.00 10.94 ? 190 GNP A N7    1 
HETATM 1365 C  C5    . GNP B 2 .   ? 3.749   10.927  5.322   1.00 10.66 ? 190 GNP A C5    1 
HETATM 1366 C  C6    . GNP B 2 .   ? 4.661   10.365  6.255   1.00 10.98 ? 190 GNP A C6    1 
HETATM 1367 O  O6    . GNP B 2 .   ? 5.189   9.248   6.232   1.00 11.18 ? 190 GNP A O6    1 
HETATM 1368 N  N1    . GNP B 2 .   ? 4.995   11.242  7.294   1.00 10.58 ? 190 GNP A N1    1 
HETATM 1369 C  C2    . GNP B 2 .   ? 4.472   12.509  7.405   1.00 11.48 ? 190 GNP A C2    1 
HETATM 1370 N  N2    . GNP B 2 .   ? 4.877   13.232  8.458   1.00 14.88 ? 190 GNP A N2    1 
HETATM 1371 N  N3    . GNP B 2 .   ? 3.609   13.044  6.549   1.00 11.59 ? 190 GNP A N3    1 
HETATM 1372 C  C4    . GNP B 2 .   ? 3.294   12.206  5.542   1.00 10.32 ? 190 GNP A C4    1 
HETATM 1373 C  C01   . YEG C 3 .   ? -1.619  19.428  4.103   1.00 39.98 ? 206 YEG A C01   1 
HETATM 1374 C  C02   . YEG C 3 .   ? -1.388  20.098  5.421   1.00 41.46 ? 206 YEG A C02   1 
HETATM 1375 C  C03   . YEG C 3 .   ? -0.065  20.783  5.289   1.00 42.45 ? 206 YEG A C03   1 
HETATM 1376 C  C04   . YEG C 3 .   ? 0.678   20.010  4.255   1.00 38.64 ? 206 YEG A C04   1 
HETATM 1377 C  C05   . YEG C 3 .   ? -0.300  19.386  3.409   1.00 36.31 ? 206 YEG A C05   1 
HETATM 1378 O  O06   . YEG C 3 .   ? 1.458   20.863  3.501   1.00 43.66 ? 206 YEG A O06   1 
HETATM 1379 C  C01   . YEG D 3 .   ? -3.474  5.159   -13.989 1.00 27.50 ? 216 YEG A C01   1 
HETATM 1380 C  C02   . YEG D 3 .   ? -3.459  3.772   -14.545 1.00 31.79 ? 216 YEG A C02   1 
HETATM 1381 C  C03   . YEG D 3 .   ? -3.966  3.872   -15.948 1.00 39.22 ? 216 YEG A C03   1 
HETATM 1382 C  C04   . YEG D 3 .   ? -4.579  5.223   -16.083 1.00 39.45 ? 216 YEG A C04   1 
HETATM 1383 C  C05   . YEG D 3 .   ? -4.060  6.051   -15.031 1.00 28.78 ? 216 YEG A C05   1 
HETATM 1384 O  O06   . YEG D 3 .   ? -4.214  5.756   -17.299 1.00 47.89 ? 216 YEG A O06   1 
HETATM 1385 CA CA    . CA  E 4 .   ? 9.315   17.848  -0.828  1.00 12.85 ? 193 CA  A CA    1 
HETATM 1386 MG MG    . MG  F 5 .   ? -2.663  10.086  -3.394  1.00 11.11 ? 192 MG  A MG    1 
HETATM 1387 CA CA    . CA  G 4 .   ? -15.790 -9.513  -8.444  0.44 17.45 ? 195 CA  A CA    1 
HETATM 1388 MG MG    . MG  H 5 .   ? -5.770  2.794   21.878  0.30 16.56 ? 194 MG  A MG    1 
HETATM 1389 O  O     . HOH I 6 .   ? -2.108  12.164  -3.031  1.00 12.95 ? 301 HOH A O     1 
HETATM 1390 O  O     . HOH I 6 .   ? -7.645  3.414   -2.111  1.00 12.13 ? 302 HOH A O     1 
HETATM 1391 O  O     . HOH I 6 .   ? -3.100  8.047   -3.741  1.00 11.31 ? 303 HOH A O     1 
HETATM 1392 O  O     . HOH I 6 .   ? 0.047   14.794  -2.057  1.00 12.45 ? 304 HOH A O     1 
HETATM 1393 O  O     . HOH I 6 .   ? -8.148  10.871  -3.459  1.00 14.91 ? 305 HOH A O     1 
HETATM 1394 O  O     . HOH I 6 .   ? -6.767  3.205   5.178   1.00 10.57 ? 306 HOH A O     1 
HETATM 1395 O  O     . HOH I 6 .   ? 7.035   11.255  -1.372  1.00 11.97 ? 307 HOH A O     1 
HETATM 1396 O  O     . HOH I 6 .   ? -11.130 8.378   2.787   1.00 23.28 ? 308 HOH A O     1 
HETATM 1397 O  O     . HOH I 6 .   ? 11.215  17.305  0.628   1.00 18.91 ? 309 HOH A O     1 
HETATM 1398 O  O     . HOH I 6 .   ? 0.531   9.833   -7.626  1.00 15.78 ? 310 HOH A O     1 
HETATM 1399 O  O     . HOH I 6 .   ? 11.193  -13.691 -2.643  1.00 10.75 ? 311 HOH A O     1 
HETATM 1400 O  O     . HOH I 6 .   ? 12.617  14.929  0.003   1.00 20.98 ? 312 HOH A O     1 
HETATM 1401 O  O     . HOH I 6 .   ? -2.717  11.011  8.896   1.00 18.22 ? 313 HOH A O     1 
HETATM 1402 O  O     . HOH I 6 .   ? 13.418  2.468   2.412   1.00 17.78 ? 314 HOH A O     1 
HETATM 1403 O  O     . HOH I 6 .   ? 10.382  -9.053  3.336   1.00 18.33 ? 315 HOH A O     1 
HETATM 1404 O  O     . HOH I 6 .   ? 8.978   -14.837 -1.402  1.00 10.64 ? 316 HOH A O     1 
HETATM 1405 O  O     . HOH I 6 .   ? 3.399   0.956   19.068  1.00 21.87 ? 317 HOH A O     1 
HETATM 1406 O  O     . HOH I 6 .   ? 14.289  1.446   6.582   1.00 26.46 ? 318 HOH A O     1 
HETATM 1407 O  O     . HOH I 6 .   ? -1.208  21.260  -2.807  1.00 21.59 ? 319 HOH A O     1 
HETATM 1408 O  O     . HOH I 6 .   ? -0.072  -12.239 1.073   1.00 21.07 ? 320 HOH A O     1 
HETATM 1409 O  O     . HOH I 6 .   ? 13.043  0.043   3.783   1.00 18.71 ? 321 HOH A O     1 
HETATM 1410 O  O     . HOH I 6 .   ? 13.298  1.944   -14.675 1.00 32.91 ? 322 HOH A O     1 
HETATM 1411 O  O     . HOH I 6 .   ? 7.949   2.732   13.436  1.00 25.05 ? 323 HOH A O     1 
HETATM 1412 O  O     . HOH I 6 .   ? 17.569  -2.047  -8.093  1.00 29.24 ? 324 HOH A O     1 
HETATM 1413 O  O     . HOH I 6 .   ? -13.541 5.869   14.781  1.00 17.31 ? 325 HOH A O     1 
HETATM 1414 O  O     . HOH I 6 .   ? -4.552  11.641  -10.419 1.00 20.70 ? 326 HOH A O     1 
HETATM 1415 O  O     . HOH I 6 .   ? 3.768   16.763  5.251   1.00 23.86 ? 327 HOH A O     1 
HETATM 1416 O  O     . HOH I 6 .   ? 1.812   16.951  -5.456  1.00 20.81 ? 328 HOH A O     1 
HETATM 1417 O  O     . HOH I 6 .   ? 8.328   14.298  11.098  1.00 24.67 ? 329 HOH A O     1 
HETATM 1418 O  O     . HOH I 6 .   ? -10.606 6.866   -9.315  1.00 26.33 ? 330 HOH A O     1 
HETATM 1419 O  O     . HOH I 6 .   ? 9.564   -0.665  9.399   1.00 18.71 ? 331 HOH A O     1 
HETATM 1420 O  O     . HOH I 6 .   ? 11.615  -1.830  7.938   1.00 24.52 ? 332 HOH A O     1 
HETATM 1421 O  O     . HOH I 6 .   ? 0.917   14.143  7.516   1.00 17.73 ? 333 HOH A O     1 
HETATM 1422 O  O     . HOH I 6 .   ? 4.234   16.191  8.449   1.00 32.54 ? 334 HOH A O     1 
HETATM 1423 O  O     . HOH I 6 .   ? 8.142   8.298   -12.017 1.00 18.25 ? 335 HOH A O     1 
HETATM 1424 O  O     . HOH I 6 .   ? -9.950  -2.645  9.513   1.00 20.24 ? 336 HOH A O     1 
HETATM 1425 O  O     . HOH I 6 .   ? -0.478  8.005   -14.321 1.00 16.95 ? 337 HOH A O     1 
HETATM 1426 O  O     . HOH I 6 .   ? -6.358  3.003   17.404  1.00 23.38 ? 338 HOH A O     1 
HETATM 1427 O  O     . HOH I 6 .   ? 17.055  -7.140  -2.885  1.00 24.00 ? 339 HOH A O     1 
HETATM 1428 O  O     . HOH I 6 .   ? -1.486  -15.457 10.285  1.00 19.17 ? 340 HOH A O     1 
HETATM 1429 O  O     . HOH I 6 .   ? -5.655  16.821  -6.874  1.00 22.44 ? 341 HOH A O     1 
HETATM 1430 O  O     . HOH I 6 .   ? -5.212  5.012   20.602  1.00 22.46 ? 342 HOH A O     1 
HETATM 1431 O  O     . HOH I 6 .   ? 3.049   -10.303 -13.419 1.00 28.11 ? 343 HOH A O     1 
HETATM 1432 O  O     . HOH I 6 .   ? -12.675 -2.813  10.657  1.00 25.48 ? 344 HOH A O     1 
HETATM 1433 O  O     . HOH I 6 .   ? -11.752 5.446   -0.447  1.00 27.37 ? 345 HOH A O     1 
HETATM 1434 O  O     . HOH I 6 .   ? 1.032   -10.037 11.595  1.00 21.34 ? 346 HOH A O     1 
HETATM 1435 O  O     . HOH I 6 .   ? 3.439   -16.712 3.959   1.00 19.83 ? 347 HOH A O     1 
HETATM 1436 O  O     . HOH I 6 .   ? -1.990  12.866  -6.366  1.00 18.97 ? 348 HOH A O     1 
HETATM 1437 O  O     . HOH I 6 .   ? -0.942  20.791  1.013   1.00 23.15 ? 349 HOH A O     1 
HETATM 1438 O  O     . HOH I 6 .   ? -2.690  9.620   -14.088 1.00 16.68 ? 350 HOH A O     1 
HETATM 1439 O  O     . HOH I 6 .   ? -0.846  13.735  9.544   1.00 22.67 ? 351 HOH A O     1 
HETATM 1440 O  O     . HOH I 6 .   ? -2.759  12.741  -8.965  1.00 21.05 ? 352 HOH A O     1 
HETATM 1441 O  O     . HOH I 6 .   ? 2.711   3.346   -16.095 1.00 29.12 ? 353 HOH A O     1 
HETATM 1442 O  O     . HOH I 6 .   ? 3.925   5.822   -15.400 1.00 20.45 ? 354 HOH A O     1 
HETATM 1443 O  O     . HOH I 6 .   ? -4.895  19.143  -6.034  1.00 24.64 ? 355 HOH A O     1 
HETATM 1444 O  O     . HOH I 6 .   ? 9.711   -14.899 -10.186 1.00 29.45 ? 356 HOH A O     1 
HETATM 1445 O  O     . HOH I 6 .   ? 15.797  2.959   1.574   1.00 32.76 ? 357 HOH A O     1 
HETATM 1446 O  O     . HOH I 6 .   ? 1.332   8.571   20.913  1.00 25.05 ? 358 HOH A O     1 
HETATM 1447 O  O     . HOH I 6 .   ? 18.990  -7.813  -5.044  1.00 22.79 ? 359 HOH A O     1 
HETATM 1448 O  O     . HOH I 6 .   ? 7.255   -9.651  5.905   1.00 26.18 ? 360 HOH A O     1 
HETATM 1449 O  O     . HOH I 6 .   ? 2.528   -2.071  20.459  1.00 24.75 ? 361 HOH A O     1 
HETATM 1450 O  O     . HOH I 6 .   ? -15.099 0.040   9.229   1.00 29.08 ? 362 HOH A O     1 
HETATM 1451 O  O     . HOH I 6 .   ? -15.726 -2.887  0.711   1.00 28.12 ? 363 HOH A O     1 
HETATM 1452 O  O     . HOH I 6 .   ? -3.643  2.045   20.709  1.00 29.67 ? 364 HOH A O     1 
HETATM 1453 O  O     . HOH I 6 .   ? -11.829 5.706   3.558   1.00 23.40 ? 365 HOH A O     1 
HETATM 1454 O  O     . HOH I 6 .   ? -4.669  11.940  11.060  1.00 23.15 ? 366 HOH A O     1 
HETATM 1455 O  O     . HOH I 6 .   ? 6.588   -11.295 2.022   1.00 22.54 ? 367 HOH A O     1 
HETATM 1456 O  O     . HOH I 6 .   ? 10.794  4.762   -14.030 1.00 26.77 ? 368 HOH A O     1 
HETATM 1457 O  O     . HOH I 6 .   ? -5.102  -11.981 15.268  1.00 23.73 ? 369 HOH A O     1 
HETATM 1458 O  O     . HOH I 6 .   ? -11.598 8.049   15.516  0.50 23.22 ? 370 HOH A O     1 
HETATM 1459 O  O     . HOH I 6 .   ? -11.513 -8.039  4.946   1.00 28.55 ? 371 HOH A O     1 
HETATM 1460 O  O     . HOH I 6 .   ? -1.637  -12.557 -7.436  1.00 33.40 ? 372 HOH A O     1 
HETATM 1461 O  O     . HOH I 6 .   ? -6.027  -6.543  18.968  1.00 28.27 ? 373 HOH A O     1 
HETATM 1462 O  O     . HOH I 6 .   ? -9.689  8.947   7.488   1.00 28.47 ? 374 HOH A O     1 
HETATM 1463 O  O     . HOH I 6 .   ? 0.860   14.551  -4.746  1.00 19.69 ? 375 HOH A O     1 
HETATM 1464 O  O     . HOH I 6 .   ? 10.616  18.000  3.264   1.00 25.22 ? 376 HOH A O     1 
HETATM 1465 O  O     . HOH I 6 .   ? -4.434  9.954   7.253   1.00 26.23 ? 377 HOH A O     1 
HETATM 1466 O  O     . HOH I 6 .   ? 4.607   15.642  -6.350  0.50 26.76 ? 378 HOH A O     1 
HETATM 1467 O  O     . HOH I 6 .   ? 4.900   7.132   17.078  1.00 22.27 ? 379 HOH A O     1 
HETATM 1468 O  O     . HOH I 6 .   ? -8.260  -13.639 -9.093  1.00 33.02 ? 380 HOH A O     1 
HETATM 1469 O  O     . HOH I 6 .   ? 4.655   8.073   19.687  1.00 28.08 ? 381 HOH A O     1 
HETATM 1470 O  O     . HOH I 6 .   ? -6.189  9.608   -13.519 1.00 26.96 ? 382 HOH A O     1 
HETATM 1471 O  O     . HOH I 6 .   ? 6.857   5.673   15.604  1.00 22.27 ? 383 HOH A O     1 
HETATM 1472 O  O     . HOH I 6 .   ? 2.166   -18.155 2.169   1.00 30.45 ? 384 HOH A O     1 
HETATM 1473 O  O     . HOH I 6 .   ? 19.566  -9.739  -11.694 1.00 36.69 ? 385 HOH A O     1 
HETATM 1474 O  O     . HOH I 6 .   ? 0.412   -14.570 -0.879  1.00 25.63 ? 387 HOH A O     1 
HETATM 1475 O  O     . HOH I 6 .   ? 6.472   14.241  -7.406  1.00 30.51 ? 388 HOH A O     1 
HETATM 1476 O  O     . HOH I 6 .   ? 16.925  -2.730  -4.826  1.00 36.22 ? 389 HOH A O     1 
HETATM 1477 O  O     . HOH I 6 .   ? 0.235   16.564  5.996   1.00 28.11 ? 390 HOH A O     1 
HETATM 1478 O  O     . HOH I 6 .   ? 16.513  -11.709 -13.247 1.00 29.99 ? 391 HOH A O     1 
HETATM 1479 O  O     . HOH I 6 .   ? -17.829 -9.448  -6.522  0.50 28.81 ? 393 HOH A O     1 
HETATM 1480 O  O     . HOH I 6 .   ? -2.801  -12.512 1.534   1.00 26.15 ? 394 HOH A O     1 
HETATM 1481 O  O     . HOH I 6 .   ? 6.060   18.534  5.460   1.00 29.76 ? 395 HOH A O     1 
HETATM 1482 O  O     . HOH I 6 .   ? -13.440 -9.587  -10.657 0.50 28.51 ? 396 HOH A O     1 
HETATM 1483 O  O     . HOH I 6 .   ? 15.923  0.938   -9.774  1.00 36.81 ? 397 HOH A O     1 
HETATM 1484 O  O     . HOH I 6 .   ? -9.518  10.193  4.926   1.00 30.45 ? 398 HOH A O     1 
HETATM 1485 O  O     . HOH I 6 .   ? 4.776   12.636  -8.988  0.50 31.70 ? 399 HOH A O     1 
HETATM 1486 O  O     . HOH I 6 .   ? -1.905  -15.224 -2.101  1.00 23.20 ? 402 HOH A O     1 
HETATM 1487 O  O     . HOH I 6 .   ? 0.673   -13.194 -9.402  1.00 33.98 ? 403 HOH A O     1 
HETATM 1488 O  O     . HOH I 6 .   ? 15.565  -1.714  5.523   1.00 37.18 ? 404 HOH A O     1 
HETATM 1489 O  O     . HOH I 6 .   ? 14.231  0.633   -4.967  1.00 36.85 ? 405 HOH A O     1 
HETATM 1490 O  O     . HOH I 6 .   ? 6.577   -11.759 4.738   0.50 27.99 ? 407 HOH A O     1 
HETATM 1491 O  O     . HOH I 6 .   ? 16.026  13.482  -4.790  1.00 34.24 ? 408 HOH A O     1 
HETATM 1492 O  O     . HOH I 6 .   ? 13.214  12.498  1.187   1.00 34.10 ? 409 HOH A O     1 
HETATM 1493 O  O     . HOH I 6 .   ? 11.603  8.871   12.668  1.00 32.40 ? 410 HOH A O     1 
HETATM 1494 O  O     . HOH I 6 .   ? 8.686   15.214  -9.350  1.00 16.17 ? 412 HOH A O     1 
HETATM 1495 O  O     . HOH I 6 .   ? 10.972  7.619   10.440  1.00 25.17 ? 413 HOH A O     1 
HETATM 1496 O  O     . HOH I 6 .   ? -13.489 9.500   1.468   1.00 35.49 ? 416 HOH A O     1 
HETATM 1497 O  O     . HOH I 6 .   ? -6.257  -12.809 0.841   1.00 29.60 ? 417 HOH A O     1 
HETATM 1498 O  O     . HOH I 6 .   ? -15.295 -9.425  -0.369  1.00 29.39 ? 418 HOH A O     1 
HETATM 1499 O  O     . HOH I 6 .   ? 13.400  -14.836 -12.347 1.00 30.75 ? 419 HOH A O     1 
HETATM 1500 O  O     . HOH I 6 .   ? 18.280  -3.629  -13.590 1.00 41.91 ? 421 HOH A O     1 
HETATM 1501 O  O     . HOH I 6 .   ? 3.555   -14.611 3.503   1.00 19.52 ? 422 HOH A O     1 
HETATM 1502 O  O     . HOH I 6 .   ? -17.661 -11.202 -4.621  1.00 33.47 ? 426 HOH A O     1 
HETATM 1503 O  O     . HOH I 6 .   ? 8.879   3.946   15.982  1.00 33.28 ? 429 HOH A O     1 
HETATM 1504 O  O     . HOH I 6 .   ? 5.477   14.155  16.466  1.00 22.28 ? 430 HOH A O     1 
HETATM 1505 O  O     . HOH I 6 .   ? 13.435  0.453   11.120  1.00 31.92 ? 433 HOH A O     1 
HETATM 1506 O  O     . HOH I 6 .   ? -9.724  10.567  11.028  1.00 27.71 ? 434 HOH A O     1 
HETATM 1507 O  O     . HOH I 6 .   ? -11.196 -7.054  10.634  1.00 28.74 ? 435 HOH A O     1 
HETATM 1508 O  O     . HOH I 6 .   ? 11.666  16.214  4.784   1.00 35.78 ? 436 HOH A O     1 
HETATM 1509 O  O     . HOH I 6 .   ? 4.290   -11.563 -11.386 1.00 36.57 ? 439 HOH A O     1 
HETATM 1510 O  O     . HOH I 6 .   ? -4.035  1.230   23.773  0.50 41.67 ? 440 HOH A O     1 
HETATM 1511 O  O     . HOH I 6 .   ? 12.115  2.976   14.575  1.00 29.95 ? 442 HOH A O     1 
HETATM 1512 O  O     . HOH I 6 .   ? -4.875  -11.912 3.337   1.00 32.39 ? 445 HOH A O     1 
HETATM 1513 O  O     . HOH I 6 .   ? -18.072 -5.598  -7.911  1.00 34.94 ? 446 HOH A O     1 
HETATM 1514 O  O     . HOH I 6 .   ? 14.378  -11.149 -14.859 1.00 38.64 ? 447 HOH A O     1 
HETATM 1515 O  O     . HOH I 6 .   ? 2.712   1.088   -14.225 1.00 32.13 ? 454 HOH A O     1 
HETATM 1516 O  O     . HOH I 6 .   ? -14.950 -2.947  8.667   1.00 30.19 ? 458 HOH A O     1 
HETATM 1517 O  O     . HOH I 6 .   ? 7.285   17.552  7.704   1.00 39.05 ? 460 HOH A O     1 
HETATM 1518 O  O     . HOH I 6 .   ? -14.612 3.504   11.515  1.00 29.59 ? 463 HOH A O     1 
HETATM 1519 O  O     . HOH I 6 .   ? -1.492  -19.024 -1.950  1.00 35.51 ? 466 HOH A O     1 
HETATM 1520 O  O     . HOH I 6 .   ? 17.318  -3.936  0.097   1.00 36.43 ? 467 HOH A O     1 
HETATM 1521 O  O     . HOH I 6 .   ? 10.735  1.435   -16.757 1.00 43.61 ? 470 HOH A O     1 
HETATM 1522 O  O     . HOH I 6 .   ? -6.458  -10.875 17.508  1.00 32.77 ? 471 HOH A O     1 
HETATM 1523 O  O     . HOH I 6 .   ? -3.007  -6.005  20.586  1.00 36.40 ? 512 HOH A O     1 
HETATM 1524 O  O     . HOH I 6 .   ? 15.925  -2.065  0.791   1.00 36.54 ? 513 HOH A O     1 
HETATM 1525 O  O     . HOH I 6 .   ? 2.453   4.311   22.167  1.00 34.74 ? 514 HOH A O     1 
HETATM 1526 O  O     . HOH I 6 .   ? -14.552 10.236  -9.161  1.00 38.46 ? 515 HOH A O     1 
HETATM 1527 O  O     . HOH I 6 .   ? -12.366 -13.904 3.097   1.00 34.16 ? 516 HOH A O     1 
HETATM 1528 O  O     . HOH I 6 .   ? 16.867  7.751   -1.897  1.00 34.77 ? 517 HOH A O     1 
HETATM 1529 O  O     . HOH I 6 .   ? -4.951  22.097  -4.532  1.00 38.30 ? 518 HOH A O     1 
HETATM 1530 O  O     . HOH I 6 .   ? 0.089   -10.513 16.267  1.00 32.81 ? 519 HOH A O     1 
HETATM 1531 O  O     . HOH I 6 .   ? 11.499  -3.975  6.570   1.00 31.46 ? 520 HOH A O     1 
HETATM 1532 O  O     . HOH I 6 .   ? 10.528  18.400  9.345   1.00 45.88 ? 521 HOH A O     1 
HETATM 1533 O  O     . HOH I 6 .   ? -9.687  -12.933 5.813   1.00 35.12 ? 522 HOH A O     1 
HETATM 1534 O  O     . HOH I 6 .   ? 14.029  4.500   -7.150  1.00 31.39 ? 523 HOH A O     1 
HETATM 1535 O  O     . HOH I 6 .   ? -10.301 12.935  4.455   1.00 37.35 ? 524 HOH A O     1 
# 
